data_2MDV
#
_entry.id   2MDV
#
_entity_poly.entity_id   1
_entity_poly.type   'polypeptide(L)'
_entity_poly.pdbx_seq_one_letter_code
;RWLCIWLSDQTLEDLEKMARREGLSKSEMINVALQHYK
;
_entity_poly.pdbx_strand_id   A,B
#
# COMPACT_ATOMS: atom_id res chain seq x y z
N ARG A 1 4.65 -7.25 -9.62
CA ARG A 1 5.65 -7.86 -8.68
C ARG A 1 4.99 -8.31 -7.37
N TRP A 2 5.64 -9.26 -6.70
CA TRP A 2 5.16 -9.76 -5.43
C TRP A 2 5.89 -9.03 -4.31
N LEU A 3 5.13 -8.32 -3.49
CA LEU A 3 5.69 -7.53 -2.39
C LEU A 3 5.20 -8.01 -1.03
N CYS A 4 6.14 -8.13 -0.08
CA CYS A 4 5.84 -8.55 1.29
C CYS A 4 6.36 -7.49 2.26
N ILE A 5 5.50 -7.00 3.16
CA ILE A 5 5.91 -5.95 4.11
C ILE A 5 5.10 -5.98 5.41
N TRP A 6 5.38 -5.00 6.29
CA TRP A 6 4.74 -4.92 7.62
C TRP A 6 3.52 -3.98 7.69
N LEU A 7 2.33 -4.55 7.48
CA LEU A 7 1.07 -3.82 7.56
C LEU A 7 0.13 -4.59 8.51
N SER A 8 -0.12 -4.04 9.69
CA SER A 8 -0.93 -4.69 10.71
C SER A 8 -2.44 -4.59 10.46
N ASP A 9 -3.17 -5.14 11.43
CA ASP A 9 -4.64 -5.17 11.40
C ASP A 9 -5.27 -3.86 10.95
N GLN A 10 -4.99 -2.78 11.67
CA GLN A 10 -5.54 -1.47 11.35
C GLN A 10 -5.43 -1.12 9.86
N THR A 11 -4.43 -1.70 9.17
CA THR A 11 -4.20 -1.42 7.78
C THR A 11 -4.74 -2.50 6.84
N LEU A 12 -4.78 -3.74 7.30
CA LEU A 12 -5.29 -4.84 6.50
C LEU A 12 -6.80 -4.69 6.48
N GLU A 13 -7.32 -4.31 7.65
CA GLU A 13 -8.73 -4.02 7.81
C GLU A 13 -9.07 -2.87 6.89
N ASP A 14 -8.13 -1.90 6.85
CA ASP A 14 -8.25 -0.73 6.01
C ASP A 14 -8.51 -1.16 4.57
N LEU A 15 -7.70 -2.12 4.11
CA LEU A 15 -7.81 -2.67 2.76
C LEU A 15 -9.04 -3.55 2.56
N GLU A 16 -9.94 -3.55 3.53
CA GLU A 16 -11.18 -4.31 3.44
C GLU A 16 -12.33 -3.38 3.10
N LYS A 17 -12.43 -2.25 3.82
CA LYS A 17 -13.45 -1.27 3.59
C LYS A 17 -13.19 -0.49 2.30
N MET A 18 -11.92 -0.15 2.06
CA MET A 18 -11.53 0.59 0.86
C MET A 18 -11.69 -0.29 -0.39
N ALA A 19 -10.91 -1.38 -0.46
CA ALA A 19 -10.95 -2.31 -1.58
C ALA A 19 -12.38 -2.69 -1.95
N ARG A 20 -13.18 -3.09 -0.95
CA ARG A 20 -14.57 -3.48 -1.20
C ARG A 20 -15.36 -2.37 -1.85
N ARG A 21 -15.57 -1.31 -1.09
CA ARG A 21 -16.30 -0.14 -1.55
C ARG A 21 -15.73 0.37 -2.88
N GLU A 22 -14.44 0.16 -3.07
CA GLU A 22 -13.74 0.59 -4.29
C GLU A 22 -13.78 -0.48 -5.39
N GLY A 23 -14.26 -1.68 -5.05
CA GLY A 23 -14.28 -2.76 -6.03
C GLY A 23 -12.89 -3.32 -6.28
N LEU A 24 -11.93 -2.86 -5.48
CA LEU A 24 -10.55 -3.28 -5.57
C LEU A 24 -10.29 -4.56 -4.78
N SER A 25 -9.11 -5.12 -4.99
CA SER A 25 -8.65 -6.33 -4.31
C SER A 25 -7.46 -5.98 -3.42
N LYS A 26 -7.09 -6.89 -2.50
CA LYS A 26 -5.96 -6.65 -1.58
C LYS A 26 -4.76 -5.97 -2.26
N SER A 27 -4.45 -6.38 -3.50
CA SER A 27 -3.32 -5.81 -4.24
C SER A 27 -3.72 -4.51 -4.94
N GLU A 28 -4.78 -4.57 -5.76
CA GLU A 28 -5.25 -3.39 -6.48
C GLU A 28 -5.69 -2.29 -5.50
N MET A 29 -5.78 -2.65 -4.21
CA MET A 29 -6.14 -1.74 -3.14
C MET A 29 -4.88 -1.02 -2.71
N ILE A 30 -3.85 -1.83 -2.54
CA ILE A 30 -2.57 -1.42 -2.10
C ILE A 30 -1.78 -0.68 -3.19
N ASN A 31 -1.98 -1.05 -4.44
CA ASN A 31 -1.31 -0.38 -5.57
C ASN A 31 -1.80 1.06 -5.63
N VAL A 32 -3.12 1.15 -5.54
CA VAL A 32 -3.86 2.37 -5.58
C VAL A 32 -3.44 3.30 -4.47
N ALA A 33 -3.35 2.74 -3.28
CA ALA A 33 -2.92 3.51 -2.11
C ALA A 33 -1.67 4.30 -2.39
N LEU A 34 -0.77 3.70 -3.15
CA LEU A 34 0.49 4.33 -3.46
C LEU A 34 0.35 5.39 -4.54
N GLN A 35 -0.62 5.20 -5.45
CA GLN A 35 -0.83 6.14 -6.54
C GLN A 35 -1.61 7.39 -6.10
N HIS A 36 -2.27 7.35 -4.93
CA HIS A 36 -3.01 8.51 -4.43
C HIS A 36 -2.57 8.93 -3.02
N TYR A 37 -1.43 8.41 -2.55
CA TYR A 37 -0.89 8.75 -1.25
C TYR A 37 -0.36 10.20 -1.29
N LYS A 38 -0.64 10.98 -0.23
CA LYS A 38 -0.19 12.37 -0.12
C LYS A 38 -0.91 13.29 -1.12
N ARG B 1 1.86 -6.96 10.51
CA ARG B 1 1.59 -8.27 9.87
C ARG B 1 2.34 -8.42 8.56
N TRP B 2 2.57 -9.67 8.15
CA TRP B 2 3.24 -9.94 6.89
C TRP B 2 2.22 -10.27 5.81
N LEU B 3 2.20 -9.47 4.77
CA LEU B 3 1.26 -9.63 3.66
C LEU B 3 1.97 -9.60 2.31
N CYS B 4 1.62 -10.54 1.43
CA CYS B 4 2.18 -10.60 0.08
C CYS B 4 1.08 -10.40 -0.95
N ILE B 5 1.28 -9.48 -1.90
CA ILE B 5 0.25 -9.20 -2.91
C ILE B 5 0.84 -8.79 -4.26
N TRP B 6 -0.04 -8.54 -5.24
CA TRP B 6 0.40 -8.20 -6.61
C TRP B 6 0.36 -6.70 -6.94
N LEU B 7 1.55 -6.08 -6.94
CA LEU B 7 1.71 -4.68 -7.29
C LEU B 7 2.74 -4.58 -8.38
N SER B 8 2.35 -4.05 -9.56
CA SER B 8 3.28 -3.92 -10.64
C SER B 8 4.08 -2.65 -10.49
N ASP B 9 4.68 -2.21 -11.59
CA ASP B 9 5.52 -1.02 -11.58
C ASP B 9 4.73 0.25 -11.20
N GLN B 10 5.36 1.43 -11.40
CA GLN B 10 4.75 2.71 -11.10
C GLN B 10 3.90 2.69 -9.83
N THR B 11 4.43 2.00 -8.82
CA THR B 11 3.78 1.87 -7.51
C THR B 11 4.59 0.98 -6.58
N LEU B 12 4.94 -0.19 -7.09
CA LEU B 12 5.79 -1.12 -6.36
C LEU B 12 7.19 -0.51 -6.26
N GLU B 13 7.50 0.27 -7.28
CA GLU B 13 8.74 1.01 -7.39
C GLU B 13 8.53 2.39 -6.79
N ASP B 14 7.33 2.94 -7.06
CA ASP B 14 6.91 4.25 -6.57
C ASP B 14 7.27 4.43 -5.10
N LEU B 15 7.36 3.31 -4.37
CA LEU B 15 7.70 3.30 -2.95
C LEU B 15 9.17 3.65 -2.68
N GLU B 16 9.80 4.39 -3.59
CA GLU B 16 11.19 4.80 -3.41
C GLU B 16 11.26 6.25 -2.95
N LYS B 17 10.64 7.15 -3.73
CA LYS B 17 10.60 8.56 -3.39
C LYS B 17 9.61 8.85 -2.26
N MET B 18 8.64 7.95 -2.08
CA MET B 18 7.63 8.09 -1.03
C MET B 18 8.12 7.47 0.28
N ALA B 19 9.08 6.54 0.18
CA ALA B 19 9.64 5.87 1.36
C ALA B 19 11.00 6.46 1.74
N ARG B 20 12.00 6.28 0.87
CA ARG B 20 13.36 6.79 1.12
C ARG B 20 13.37 8.28 1.33
N ARG B 21 13.02 8.99 0.28
CA ARG B 21 12.97 10.44 0.30
C ARG B 21 12.18 10.96 1.50
N GLU B 22 11.14 10.20 1.89
CA GLU B 22 10.29 10.55 3.02
C GLU B 22 10.84 10.04 4.36
N GLY B 23 11.89 9.19 4.31
CA GLY B 23 12.45 8.64 5.53
C GLY B 23 11.73 7.36 5.95
N LEU B 24 10.62 7.06 5.26
CA LEU B 24 9.81 5.89 5.53
C LEU B 24 10.53 4.60 5.07
N SER B 25 9.90 3.48 5.38
CA SER B 25 10.39 2.16 5.00
C SER B 25 9.36 1.45 4.12
N LYS B 26 9.75 0.36 3.46
CA LYS B 26 8.83 -0.38 2.57
C LYS B 26 7.44 -0.59 3.19
N SER B 27 7.39 -0.87 4.51
CA SER B 27 6.13 -1.08 5.21
C SER B 27 5.50 0.24 5.63
N GLU B 28 6.27 1.07 6.33
CA GLU B 28 5.78 2.38 6.77
C GLU B 28 5.46 3.27 5.55
N MET B 29 5.82 2.79 4.36
CA MET B 29 5.56 3.47 3.11
C MET B 29 4.18 3.06 2.64
N ILE B 30 3.98 1.77 2.68
CA ILE B 30 2.79 1.13 2.24
C ILE B 30 1.64 1.27 3.24
N ASN B 31 1.95 1.24 4.53
CA ASN B 31 0.95 1.43 5.59
C ASN B 31 0.38 2.83 5.46
N VAL B 32 1.31 3.75 5.30
CA VAL B 32 1.06 5.15 5.16
C VAL B 32 0.20 5.43 3.95
N ALA B 33 0.54 4.78 2.86
CA ALA B 33 -0.22 4.91 1.62
C ALA B 33 -1.70 4.69 1.88
N LEU B 34 -1.98 3.72 2.74
CA LEU B 34 -3.34 3.37 3.06
C LEU B 34 -3.98 4.43 3.97
N GLN B 35 -3.15 5.09 4.79
CA GLN B 35 -3.63 6.10 5.71
C GLN B 35 -3.93 7.43 5.01
N HIS B 36 -3.38 7.66 3.81
CA HIS B 36 -3.64 8.91 3.08
C HIS B 36 -4.08 8.65 1.62
N TYR B 37 -4.54 7.44 1.33
CA TYR B 37 -5.01 7.09 -0.01
C TYR B 37 -6.36 7.78 -0.29
N LYS B 38 -6.51 8.39 -1.47
CA LYS B 38 -7.75 9.05 -1.85
C LYS B 38 -8.29 8.50 -3.18
N ARG A 1 3.71 -8.56 -10.42
CA ARG A 1 4.84 -8.87 -9.50
C ARG A 1 4.38 -8.86 -8.04
N TRP A 2 4.43 -10.04 -7.39
CA TRP A 2 4.03 -10.18 -6.00
C TRP A 2 5.04 -9.52 -5.07
N LEU A 3 4.65 -9.30 -3.83
CA LEU A 3 5.52 -8.66 -2.85
C LEU A 3 5.00 -8.87 -1.42
N CYS A 4 5.93 -9.07 -0.49
CA CYS A 4 5.58 -9.25 0.93
C CYS A 4 6.30 -8.21 1.79
N ILE A 5 5.58 -7.58 2.72
CA ILE A 5 6.18 -6.55 3.57
C ILE A 5 5.54 -6.48 4.97
N TRP A 6 6.05 -5.57 5.79
CA TRP A 6 5.57 -5.42 7.18
C TRP A 6 4.51 -4.33 7.37
N LEU A 7 3.25 -4.72 7.29
CA LEU A 7 2.12 -3.81 7.50
C LEU A 7 1.26 -4.37 8.61
N SER A 8 1.19 -3.67 9.75
CA SER A 8 0.40 -4.15 10.85
C SER A 8 -1.08 -3.99 10.54
N ASP A 9 -1.89 -4.38 11.48
CA ASP A 9 -3.34 -4.33 11.36
C ASP A 9 -3.87 -2.89 11.13
N GLN A 10 -5.17 -2.68 11.40
CA GLN A 10 -5.82 -1.39 11.27
C GLN A 10 -5.30 -0.57 10.08
N THR A 11 -5.14 -1.26 8.94
CA THR A 11 -4.67 -0.67 7.69
C THR A 11 -4.54 -1.74 6.62
N LEU A 12 -3.86 -2.81 6.97
CA LEU A 12 -3.71 -3.96 6.10
C LEU A 12 -5.05 -4.67 6.02
N GLU A 13 -5.79 -4.55 7.13
CA GLU A 13 -7.13 -5.06 7.27
C GLU A 13 -8.10 -3.98 6.81
N ASP A 14 -7.73 -2.73 7.15
CA ASP A 14 -8.50 -1.55 6.78
C ASP A 14 -8.82 -1.54 5.28
N LEU A 15 -8.09 -2.35 4.51
CA LEU A 15 -8.27 -2.48 3.06
C LEU A 15 -9.59 -3.16 2.67
N GLU A 16 -10.60 -3.07 3.52
CA GLU A 16 -11.90 -3.66 3.24
C GLU A 16 -12.86 -2.61 2.70
N LYS A 17 -13.01 -1.51 3.45
CA LYS A 17 -13.86 -0.40 3.06
C LYS A 17 -13.26 0.37 1.89
N MET A 18 -11.94 0.26 1.71
CA MET A 18 -11.23 0.96 0.64
C MET A 18 -11.15 0.11 -0.64
N ALA A 19 -11.27 -1.22 -0.49
CA ALA A 19 -11.22 -2.14 -1.63
C ALA A 19 -12.62 -2.60 -2.04
N ARG A 20 -13.31 -3.33 -1.16
CA ARG A 20 -14.65 -3.84 -1.44
C ARG A 20 -15.60 -2.75 -1.87
N ARG A 21 -15.91 -1.88 -0.94
CA ARG A 21 -16.80 -0.77 -1.17
C ARG A 21 -16.39 0.03 -2.41
N GLU A 22 -15.09 0.02 -2.72
CA GLU A 22 -14.55 0.71 -3.89
C GLU A 22 -14.53 -0.17 -5.13
N GLY A 23 -14.84 -1.47 -4.99
CA GLY A 23 -14.81 -2.37 -6.12
C GLY A 23 -13.41 -2.92 -6.37
N LEU A 24 -12.43 -2.38 -5.63
CA LEU A 24 -11.04 -2.78 -5.75
C LEU A 24 -10.80 -4.14 -5.10
N SER A 25 -9.58 -4.62 -5.28
CA SER A 25 -9.13 -5.90 -4.71
C SER A 25 -7.98 -5.65 -3.74
N LYS A 26 -7.61 -6.67 -2.96
CA LYS A 26 -6.51 -6.53 -1.98
C LYS A 26 -5.27 -5.85 -2.58
N SER A 27 -4.95 -6.18 -3.83
CA SER A 27 -3.79 -5.60 -4.52
C SER A 27 -4.13 -4.27 -5.15
N GLU A 28 -5.19 -4.24 -5.96
CA GLU A 28 -5.62 -3.00 -6.61
C GLU A 28 -6.04 -1.95 -5.56
N MET A 29 -6.08 -2.37 -4.29
CA MET A 29 -6.40 -1.53 -3.17
C MET A 29 -5.12 -0.87 -2.70
N ILE A 30 -4.14 -1.72 -2.54
CA ILE A 30 -2.84 -1.39 -2.07
C ILE A 30 -1.98 -0.68 -3.13
N ASN A 31 -2.10 -1.10 -4.38
CA ASN A 31 -1.38 -0.46 -5.48
C ASN A 31 -1.87 0.97 -5.63
N VAL A 32 -3.18 1.08 -5.55
CA VAL A 32 -3.91 2.30 -5.65
C VAL A 32 -3.56 3.26 -4.54
N ALA A 33 -3.45 2.71 -3.34
CA ALA A 33 -3.09 3.51 -2.17
C ALA A 33 -1.85 4.33 -2.46
N LEU A 34 -0.94 3.74 -3.24
CA LEU A 34 0.30 4.40 -3.56
C LEU A 34 0.09 5.48 -4.62
N GLN A 35 -0.89 5.27 -5.50
CA GLN A 35 -1.19 6.21 -6.57
C GLN A 35 -1.98 7.43 -6.07
N HIS A 36 -2.59 7.34 -4.88
CA HIS A 36 -3.34 8.47 -4.31
C HIS A 36 -2.87 8.83 -2.89
N TYR A 37 -1.69 8.35 -2.50
CA TYR A 37 -1.11 8.65 -1.18
C TYR A 37 -0.68 10.13 -1.15
N LYS A 38 -0.95 10.82 -0.04
CA LYS A 38 -0.59 12.21 0.15
C LYS A 38 -1.39 13.15 -0.76
N ARG B 1 2.53 -7.47 11.05
CA ARG B 1 1.75 -8.46 10.26
C ARG B 1 2.19 -8.49 8.79
N TRP B 2 2.70 -9.64 8.36
CA TRP B 2 3.15 -9.81 6.99
C TRP B 2 1.95 -9.85 6.05
N LEU B 3 2.20 -9.51 4.79
CA LEU B 3 1.14 -9.48 3.77
C LEU B 3 1.72 -9.57 2.36
N CYS B 4 1.07 -10.34 1.50
CA CYS B 4 1.52 -10.50 0.10
C CYS B 4 0.40 -10.10 -0.86
N ILE B 5 0.76 -9.31 -1.88
CA ILE B 5 -0.24 -8.83 -2.84
C ILE B 5 0.37 -8.49 -4.21
N TRP B 6 -0.48 -7.99 -5.12
CA TRP B 6 -0.05 -7.66 -6.50
C TRP B 6 0.40 -6.20 -6.67
N LEU B 7 1.69 -5.95 -6.42
CA LEU B 7 2.29 -4.62 -6.59
C LEU B 7 3.51 -4.75 -7.48
N SER B 8 3.33 -4.47 -8.77
CA SER B 8 4.39 -4.59 -9.75
C SER B 8 5.52 -3.59 -9.52
N ASP B 9 6.50 -3.69 -10.41
CA ASP B 9 7.69 -2.84 -10.36
C ASP B 9 7.34 -1.36 -10.25
N GLN B 10 6.52 -0.88 -11.18
CA GLN B 10 6.11 0.52 -11.21
C GLN B 10 5.62 1.04 -9.85
N THR B 11 5.10 0.15 -9.00
CA THR B 11 4.58 0.54 -7.70
C THR B 11 5.63 0.50 -6.60
N LEU B 12 6.60 -0.38 -6.75
CA LEU B 12 7.68 -0.50 -5.78
C LEU B 12 8.60 0.66 -6.01
N GLU B 13 8.79 0.96 -7.30
CA GLU B 13 9.57 2.10 -7.72
C GLU B 13 8.90 3.34 -7.15
N ASP B 14 7.56 3.32 -7.21
CA ASP B 14 6.73 4.38 -6.69
C ASP B 14 7.08 4.65 -5.23
N LEU B 15 7.32 3.56 -4.48
CA LEU B 15 7.67 3.64 -3.08
C LEU B 15 9.14 4.04 -2.84
N GLU B 16 9.70 4.83 -3.75
CA GLU B 16 11.07 5.30 -3.61
C GLU B 16 11.09 6.73 -3.07
N LYS B 17 10.49 7.65 -3.81
CA LYS B 17 10.41 9.04 -3.42
C LYS B 17 9.38 9.24 -2.30
N MET B 18 8.43 8.32 -2.20
CA MET B 18 7.39 8.38 -1.18
C MET B 18 7.85 7.76 0.13
N ALA B 19 8.86 6.88 0.04
CA ALA B 19 9.39 6.20 1.22
C ALA B 19 10.64 6.88 1.78
N ARG B 20 11.74 6.83 1.03
CA ARG B 20 13.01 7.42 1.46
C ARG B 20 12.85 8.89 1.80
N ARG B 21 12.49 9.65 0.79
CA ARG B 21 12.28 11.09 0.93
C ARG B 21 11.39 11.38 2.15
N GLU B 22 10.45 10.46 2.39
CA GLU B 22 9.53 10.58 3.53
C GLU B 22 10.20 10.22 4.86
N GLY B 23 11.21 9.34 4.80
CA GLY B 23 11.92 8.92 6.00
C GLY B 23 11.51 7.55 6.49
N LEU B 24 10.41 7.02 5.95
CA LEU B 24 9.90 5.70 6.37
C LEU B 24 10.55 4.55 5.55
N SER B 25 10.05 3.35 5.79
CA SER B 25 10.54 2.13 5.12
C SER B 25 9.53 1.66 4.05
N LYS B 26 9.96 0.74 3.19
CA LYS B 26 9.10 0.20 2.11
C LYS B 26 7.72 -0.25 2.63
N SER B 27 7.69 -0.85 3.83
CA SER B 27 6.44 -1.32 4.42
C SER B 27 5.67 -0.16 5.03
N GLU B 28 6.31 0.56 5.94
CA GLU B 28 5.68 1.73 6.57
C GLU B 28 5.24 2.73 5.49
N MET B 29 5.84 2.59 4.30
CA MET B 29 5.52 3.41 3.13
C MET B 29 4.16 3.01 2.62
N ILE B 30 4.01 1.72 2.53
CA ILE B 30 2.85 1.10 2.02
C ILE B 30 1.67 1.12 3.00
N ASN B 31 1.96 1.07 4.30
CA ASN B 31 0.89 1.18 5.32
C ASN B 31 0.28 2.57 5.24
N VAL B 32 1.19 3.52 5.16
CA VAL B 32 0.90 4.93 5.09
C VAL B 32 0.05 5.25 3.88
N ALA B 33 0.42 4.66 2.76
CA ALA B 33 -0.33 4.85 1.53
C ALA B 33 -1.81 4.58 1.76
N LEU B 34 -2.09 3.66 2.67
CA LEU B 34 -3.45 3.30 2.95
C LEU B 34 -4.14 4.31 3.86
N GLN B 35 -3.36 4.95 4.75
CA GLN B 35 -3.90 5.92 5.68
C GLN B 35 -4.15 7.29 5.03
N HIS B 36 -3.56 7.54 3.85
CA HIS B 36 -3.77 8.81 3.15
C HIS B 36 -4.28 8.59 1.71
N TYR B 37 -4.78 7.39 1.42
CA TYR B 37 -5.33 7.04 0.11
C TYR B 37 -6.66 7.80 -0.09
N LYS B 38 -6.88 8.33 -1.29
CA LYS B 38 -8.11 9.05 -1.61
C LYS B 38 -8.24 10.34 -0.80
N ARG A 1 4.64 -7.58 -8.92
CA ARG A 1 5.67 -8.27 -8.09
C ARG A 1 5.09 -8.77 -6.76
N TRP A 2 5.64 -9.88 -6.27
CA TRP A 2 5.20 -10.44 -5.00
C TRP A 2 6.18 -10.01 -3.91
N LEU A 3 5.75 -9.08 -3.10
CA LEU A 3 6.57 -8.55 -2.02
C LEU A 3 5.86 -8.65 -0.67
N CYS A 4 6.63 -9.02 0.36
CA CYS A 4 6.08 -9.11 1.73
C CYS A 4 6.39 -7.81 2.47
N ILE A 5 5.42 -7.32 3.25
CA ILE A 5 5.60 -6.07 3.98
C ILE A 5 4.77 -6.01 5.28
N TRP A 6 4.98 -4.95 6.06
CA TRP A 6 4.34 -4.76 7.36
C TRP A 6 3.00 -4.01 7.31
N LEU A 7 1.90 -4.77 7.50
CA LEU A 7 0.54 -4.24 7.55
C LEU A 7 -0.18 -4.83 8.75
N SER A 8 -0.55 -3.99 9.71
CA SER A 8 -1.21 -4.48 10.91
C SER A 8 -2.72 -4.50 10.74
N ASP A 9 -3.40 -4.81 11.85
CA ASP A 9 -4.86 -4.90 11.88
C ASP A 9 -5.53 -3.67 11.25
N GLN A 10 -5.22 -2.49 11.79
CA GLN A 10 -5.79 -1.24 11.32
C GLN A 10 -5.66 -1.06 9.81
N THR A 11 -4.64 -1.67 9.19
CA THR A 11 -4.42 -1.55 7.77
C THR A 11 -5.11 -2.63 6.95
N LEU A 12 -5.24 -3.81 7.53
CA LEU A 12 -5.91 -4.91 6.85
C LEU A 12 -7.38 -4.59 6.84
N GLU A 13 -7.82 -4.06 7.97
CA GLU A 13 -9.19 -3.61 8.14
C GLU A 13 -9.44 -2.48 7.14
N ASP A 14 -8.42 -1.62 7.03
CA ASP A 14 -8.44 -0.48 6.12
C ASP A 14 -8.83 -0.93 4.72
N LEU A 15 -8.23 -2.03 4.28
CA LEU A 15 -8.47 -2.59 2.96
C LEU A 15 -9.76 -3.40 2.85
N GLU A 16 -10.73 -3.11 3.72
CA GLU A 16 -12.02 -3.80 3.71
C GLU A 16 -13.08 -2.90 3.09
N LYS A 17 -13.28 -1.72 3.71
CA LYS A 17 -14.25 -0.76 3.23
C LYS A 17 -13.76 -0.04 1.97
N MET A 18 -12.44 0.13 1.86
CA MET A 18 -11.84 0.80 0.70
C MET A 18 -11.87 -0.10 -0.53
N ALA A 19 -11.18 -1.24 -0.44
CA ALA A 19 -11.08 -2.20 -1.54
C ALA A 19 -12.45 -2.58 -2.10
N ARG A 20 -13.40 -2.93 -1.22
CA ARG A 20 -14.74 -3.33 -1.64
C ARG A 20 -15.41 -2.23 -2.43
N ARG A 21 -15.69 -1.14 -1.74
CA ARG A 21 -16.32 0.02 -2.33
C ARG A 21 -15.58 0.44 -3.60
N GLU A 22 -14.27 0.21 -3.61
CA GLU A 22 -13.40 0.54 -4.75
C GLU A 22 -13.57 -0.45 -5.89
N GLY A 23 -13.98 -1.69 -5.58
CA GLY A 23 -14.13 -2.71 -6.61
C GLY A 23 -12.80 -3.35 -6.97
N LEU A 24 -11.78 -3.11 -6.15
CA LEU A 24 -10.44 -3.66 -6.37
C LEU A 24 -10.08 -4.73 -5.33
N SER A 25 -8.90 -5.33 -5.49
CA SER A 25 -8.42 -6.40 -4.60
C SER A 25 -7.37 -5.89 -3.61
N LYS A 26 -7.09 -6.69 -2.56
CA LYS A 26 -6.08 -6.32 -1.53
C LYS A 26 -4.84 -5.65 -2.12
N SER A 27 -4.35 -6.18 -3.26
CA SER A 27 -3.16 -5.62 -3.90
C SER A 27 -3.47 -4.30 -4.58
N GLU A 28 -4.41 -4.32 -5.52
CA GLU A 28 -4.81 -3.12 -6.23
C GLU A 28 -5.29 -2.06 -5.24
N MET A 29 -5.70 -2.51 -4.04
CA MET A 29 -6.14 -1.67 -2.97
C MET A 29 -4.95 -0.93 -2.39
N ILE A 30 -3.95 -1.73 -2.14
CA ILE A 30 -2.74 -1.32 -1.54
C ILE A 30 -1.79 -0.56 -2.49
N ASN A 31 -1.82 -0.89 -3.77
CA ASN A 31 -1.00 -0.22 -4.77
C ASN A 31 -1.49 1.19 -4.98
N VAL A 32 -2.80 1.27 -5.15
CA VAL A 32 -3.53 2.48 -5.37
C VAL A 32 -3.45 3.39 -4.18
N ALA A 33 -3.51 2.78 -3.02
CA ALA A 33 -3.47 3.50 -1.76
C ALA A 33 -2.42 4.59 -1.76
N LEU A 34 -1.17 4.20 -1.94
CA LEU A 34 -0.12 5.17 -1.89
C LEU A 34 -0.05 6.02 -3.15
N GLN A 35 -0.47 5.47 -4.28
CA GLN A 35 -0.47 6.22 -5.53
C GLN A 35 -1.31 7.49 -5.39
N HIS A 36 -2.22 7.51 -4.39
CA HIS A 36 -3.04 8.69 -4.09
C HIS A 36 -2.77 9.14 -2.64
N TYR A 37 -1.58 8.79 -2.14
CA TYR A 37 -1.14 9.13 -0.79
C TYR A 37 -0.38 10.46 -0.83
N LYS A 38 -0.58 11.31 0.19
CA LYS A 38 0.07 12.61 0.30
C LYS A 38 -0.43 13.61 -0.76
N ARG B 1 1.79 -6.94 10.66
CA ARG B 1 1.86 -8.36 10.20
C ARG B 1 2.74 -8.52 8.98
N TRP B 2 3.04 -9.78 8.65
CA TRP B 2 3.85 -10.06 7.47
C TRP B 2 2.98 -10.72 6.41
N LEU B 3 2.74 -9.96 5.36
CA LEU B 3 1.88 -10.40 4.25
C LEU B 3 2.53 -10.07 2.91
N CYS B 4 2.34 -10.97 1.93
CA CYS B 4 2.87 -10.76 0.57
C CYS B 4 1.78 -10.16 -0.31
N ILE B 5 2.13 -9.17 -1.12
CA ILE B 5 1.14 -8.50 -1.97
C ILE B 5 1.63 -8.24 -3.40
N TRP B 6 0.70 -7.81 -4.27
CA TRP B 6 1.00 -7.56 -5.69
C TRP B 6 1.21 -6.07 -6.01
N LEU B 7 2.48 -5.69 -6.25
CA LEU B 7 2.84 -4.32 -6.61
C LEU B 7 3.67 -4.36 -7.88
N SER B 8 3.14 -3.80 -8.97
CA SER B 8 3.82 -3.81 -10.23
C SER B 8 4.85 -2.69 -10.34
N ASP B 9 5.52 -2.70 -11.47
CA ASP B 9 6.57 -1.72 -11.79
C ASP B 9 6.07 -0.28 -11.59
N GLN B 10 4.92 0.02 -12.18
CA GLN B 10 4.33 1.34 -12.11
C GLN B 10 4.36 1.91 -10.69
N THR B 11 4.18 1.06 -9.69
CA THR B 11 4.16 1.52 -8.30
C THR B 11 5.42 1.23 -7.49
N LEU B 12 6.29 0.34 -7.97
CA LEU B 12 7.53 0.09 -7.25
C LEU B 12 8.33 1.38 -7.30
N GLU B 13 8.24 2.01 -8.46
CA GLU B 13 8.86 3.30 -8.69
C GLU B 13 8.18 4.31 -7.77
N ASP B 14 6.85 4.22 -7.72
CA ASP B 14 6.03 5.08 -6.88
C ASP B 14 6.54 5.05 -5.43
N LEU B 15 6.92 3.86 -4.97
CA LEU B 15 7.41 3.67 -3.61
C LEU B 15 8.87 4.13 -3.43
N GLU B 16 9.29 5.11 -4.22
CA GLU B 16 10.66 5.64 -4.13
C GLU B 16 10.66 6.99 -3.43
N LYS B 17 9.97 7.97 -4.00
CA LYS B 17 9.88 9.29 -3.43
C LYS B 17 8.98 9.30 -2.18
N MET B 18 8.11 8.30 -2.08
CA MET B 18 7.19 8.17 -0.95
C MET B 18 7.80 7.35 0.18
N ALA B 19 8.76 6.48 -0.17
CA ALA B 19 9.43 5.63 0.82
C ALA B 19 10.83 6.14 1.13
N ARG B 20 11.73 6.13 0.13
CA ARG B 20 13.10 6.58 0.33
C ARG B 20 13.16 8.04 0.77
N ARG B 21 12.72 8.90 -0.14
CA ARG B 21 12.70 10.34 0.11
C ARG B 21 12.01 10.66 1.44
N GLU B 22 11.00 9.85 1.79
CA GLU B 22 10.25 10.04 3.04
C GLU B 22 10.94 9.37 4.24
N GLY B 23 11.96 8.54 3.97
CA GLY B 23 12.64 7.85 5.05
C GLY B 23 11.96 6.53 5.39
N LEU B 24 10.81 6.28 4.76
CA LEU B 24 10.04 5.07 4.97
C LEU B 24 10.67 3.88 4.27
N SER B 25 10.08 2.72 4.51
CA SER B 25 10.51 1.47 3.90
C SER B 25 9.35 0.89 3.06
N LYS B 26 9.59 -0.20 2.33
CA LYS B 26 8.54 -0.80 1.50
C LYS B 26 7.25 -1.04 2.30
N SER B 27 7.38 -1.26 3.62
CA SER B 27 6.23 -1.50 4.50
C SER B 27 5.59 -0.19 4.94
N GLU B 28 6.36 0.65 5.63
CA GLU B 28 5.86 1.95 6.10
C GLU B 28 5.43 2.85 4.93
N MET B 29 5.74 2.41 3.70
CA MET B 29 5.35 3.10 2.48
C MET B 29 3.96 2.60 2.12
N ILE B 30 3.84 1.30 2.18
CA ILE B 30 2.66 0.59 1.86
C ILE B 30 1.56 0.69 2.93
N ASN B 31 1.96 0.79 4.20
CA ASN B 31 1.00 0.94 5.31
C ASN B 31 0.39 2.33 5.25
N VAL B 32 1.29 3.29 5.15
CA VAL B 32 0.99 4.69 5.07
C VAL B 32 0.03 4.94 3.92
N ALA B 33 0.29 4.24 2.84
CA ALA B 33 -0.52 4.30 1.65
C ALA B 33 -1.99 4.25 1.99
N LEU B 34 -2.33 3.36 2.92
CA LEU B 34 -3.71 3.17 3.30
C LEU B 34 -4.19 4.25 4.26
N GLN B 35 -3.25 4.79 5.06
CA GLN B 35 -3.59 5.81 6.04
C GLN B 35 -3.97 7.16 5.41
N HIS B 36 -3.47 7.46 4.19
CA HIS B 36 -3.82 8.72 3.53
C HIS B 36 -4.23 8.53 2.06
N TYR B 37 -4.64 7.32 1.68
CA TYR B 37 -5.10 7.03 0.32
C TYR B 37 -6.38 7.84 0.03
N LYS B 38 -6.50 8.39 -1.19
CA LYS B 38 -7.66 9.16 -1.59
C LYS B 38 -7.82 10.44 -0.74
N ARG A 1 3.97 -8.17 -9.10
CA ARG A 1 5.19 -8.55 -8.31
C ARG A 1 4.81 -9.06 -6.92
N TRP A 2 5.28 -10.25 -6.57
CA TRP A 2 5.02 -10.81 -5.26
C TRP A 2 6.11 -10.31 -4.31
N LEU A 3 5.70 -9.58 -3.29
CA LEU A 3 6.64 -9.02 -2.32
C LEU A 3 6.21 -9.29 -0.90
N CYS A 4 7.19 -9.42 0.00
CA CYS A 4 6.91 -9.66 1.41
C CYS A 4 7.45 -8.48 2.23
N ILE A 5 6.61 -7.90 3.08
CA ILE A 5 7.01 -6.75 3.89
C ILE A 5 6.19 -6.64 5.18
N TRP A 6 6.58 -5.71 6.06
CA TRP A 6 5.89 -5.53 7.34
C TRP A 6 4.60 -4.70 7.16
N LEU A 7 3.56 -5.37 6.67
CA LEU A 7 2.25 -4.77 6.46
C LEU A 7 1.26 -5.46 7.39
N SER A 8 1.32 -5.09 8.67
CA SER A 8 0.49 -5.69 9.69
C SER A 8 -0.95 -5.17 9.64
N ASP A 9 -1.55 -5.06 10.83
CA ASP A 9 -2.94 -4.61 10.96
C ASP A 9 -3.12 -3.14 10.53
N GLN A 10 -4.16 -2.47 11.07
CA GLN A 10 -4.46 -1.09 10.76
C GLN A 10 -4.14 -0.73 9.32
N THR A 11 -4.52 -1.63 8.40
CA THR A 11 -4.30 -1.45 6.97
C THR A 11 -4.88 -2.60 6.16
N LEU A 12 -4.55 -3.82 6.55
CA LEU A 12 -5.11 -4.99 5.90
C LEU A 12 -6.56 -5.02 6.33
N GLU A 13 -6.75 -4.70 7.60
CA GLU A 13 -8.06 -4.59 8.22
C GLU A 13 -8.64 -3.24 7.84
N ASP A 14 -7.76 -2.23 7.84
CA ASP A 14 -8.12 -0.86 7.47
C ASP A 14 -8.86 -0.86 6.14
N LEU A 15 -8.53 -1.85 5.30
CA LEU A 15 -9.11 -2.03 4.01
C LEU A 15 -10.51 -2.66 4.06
N GLU A 16 -11.27 -2.36 5.12
CA GLU A 16 -12.62 -2.90 5.27
C GLU A 16 -13.63 -2.18 4.38
N LYS A 17 -13.76 -0.86 4.57
CA LYS A 17 -14.71 -0.07 3.81
C LYS A 17 -14.08 0.65 2.60
N MET A 18 -12.86 0.28 2.22
CA MET A 18 -12.20 0.92 1.07
C MET A 18 -12.27 0.03 -0.18
N ALA A 19 -11.41 -1.00 -0.18
CA ALA A 19 -11.22 -2.00 -1.26
C ALA A 19 -12.44 -2.22 -2.12
N ARG A 20 -13.61 -2.11 -1.55
CA ARG A 20 -14.81 -2.30 -2.33
C ARG A 20 -14.96 -1.18 -3.36
N ARG A 21 -16.06 -0.45 -3.33
CA ARG A 21 -16.28 0.63 -4.27
C ARG A 21 -15.12 1.63 -4.27
N GLU A 22 -14.35 1.65 -3.18
CA GLU A 22 -13.24 2.58 -3.02
C GLU A 22 -11.86 1.97 -3.00
N GLY A 23 -11.69 0.66 -3.10
CA GLY A 23 -10.33 0.17 -2.99
C GLY A 23 -9.97 -1.01 -3.85
N LEU A 24 -10.77 -1.36 -4.84
CA LEU A 24 -10.37 -2.45 -5.72
C LEU A 24 -10.01 -3.72 -4.96
N SER A 25 -9.30 -4.59 -5.66
CA SER A 25 -8.84 -5.87 -5.05
C SER A 25 -7.85 -5.60 -3.91
N LYS A 26 -7.54 -6.63 -3.12
CA LYS A 26 -6.60 -6.47 -1.98
C LYS A 26 -5.29 -5.83 -2.43
N SER A 27 -4.75 -6.28 -3.57
CA SER A 27 -3.50 -5.74 -4.10
C SER A 27 -3.74 -4.47 -4.89
N GLU A 28 -4.72 -4.50 -5.79
CA GLU A 28 -5.05 -3.31 -6.59
C GLU A 28 -5.37 -2.15 -5.63
N MET A 29 -5.89 -2.50 -4.46
CA MET A 29 -6.21 -1.55 -3.41
C MET A 29 -4.95 -0.81 -2.99
N ILE A 30 -3.95 -1.61 -2.77
CA ILE A 30 -2.69 -1.19 -2.28
C ILE A 30 -1.79 -0.55 -3.34
N ASN A 31 -1.96 -0.94 -4.61
CA ASN A 31 -1.19 -0.33 -5.72
C ASN A 31 -1.67 1.11 -5.92
N VAL A 32 -2.99 1.20 -5.99
CA VAL A 32 -3.72 2.42 -6.20
C VAL A 32 -3.46 3.42 -5.10
N ALA A 33 -3.50 2.94 -3.87
CA ALA A 33 -3.26 3.78 -2.71
C ALA A 33 -2.03 4.65 -2.91
N LEU A 34 -1.01 4.05 -3.51
CA LEU A 34 0.23 4.73 -3.73
C LEU A 34 0.19 5.65 -4.95
N GLN A 35 -0.64 5.29 -5.93
CA GLN A 35 -0.78 6.08 -7.14
C GLN A 35 -1.54 7.38 -6.88
N HIS A 36 -2.19 7.49 -5.71
CA HIS A 36 -2.91 8.72 -5.34
C HIS A 36 -2.53 9.19 -3.93
N TYR A 37 -1.22 9.20 -3.65
CA TYR A 37 -0.73 9.63 -2.34
C TYR A 37 -1.13 11.08 -2.02
N LYS A 38 -1.67 11.27 -0.81
CA LYS A 38 -2.05 12.58 -0.32
C LYS A 38 -1.50 12.81 1.09
N ARG B 1 3.41 -8.24 11.68
CA ARG B 1 2.64 -9.14 10.79
C ARG B 1 3.05 -8.97 9.32
N TRP B 2 3.79 -9.97 8.80
CA TRP B 2 4.25 -9.98 7.43
C TRP B 2 3.07 -10.14 6.48
N LEU B 3 3.34 -10.03 5.19
CA LEU B 3 2.30 -10.16 4.17
C LEU B 3 2.89 -10.16 2.75
N CYS B 4 2.19 -10.85 1.84
CA CYS B 4 2.60 -10.92 0.43
C CYS B 4 1.42 -10.56 -0.47
N ILE B 5 1.63 -9.65 -1.43
CA ILE B 5 0.54 -9.23 -2.32
C ILE B 5 1.02 -8.94 -3.75
N TRP B 6 0.07 -8.62 -4.65
CA TRP B 6 0.39 -8.39 -6.07
C TRP B 6 0.43 -6.91 -6.49
N LEU B 7 1.64 -6.35 -6.55
CA LEU B 7 1.83 -4.98 -7.02
C LEU B 7 2.85 -5.05 -8.14
N SER B 8 2.54 -4.50 -9.31
CA SER B 8 3.48 -4.55 -10.40
C SER B 8 4.51 -3.46 -10.25
N ASP B 9 5.04 -2.97 -11.35
CA ASP B 9 6.06 -1.92 -11.30
C ASP B 9 5.44 -0.52 -11.27
N GLN B 10 6.28 0.49 -11.57
CA GLN B 10 5.86 1.87 -11.59
C GLN B 10 4.84 2.20 -10.51
N THR B 11 5.05 1.60 -9.33
CA THR B 11 4.17 1.80 -8.18
C THR B 11 4.69 1.06 -6.96
N LEU B 12 4.95 -0.22 -7.11
CA LEU B 12 5.51 -1.03 -6.04
C LEU B 12 6.93 -0.57 -5.76
N GLU B 13 7.57 -0.13 -6.84
CA GLU B 13 8.92 0.41 -6.81
C GLU B 13 8.85 1.94 -6.75
N ASP B 14 7.87 2.47 -7.47
CA ASP B 14 7.62 3.91 -7.59
C ASP B 14 7.41 4.57 -6.22
N LEU B 15 6.78 3.86 -5.29
CA LEU B 15 6.52 4.43 -3.97
C LEU B 15 7.79 4.58 -3.13
N GLU B 16 8.91 4.08 -3.65
CA GLU B 16 10.20 4.16 -2.95
C GLU B 16 10.58 5.62 -2.71
N LYS B 17 10.45 6.44 -3.76
CA LYS B 17 10.74 7.86 -3.66
C LYS B 17 9.90 8.49 -2.54
N MET B 18 8.68 8.00 -2.37
CA MET B 18 7.79 8.48 -1.32
C MET B 18 8.30 8.04 0.04
N ALA B 19 8.42 6.73 0.24
CA ALA B 19 8.89 6.15 1.50
C ALA B 19 9.98 6.99 2.16
N ARG B 20 10.97 7.39 1.37
CA ARG B 20 12.08 8.19 1.90
C ARG B 20 11.62 9.57 2.32
N ARG B 21 11.36 10.41 1.34
CA ARG B 21 10.91 11.77 1.56
C ARG B 21 9.73 11.82 2.53
N GLU B 22 8.93 10.77 2.52
CA GLU B 22 7.74 10.66 3.37
C GLU B 22 8.11 10.26 4.80
N GLY B 23 9.23 9.54 4.98
CA GLY B 23 9.66 9.16 6.31
C GLY B 23 9.18 7.78 6.72
N LEU B 24 9.70 6.75 6.06
CA LEU B 24 9.37 5.36 6.38
C LEU B 24 10.07 4.38 5.43
N SER B 25 9.77 3.10 5.61
CA SER B 25 10.37 2.04 4.78
C SER B 25 9.29 1.32 3.94
N LYS B 26 9.73 0.40 3.09
CA LYS B 26 8.81 -0.37 2.21
C LYS B 26 7.52 -0.79 2.92
N SER B 27 7.64 -1.21 4.19
CA SER B 27 6.50 -1.65 4.99
C SER B 27 5.60 -0.50 5.40
N GLU B 28 6.14 0.41 6.22
CA GLU B 28 5.38 1.57 6.68
C GLU B 28 4.90 2.40 5.49
N MET B 29 5.55 2.20 4.33
CA MET B 29 5.20 2.86 3.09
C MET B 29 3.94 2.23 2.58
N ILE B 30 3.98 0.95 2.59
CA ILE B 30 2.93 0.12 2.14
C ILE B 30 1.68 0.26 3.02
N ASN B 31 1.88 0.67 4.27
CA ASN B 31 0.76 0.91 5.19
C ASN B 31 0.19 2.33 5.00
N VAL B 32 1.07 3.34 4.88
CA VAL B 32 0.64 4.72 4.67
C VAL B 32 -0.29 4.77 3.48
N ALA B 33 0.03 3.90 2.54
CA ALA B 33 -0.70 3.73 1.31
C ALA B 33 -2.19 3.87 1.53
N LEU B 34 -2.68 3.22 2.58
CA LEU B 34 -4.08 3.25 2.87
C LEU B 34 -4.46 4.51 3.64
N GLN B 35 -3.53 5.01 4.48
CA GLN B 35 -3.76 6.20 5.27
C GLN B 35 -3.72 7.49 4.43
N HIS B 36 -3.08 7.46 3.24
CA HIS B 36 -3.04 8.65 2.40
C HIS B 36 -3.97 8.56 1.18
N TYR B 37 -4.25 7.34 0.68
CA TYR B 37 -5.13 7.15 -0.48
C TYR B 37 -6.47 7.89 -0.24
N LYS B 38 -7.09 8.36 -1.33
CA LYS B 38 -8.36 9.06 -1.27
C LYS B 38 -8.22 10.50 -0.75
N ARG A 1 4.34 -7.64 -9.80
CA ARG A 1 5.50 -8.08 -8.98
C ARG A 1 5.08 -8.37 -7.53
N TRP A 2 5.39 -9.58 -7.05
CA TRP A 2 5.03 -9.99 -5.71
C TRP A 2 5.90 -9.24 -4.69
N LEU A 3 5.23 -8.63 -3.71
CA LEU A 3 5.91 -7.85 -2.68
C LEU A 3 5.58 -8.36 -1.28
N CYS A 4 6.60 -8.47 -0.43
CA CYS A 4 6.43 -8.93 0.96
C CYS A 4 7.16 -7.99 1.92
N ILE A 5 6.44 -7.43 2.88
CA ILE A 5 7.02 -6.50 3.85
C ILE A 5 6.28 -6.50 5.18
N TRP A 6 6.69 -5.58 6.08
CA TRP A 6 6.09 -5.51 7.42
C TRP A 6 4.89 -4.56 7.51
N LEU A 7 3.70 -5.13 7.32
CA LEU A 7 2.42 -4.41 7.41
C LEU A 7 1.51 -5.20 8.33
N SER A 8 1.34 -4.75 9.57
CA SER A 8 0.51 -5.45 10.53
C SER A 8 -0.95 -5.43 10.13
N ASP A 9 -1.83 -5.30 11.10
CA ASP A 9 -3.27 -5.29 10.85
C ASP A 9 -3.80 -3.86 10.80
N GLN A 10 -5.06 -3.64 11.23
CA GLN A 10 -5.68 -2.34 11.25
C GLN A 10 -5.21 -1.44 10.10
N THR A 11 -5.17 -2.03 8.90
CA THR A 11 -4.75 -1.31 7.69
C THR A 11 -4.98 -2.14 6.44
N LEU A 12 -4.46 -3.37 6.46
CA LEU A 12 -4.67 -4.29 5.35
C LEU A 12 -6.12 -4.70 5.42
N GLU A 13 -6.54 -4.95 6.66
CA GLU A 13 -7.91 -5.29 6.99
C GLU A 13 -8.73 -4.01 7.05
N ASP A 14 -8.10 -2.96 7.59
CA ASP A 14 -8.69 -1.64 7.73
C ASP A 14 -9.45 -1.25 6.46
N LEU A 15 -9.01 -1.78 5.32
CA LEU A 15 -9.60 -1.51 4.03
C LEU A 15 -11.05 -2.04 3.88
N GLU A 16 -11.65 -2.51 4.97
CA GLU A 16 -13.02 -3.03 4.93
C GLU A 16 -14.00 -2.04 4.31
N LYS A 17 -13.86 -0.77 4.65
CA LYS A 17 -14.75 0.27 4.16
C LYS A 17 -14.32 0.86 2.80
N MET A 18 -13.03 0.79 2.47
CA MET A 18 -12.54 1.37 1.20
C MET A 18 -12.41 0.33 0.08
N ALA A 19 -11.48 -0.62 0.26
CA ALA A 19 -11.16 -1.68 -0.72
C ALA A 19 -12.36 -2.15 -1.53
N ARG A 20 -13.53 -2.14 -0.94
CA ARG A 20 -14.69 -2.57 -1.67
C ARG A 20 -14.98 -1.64 -2.84
N ARG A 21 -16.03 -0.84 -2.75
CA ARG A 21 -16.40 0.08 -3.79
C ARG A 21 -15.27 1.08 -4.11
N GLU A 22 -14.38 1.30 -3.13
CA GLU A 22 -13.30 2.26 -3.27
C GLU A 22 -11.90 1.68 -3.43
N GLY A 23 -11.67 0.43 -3.03
CA GLY A 23 -10.29 -0.04 -3.13
C GLY A 23 -10.08 -1.35 -3.84
N LEU A 24 -11.02 -1.79 -4.68
CA LEU A 24 -10.78 -3.01 -5.44
C LEU A 24 -10.32 -4.18 -4.58
N SER A 25 -9.67 -5.12 -5.24
CA SER A 25 -9.12 -6.30 -4.56
C SER A 25 -8.06 -5.85 -3.55
N LYS A 26 -7.76 -6.70 -2.56
CA LYS A 26 -6.78 -6.36 -1.51
C LYS A 26 -5.51 -5.72 -2.07
N SER A 27 -5.00 -6.24 -3.19
CA SER A 27 -3.79 -5.70 -3.81
C SER A 27 -4.08 -4.47 -4.65
N GLU A 28 -5.18 -4.50 -5.41
CA GLU A 28 -5.55 -3.37 -6.24
C GLU A 28 -5.80 -2.12 -5.39
N MET A 29 -6.23 -2.32 -4.13
CA MET A 29 -6.46 -1.22 -3.21
C MET A 29 -5.14 -0.58 -2.88
N ILE A 30 -4.21 -1.46 -2.68
CA ILE A 30 -2.89 -1.11 -2.28
C ILE A 30 -2.04 -0.54 -3.41
N ASN A 31 -2.21 -1.05 -4.63
CA ASN A 31 -1.50 -0.50 -5.78
C ASN A 31 -1.96 0.94 -5.98
N VAL A 32 -3.28 1.07 -5.93
CA VAL A 32 -4.02 2.28 -6.08
C VAL A 32 -3.60 3.31 -5.04
N ALA A 33 -3.43 2.82 -3.83
CA ALA A 33 -3.02 3.67 -2.72
C ALA A 33 -1.90 4.61 -3.08
N LEU A 34 -0.95 4.08 -3.85
CA LEU A 34 0.20 4.86 -4.21
C LEU A 34 -0.09 5.77 -5.40
N GLN A 35 -1.01 5.36 -6.28
CA GLN A 35 -1.36 6.15 -7.45
C GLN A 35 -2.17 7.39 -7.06
N HIS A 36 -2.74 7.39 -5.85
CA HIS A 36 -3.48 8.56 -5.34
C HIS A 36 -2.79 9.08 -4.08
N TYR A 37 -1.46 9.07 -4.12
CA TYR A 37 -0.63 9.51 -2.99
C TYR A 37 -0.30 11.00 -3.06
N LYS A 38 0.12 11.56 -1.92
CA LYS A 38 0.51 12.96 -1.82
C LYS A 38 1.67 13.14 -0.83
N ARG B 1 3.10 -8.55 10.99
CA ARG B 1 2.33 -9.37 10.02
C ARG B 1 2.82 -9.17 8.58
N TRP B 2 3.45 -10.21 8.03
CA TRP B 2 3.96 -10.18 6.68
C TRP B 2 2.81 -10.29 5.67
N LEU B 3 2.88 -9.50 4.61
CA LEU B 3 1.85 -9.51 3.58
C LEU B 3 2.45 -9.68 2.18
N CYS B 4 1.86 -10.58 1.40
CA CYS B 4 2.30 -10.83 0.02
C CYS B 4 1.13 -10.69 -0.93
N ILE B 5 1.27 -9.81 -1.94
CA ILE B 5 0.19 -9.57 -2.89
C ILE B 5 0.72 -9.07 -4.25
N TRP B 6 -0.18 -8.90 -5.22
CA TRP B 6 0.21 -8.47 -6.57
C TRP B 6 0.24 -6.95 -6.75
N LEU B 7 1.43 -6.38 -6.60
CA LEU B 7 1.66 -4.94 -6.80
C LEU B 7 2.66 -4.77 -7.92
N SER B 8 2.27 -4.12 -9.00
CA SER B 8 3.16 -3.95 -10.10
C SER B 8 4.35 -3.08 -9.73
N ASP B 9 5.34 -3.14 -10.58
CA ASP B 9 6.60 -2.43 -10.40
C ASP B 9 6.43 -0.90 -10.43
N GLN B 10 5.54 -0.43 -11.31
CA GLN B 10 5.29 0.99 -11.48
C GLN B 10 4.48 1.60 -10.31
N THR B 11 4.80 1.14 -9.09
CA THR B 11 4.14 1.62 -7.88
C THR B 11 4.78 1.06 -6.63
N LEU B 12 4.92 -0.25 -6.61
CA LEU B 12 5.59 -0.94 -5.53
C LEU B 12 7.00 -0.39 -5.38
N GLU B 13 7.52 0.07 -6.52
CA GLU B 13 8.83 0.71 -6.61
C GLU B 13 8.68 2.17 -6.25
N ASP B 14 7.56 2.74 -6.72
CA ASP B 14 7.22 4.13 -6.47
C ASP B 14 7.47 4.47 -4.99
N LEU B 15 7.33 3.43 -4.14
CA LEU B 15 7.53 3.53 -2.71
C LEU B 15 9.01 3.52 -2.29
N GLU B 16 9.90 3.96 -3.19
CA GLU B 16 11.33 4.01 -2.89
C GLU B 16 11.79 5.46 -2.78
N LYS B 17 11.48 6.27 -3.80
CA LYS B 17 11.83 7.68 -3.81
C LYS B 17 10.89 8.48 -2.91
N MET B 18 9.63 8.02 -2.82
CA MET B 18 8.63 8.67 -1.99
C MET B 18 8.49 7.95 -0.63
N ALA B 19 9.53 7.20 -0.26
CA ALA B 19 9.56 6.46 1.02
C ALA B 19 10.36 7.18 2.08
N ARG B 20 11.24 8.09 1.70
CA ARG B 20 12.04 8.80 2.68
C ARG B 20 11.16 9.68 3.57
N ARG B 21 11.46 10.96 3.68
CA ARG B 21 10.66 11.86 4.48
C ARG B 21 9.19 11.76 4.08
N GLU B 22 8.96 11.30 2.84
CA GLU B 22 7.62 11.17 2.27
C GLU B 22 7.01 9.79 2.45
N GLY B 23 7.80 8.73 2.64
CA GLY B 23 7.15 7.43 2.74
C GLY B 23 7.64 6.53 3.84
N LEU B 24 8.35 7.07 4.83
CA LEU B 24 8.75 6.24 5.96
C LEU B 24 9.52 4.99 5.55
N SER B 25 9.65 4.11 6.52
CA SER B 25 10.34 2.83 6.30
C SER B 25 9.74 2.10 5.09
N LYS B 26 10.56 1.31 4.37
CA LYS B 26 10.10 0.59 3.18
C LYS B 26 8.71 -0.03 3.40
N SER B 27 8.51 -0.70 4.54
CA SER B 27 7.22 -1.30 4.86
C SER B 27 6.21 -0.23 5.27
N GLU B 28 6.65 0.69 6.12
CA GLU B 28 5.79 1.77 6.59
C GLU B 28 5.19 2.54 5.42
N MET B 29 5.97 2.75 4.35
CA MET B 29 5.50 3.43 3.15
C MET B 29 4.31 2.67 2.61
N ILE B 30 4.50 1.40 2.54
CA ILE B 30 3.55 0.50 2.02
C ILE B 30 2.29 0.41 2.89
N ASN B 31 2.41 0.81 4.16
CA ASN B 31 1.25 0.82 5.06
C ASN B 31 0.45 2.12 4.88
N VAL B 32 1.15 3.27 4.84
CA VAL B 32 0.52 4.55 4.62
C VAL B 32 -0.20 4.53 3.32
N ALA B 33 0.34 3.74 2.42
CA ALA B 33 -0.21 3.53 1.11
C ALA B 33 -1.71 3.46 1.23
N LEU B 34 -2.14 2.57 2.08
CA LEU B 34 -3.51 2.38 2.33
C LEU B 34 -4.10 3.62 3.05
N GLN B 35 -3.39 4.12 4.08
CA GLN B 35 -3.84 5.28 4.86
C GLN B 35 -3.90 6.59 4.04
N HIS B 36 -2.76 7.02 3.47
CA HIS B 36 -2.71 8.27 2.68
C HIS B 36 -3.55 8.20 1.38
N TYR B 37 -3.91 6.98 0.95
CA TYR B 37 -4.72 6.77 -0.26
C TYR B 37 -6.04 7.56 -0.15
N LYS B 38 -6.44 8.21 -1.25
CA LYS B 38 -7.68 8.98 -1.31
C LYS B 38 -7.66 10.17 -0.36
N ARG A 1 4.03 -8.64 -10.63
CA ARG A 1 5.15 -8.76 -9.65
C ARG A 1 4.64 -8.80 -8.20
N TRP A 2 4.86 -9.94 -7.54
CA TRP A 2 4.44 -10.14 -6.16
C TRP A 2 5.43 -9.47 -5.21
N LEU A 3 5.03 -9.32 -3.96
CA LEU A 3 5.86 -8.68 -2.94
C LEU A 3 5.24 -8.84 -1.55
N CYS A 4 6.10 -8.95 -0.53
CA CYS A 4 5.64 -9.07 0.87
C CYS A 4 5.93 -7.77 1.62
N ILE A 5 5.00 -7.35 2.48
CA ILE A 5 5.17 -6.09 3.22
C ILE A 5 4.52 -6.12 4.61
N TRP A 6 4.70 -5.02 5.37
CA TRP A 6 4.20 -4.91 6.75
C TRP A 6 2.90 -4.09 6.87
N LEU A 7 1.78 -4.81 6.98
CA LEU A 7 0.46 -4.21 7.16
C LEU A 7 -0.22 -4.93 8.32
N SER A 8 -0.49 -4.24 9.43
CA SER A 8 -1.09 -4.88 10.57
C SER A 8 -2.61 -4.85 10.52
N ASP A 9 -3.22 -5.16 11.65
CA ASP A 9 -4.68 -5.22 11.79
C ASP A 9 -5.36 -3.95 11.28
N GLN A 10 -4.99 -2.81 11.86
CA GLN A 10 -5.57 -1.53 11.49
C GLN A 10 -5.61 -1.30 9.98
N THR A 11 -4.66 -1.89 9.24
CA THR A 11 -4.61 -1.71 7.81
C THR A 11 -5.30 -2.81 7.02
N LEU A 12 -5.27 -4.04 7.52
CA LEU A 12 -5.94 -5.14 6.83
C LEU A 12 -7.42 -4.88 6.92
N GLU A 13 -7.82 -4.41 8.10
CA GLU A 13 -9.18 -4.03 8.35
C GLU A 13 -9.54 -2.91 7.38
N ASP A 14 -8.60 -1.98 7.25
CA ASP A 14 -8.73 -0.85 6.35
C ASP A 14 -8.96 -1.36 4.93
N LEU A 15 -8.08 -2.27 4.49
CA LEU A 15 -8.15 -2.86 3.18
C LEU A 15 -9.21 -3.96 3.06
N GLU A 16 -10.23 -3.89 3.94
CA GLU A 16 -11.32 -4.85 3.93
C GLU A 16 -12.62 -4.11 3.57
N LYS A 17 -12.91 -3.01 4.30
CA LYS A 17 -14.08 -2.20 4.06
C LYS A 17 -13.78 -1.13 3.01
N MET A 18 -12.53 -0.63 3.00
CA MET A 18 -12.09 0.39 2.07
C MET A 18 -11.50 -0.24 0.79
N ALA A 19 -11.58 -1.57 0.68
CA ALA A 19 -11.08 -2.30 -0.50
C ALA A 19 -12.19 -2.60 -1.50
N ARG A 20 -13.43 -2.48 -1.08
CA ARG A 20 -14.53 -2.76 -1.99
C ARG A 20 -14.58 -1.69 -3.09
N ARG A 21 -15.71 -1.02 -3.26
CA ARG A 21 -15.80 0.03 -4.26
C ARG A 21 -14.67 1.04 -4.08
N GLU A 22 -14.16 1.12 -2.85
CA GLU A 22 -13.09 2.04 -2.48
C GLU A 22 -11.68 1.47 -2.62
N GLY A 23 -11.51 0.15 -2.63
CA GLY A 23 -10.13 -0.32 -2.70
C GLY A 23 -9.88 -1.53 -3.53
N LEU A 24 -10.76 -1.88 -4.45
CA LEU A 24 -10.48 -3.00 -5.33
C LEU A 24 -10.05 -4.27 -4.60
N SER A 25 -9.43 -5.15 -5.34
CA SER A 25 -8.92 -6.41 -4.77
C SER A 25 -7.88 -6.10 -3.68
N LYS A 26 -7.67 -7.03 -2.74
CA LYS A 26 -6.71 -6.82 -1.64
C LYS A 26 -5.41 -6.17 -2.13
N SER A 27 -4.92 -6.58 -3.30
CA SER A 27 -3.70 -6.03 -3.87
C SER A 27 -3.96 -4.70 -4.55
N GLU A 28 -4.98 -4.65 -5.39
CA GLU A 28 -5.32 -3.41 -6.09
C GLU A 28 -5.56 -2.28 -5.09
N MET A 29 -6.03 -2.64 -3.89
CA MET A 29 -6.26 -1.69 -2.81
C MET A 29 -4.94 -1.05 -2.45
N ILE A 30 -3.99 -1.92 -2.23
CA ILE A 30 -2.69 -1.58 -1.82
C ILE A 30 -1.83 -0.92 -2.91
N ASN A 31 -2.02 -1.32 -4.17
CA ASN A 31 -1.30 -0.70 -5.29
C ASN A 31 -1.75 0.74 -5.43
N VAL A 32 -3.07 0.90 -5.42
CA VAL A 32 -3.74 2.16 -5.55
C VAL A 32 -3.34 3.12 -4.44
N ALA A 33 -3.19 2.57 -3.26
CA ALA A 33 -2.78 3.36 -2.10
C ALA A 33 -1.59 4.24 -2.43
N LEU A 34 -0.66 3.67 -3.18
CA LEU A 34 0.55 4.37 -3.54
C LEU A 34 0.33 5.37 -4.67
N GLN A 35 -0.65 5.08 -5.53
CA GLN A 35 -0.94 5.94 -6.67
C GLN A 35 -1.71 7.21 -6.27
N HIS A 36 -2.35 7.20 -5.08
CA HIS A 36 -3.09 8.38 -4.60
C HIS A 36 -2.31 9.09 -3.49
N TYR A 37 -1.67 8.33 -2.60
CA TYR A 37 -0.90 8.89 -1.49
C TYR A 37 -0.01 10.07 -1.94
N LYS A 38 0.28 10.97 -0.99
CA LYS A 38 1.14 12.11 -1.25
C LYS A 38 2.02 12.44 -0.04
N ARG B 1 1.63 -7.21 10.09
CA ARG B 1 1.64 -8.60 9.52
C ARG B 1 2.55 -8.71 8.30
N TRP B 2 2.78 -9.94 7.88
CA TRP B 2 3.58 -10.20 6.70
C TRP B 2 2.68 -10.82 5.64
N LEU B 3 2.35 -10.02 4.65
CA LEU B 3 1.46 -10.44 3.56
C LEU B 3 2.08 -10.20 2.19
N CYS B 4 1.76 -11.09 1.25
CA CYS B 4 2.24 -10.96 -0.12
C CYS B 4 1.10 -10.51 -1.01
N ILE B 5 1.36 -9.57 -1.92
CA ILE B 5 0.32 -9.03 -2.79
C ILE B 5 0.84 -8.61 -4.16
N TRP B 6 -0.05 -8.08 -4.99
CA TRP B 6 0.29 -7.66 -6.37
C TRP B 6 0.71 -6.18 -6.47
N LEU B 7 2.01 -5.94 -6.32
CA LEU B 7 2.60 -4.60 -6.44
C LEU B 7 3.73 -4.68 -7.45
N SER B 8 3.42 -4.34 -8.70
CA SER B 8 4.38 -4.41 -9.77
C SER B 8 5.52 -3.41 -9.59
N ASP B 9 6.44 -3.47 -10.52
CA ASP B 9 7.63 -2.60 -10.52
C ASP B 9 7.24 -1.12 -10.41
N GLN B 10 6.30 -0.71 -11.25
CA GLN B 10 5.84 0.67 -11.28
C GLN B 10 5.42 1.19 -9.90
N THR B 11 5.01 0.30 -9.00
CA THR B 11 4.57 0.69 -7.68
C THR B 11 5.69 0.67 -6.65
N LEU B 12 6.70 -0.15 -6.87
CA LEU B 12 7.83 -0.24 -5.96
C LEU B 12 8.71 0.95 -6.21
N GLU B 13 8.84 1.26 -7.50
CA GLU B 13 9.57 2.43 -7.94
C GLU B 13 8.89 3.64 -7.34
N ASP B 14 7.55 3.58 -7.35
CA ASP B 14 6.70 4.61 -6.79
C ASP B 14 7.07 4.87 -5.33
N LEU B 15 7.38 3.78 -4.61
CA LEU B 15 7.76 3.86 -3.20
C LEU B 15 9.19 4.34 -2.98
N GLU B 16 9.72 5.14 -3.90
CA GLU B 16 11.07 5.68 -3.76
C GLU B 16 11.01 7.11 -3.25
N LYS B 17 10.26 7.95 -3.94
CA LYS B 17 10.09 9.34 -3.56
C LYS B 17 9.11 9.48 -2.39
N MET B 18 8.24 8.48 -2.20
CA MET B 18 7.24 8.49 -1.14
C MET B 18 7.76 7.83 0.14
N ALA B 19 8.75 6.94 0.01
CA ALA B 19 9.34 6.24 1.15
C ALA B 19 10.67 6.87 1.56
N ARG B 20 11.69 6.75 0.69
CA ARG B 20 13.02 7.30 0.96
C ARG B 20 12.97 8.78 1.29
N ARG B 21 12.63 9.57 0.31
CA ARG B 21 12.54 11.01 0.46
C ARG B 21 11.70 11.40 1.68
N GLU B 22 10.72 10.55 2.01
CA GLU B 22 9.83 10.77 3.16
C GLU B 22 10.40 10.18 4.45
N GLY B 23 11.48 9.39 4.35
CA GLY B 23 12.06 8.76 5.52
C GLY B 23 11.35 7.47 5.89
N LEU B 24 10.29 7.15 5.13
CA LEU B 24 9.50 5.95 5.35
C LEU B 24 10.21 4.70 4.83
N SER B 25 9.62 3.56 5.14
CA SER B 25 10.14 2.25 4.71
C SER B 25 9.13 1.60 3.76
N LYS B 26 9.58 0.57 3.02
CA LYS B 26 8.72 -0.13 2.05
C LYS B 26 7.30 -0.39 2.59
N SER B 27 7.20 -0.78 3.87
CA SER B 27 5.92 -1.07 4.50
C SER B 27 5.26 0.19 5.04
N GLU B 28 6.01 0.97 5.83
CA GLU B 28 5.50 2.22 6.38
C GLU B 28 5.18 3.21 5.25
N MET B 29 5.59 2.85 4.02
CA MET B 29 5.37 3.62 2.83
C MET B 29 3.99 3.26 2.29
N ILE B 30 3.78 1.96 2.25
CA ILE B 30 2.60 1.36 1.75
C ILE B 30 1.41 1.46 2.71
N ASN B 31 1.67 1.27 4.00
CA ASN B 31 0.64 1.38 5.03
C ASN B 31 0.08 2.80 5.05
N VAL B 32 1.01 3.73 4.99
CA VAL B 32 0.76 5.14 5.02
C VAL B 32 0.12 5.64 3.73
N ALA B 33 0.46 5.01 2.63
CA ALA B 33 -0.08 5.41 1.35
C ALA B 33 -1.59 5.40 1.39
N LEU B 34 -2.10 4.27 1.82
CA LEU B 34 -3.51 4.06 1.90
C LEU B 34 -4.14 4.85 3.06
N GLN B 35 -3.33 5.15 4.08
CA GLN B 35 -3.82 5.91 5.22
C GLN B 35 -4.16 7.35 4.79
N HIS B 36 -3.60 7.79 3.65
CA HIS B 36 -3.93 9.12 3.09
C HIS B 36 -4.62 8.95 1.72
N TYR B 37 -5.24 7.78 1.52
CA TYR B 37 -5.96 7.46 0.28
C TYR B 37 -7.45 7.76 0.43
N LYS B 38 -8.08 8.24 -0.65
CA LYS B 38 -9.50 8.53 -0.66
C LYS B 38 -9.86 9.72 0.22
N ARG A 1 4.19 -7.32 -9.44
CA ARG A 1 5.11 -8.28 -8.74
C ARG A 1 4.51 -8.77 -7.43
N TRP A 2 5.17 -9.77 -6.84
CA TRP A 2 4.76 -10.31 -5.56
C TRP A 2 5.80 -9.96 -4.50
N LEU A 3 5.41 -9.09 -3.59
CA LEU A 3 6.29 -8.63 -2.52
C LEU A 3 5.64 -8.81 -1.14
N CYS A 4 6.46 -9.14 -0.16
CA CYS A 4 5.99 -9.31 1.23
C CYS A 4 6.52 -8.17 2.09
N ILE A 5 5.67 -7.61 2.95
CA ILE A 5 6.08 -6.48 3.79
C ILE A 5 5.33 -6.44 5.13
N TRP A 6 5.71 -5.48 5.98
CA TRP A 6 5.13 -5.34 7.33
C TRP A 6 3.93 -4.38 7.39
N LEU A 7 2.73 -4.92 7.21
CA LEU A 7 1.48 -4.16 7.30
C LEU A 7 0.59 -4.85 8.33
N SER A 8 0.49 -4.27 9.51
CA SER A 8 -0.30 -4.85 10.58
C SER A 8 -1.80 -4.58 10.40
N ASP A 9 -2.49 -4.27 11.49
CA ASP A 9 -3.91 -4.02 11.46
C ASP A 9 -4.21 -2.59 11.00
N GLN A 10 -5.42 -2.07 11.29
CA GLN A 10 -5.83 -0.73 10.91
C GLN A 10 -5.25 -0.34 9.55
N THR A 11 -5.37 -1.28 8.61
CA THR A 11 -4.87 -1.09 7.25
C THR A 11 -5.28 -2.25 6.35
N LEU A 12 -4.99 -3.47 6.79
CA LEU A 12 -5.42 -4.66 6.07
C LEU A 12 -6.91 -4.78 6.34
N GLU A 13 -7.23 -4.52 7.61
CA GLU A 13 -8.59 -4.51 8.10
C GLU A 13 -9.24 -3.21 7.65
N ASP A 14 -8.44 -2.14 7.71
CA ASP A 14 -8.84 -0.80 7.31
C ASP A 14 -9.60 -0.85 5.97
N LEU A 15 -9.10 -1.72 5.08
CA LEU A 15 -9.66 -1.92 3.76
C LEU A 15 -11.05 -2.58 3.75
N GLU A 16 -11.64 -2.77 4.93
CA GLU A 16 -12.96 -3.40 5.04
C GLU A 16 -14.04 -2.59 4.33
N LYS A 17 -13.97 -1.26 4.46
CA LYS A 17 -14.93 -0.37 3.84
C LYS A 17 -14.38 0.29 2.57
N MET A 18 -13.08 0.15 2.32
CA MET A 18 -12.46 0.75 1.15
C MET A 18 -12.30 -0.26 0.00
N ALA A 19 -11.44 -1.27 0.22
CA ALA A 19 -11.15 -2.32 -0.79
C ALA A 19 -12.35 -2.72 -1.62
N ARG A 20 -13.53 -2.61 -1.06
CA ARG A 20 -14.72 -2.97 -1.80
C ARG A 20 -14.91 -2.02 -2.99
N ARG A 21 -15.91 -1.17 -2.91
CA ARG A 21 -16.18 -0.22 -3.97
C ARG A 21 -14.99 0.73 -4.20
N GLU A 22 -14.17 0.91 -3.16
CA GLU A 22 -13.03 1.83 -3.21
C GLU A 22 -11.67 1.16 -3.33
N GLY A 23 -11.53 -0.16 -3.15
CA GLY A 23 -10.19 -0.70 -3.21
C GLY A 23 -10.01 -2.00 -3.93
N LEU A 24 -10.97 -2.41 -4.76
CA LEU A 24 -10.76 -3.63 -5.54
C LEU A 24 -10.29 -4.80 -4.69
N SER A 25 -9.66 -5.74 -5.37
CA SER A 25 -9.10 -6.91 -4.69
C SER A 25 -8.03 -6.45 -3.69
N LYS A 26 -7.70 -7.31 -2.72
CA LYS A 26 -6.71 -6.96 -1.68
C LYS A 26 -5.43 -6.34 -2.28
N SER A 27 -4.97 -6.87 -3.42
CA SER A 27 -3.77 -6.36 -4.09
C SER A 27 -4.06 -5.08 -4.87
N GLU A 28 -5.15 -5.07 -5.61
CA GLU A 28 -5.53 -3.90 -6.40
C GLU A 28 -5.76 -2.68 -5.52
N MET A 29 -6.24 -2.91 -4.28
CA MET A 29 -6.44 -1.82 -3.34
C MET A 29 -5.10 -1.22 -3.03
N ILE A 30 -4.17 -2.13 -2.93
CA ILE A 30 -2.85 -1.81 -2.59
C ILE A 30 -2.05 -1.17 -3.74
N ASN A 31 -2.54 -1.33 -4.98
CA ASN A 31 -1.89 -0.69 -6.12
C ASN A 31 -2.19 0.79 -6.07
N VAL A 32 -3.47 1.08 -5.95
CA VAL A 32 -3.96 2.41 -5.93
C VAL A 32 -3.51 3.17 -4.70
N ALA A 33 -3.28 2.43 -3.63
CA ALA A 33 -2.79 3.00 -2.37
C ALA A 33 -1.70 4.02 -2.64
N LEU A 34 -0.82 3.68 -3.57
CA LEU A 34 0.29 4.53 -3.90
C LEU A 34 -0.09 5.60 -4.92
N GLN A 35 -1.09 5.30 -5.76
CA GLN A 35 -1.53 6.22 -6.81
C GLN A 35 -2.12 7.53 -6.26
N HIS A 36 -2.78 7.49 -5.09
CA HIS A 36 -3.36 8.71 -4.51
C HIS A 36 -2.45 9.34 -3.44
N TYR A 37 -1.78 8.49 -2.64
CA TYR A 37 -0.92 8.96 -1.57
C TYR A 37 0.01 10.10 -2.02
N LYS A 38 0.20 11.07 -1.13
CA LYS A 38 1.08 12.20 -1.36
C LYS A 38 0.51 13.16 -2.43
N ARG B 1 2.28 -7.31 10.60
CA ARG B 1 1.87 -8.54 9.86
C ARG B 1 2.66 -8.72 8.57
N TRP B 2 2.88 -9.98 8.19
CA TRP B 2 3.58 -10.28 6.95
C TRP B 2 2.56 -10.64 5.89
N LEU B 3 2.48 -9.80 4.87
CA LEU B 3 1.53 -9.98 3.78
C LEU B 3 2.20 -9.80 2.42
N CYS B 4 1.73 -10.57 1.45
CA CYS B 4 2.23 -10.50 0.07
C CYS B 4 1.14 -9.94 -0.82
N ILE B 5 1.49 -9.01 -1.72
CA ILE B 5 0.48 -8.39 -2.59
C ILE B 5 1.03 -8.02 -3.98
N TRP B 6 0.18 -7.40 -4.80
CA TRP B 6 0.57 -7.05 -6.19
C TRP B 6 1.01 -5.59 -6.37
N LEU B 7 2.34 -5.40 -6.38
CA LEU B 7 2.97 -4.11 -6.59
C LEU B 7 4.05 -4.29 -7.66
N SER B 8 3.82 -3.75 -8.86
CA SER B 8 4.77 -3.90 -9.94
C SER B 8 5.76 -2.73 -10.01
N ASP B 9 6.43 -2.64 -11.14
CA ASP B 9 7.45 -1.60 -11.37
C ASP B 9 6.98 -0.21 -10.93
N GLN B 10 5.91 0.28 -11.55
CA GLN B 10 5.38 1.60 -11.25
C GLN B 10 5.13 1.84 -9.75
N THR B 11 4.83 0.76 -9.01
CA THR B 11 4.55 0.87 -7.59
C THR B 11 5.80 0.78 -6.73
N LEU B 12 6.75 -0.04 -7.15
CA LEU B 12 8.00 -0.20 -6.43
C LEU B 12 8.78 1.08 -6.58
N GLU B 13 8.70 1.60 -7.80
CA GLU B 13 9.31 2.88 -8.13
C GLU B 13 8.64 3.95 -7.27
N ASP B 14 7.32 3.81 -7.15
CA ASP B 14 6.50 4.71 -6.36
C ASP B 14 7.04 4.78 -4.94
N LEU B 15 7.30 3.61 -4.35
CA LEU B 15 7.81 3.50 -3.00
C LEU B 15 9.29 3.88 -2.88
N GLU B 16 9.86 4.40 -3.94
CA GLU B 16 11.27 4.82 -3.95
C GLU B 16 11.38 6.32 -3.69
N LYS B 17 10.47 7.10 -4.29
CA LYS B 17 10.46 8.55 -4.12
C LYS B 17 9.73 8.97 -2.84
N MET B 18 8.78 8.14 -2.39
CA MET B 18 8.01 8.45 -1.19
C MET B 18 8.73 7.97 0.08
N ALA B 19 8.92 6.66 0.22
CA ALA B 19 9.59 6.07 1.38
C ALA B 19 10.91 6.78 1.71
N ARG B 20 11.70 7.08 0.67
CA ARG B 20 12.99 7.75 0.86
C ARG B 20 12.81 9.12 1.48
N ARG B 21 12.23 10.02 0.72
CA ARG B 21 11.97 11.37 1.17
C ARG B 21 11.20 11.38 2.50
N GLU B 22 10.38 10.35 2.69
CA GLU B 22 9.58 10.20 3.92
C GLU B 22 10.35 9.47 5.02
N GLY B 23 11.51 8.89 4.70
CA GLY B 23 12.27 8.16 5.69
C GLY B 23 11.58 6.87 6.10
N LEU B 24 10.59 6.48 5.29
CA LEU B 24 9.80 5.27 5.54
C LEU B 24 10.45 4.04 4.93
N SER B 25 9.94 2.89 5.35
CA SER B 25 10.40 1.59 4.85
C SER B 25 9.38 1.04 3.86
N LYS B 26 9.77 0.03 3.06
CA LYS B 26 8.86 -0.56 2.06
C LYS B 26 7.45 -0.79 2.60
N SER B 27 7.33 -1.16 3.88
CA SER B 27 6.03 -1.42 4.49
C SER B 27 5.39 -0.15 5.02
N GLU B 28 6.11 0.56 5.89
CA GLU B 28 5.61 1.82 6.46
C GLU B 28 5.32 2.83 5.33
N MET B 29 5.85 2.54 4.14
CA MET B 29 5.66 3.35 2.97
C MET B 29 4.30 3.02 2.38
N ILE B 30 4.08 1.74 2.28
CA ILE B 30 2.90 1.17 1.72
C ILE B 30 1.69 1.25 2.64
N ASN B 31 1.92 1.14 3.95
CA ASN B 31 0.84 1.23 4.92
C ASN B 31 0.28 2.65 4.94
N VAL B 32 1.20 3.59 4.97
CA VAL B 32 0.92 5.00 5.03
C VAL B 32 0.26 5.50 3.75
N ALA B 33 0.69 4.95 2.64
CA ALA B 33 0.14 5.31 1.34
C ALA B 33 -1.32 4.99 1.29
N LEU B 34 -1.59 3.78 1.73
CA LEU B 34 -2.90 3.26 1.74
C LEU B 34 -3.78 3.97 2.77
N GLN B 35 -3.24 4.23 3.97
CA GLN B 35 -3.99 4.90 5.02
C GLN B 35 -4.38 6.34 4.65
N HIS B 36 -3.69 6.95 3.66
CA HIS B 36 -4.06 8.29 3.20
C HIS B 36 -5.00 8.20 2.00
N TYR B 37 -5.75 7.09 1.94
CA TYR B 37 -6.68 6.81 0.85
C TYR B 37 -8.14 7.07 1.25
N LYS B 38 -8.98 7.32 0.24
CA LYS B 38 -10.39 7.54 0.37
C LYS B 38 -10.72 8.83 1.13
N ARG A 1 3.85 -9.00 -10.16
CA ARG A 1 5.00 -9.05 -9.22
C ARG A 1 4.55 -9.40 -7.79
N TRP A 2 4.83 -10.62 -7.34
CA TRP A 2 4.48 -11.05 -6.00
C TRP A 2 5.48 -10.49 -5.01
N LEU A 3 4.96 -9.77 -4.02
CA LEU A 3 5.79 -9.14 -3.01
C LEU A 3 5.16 -9.29 -1.61
N CYS A 4 6.02 -9.51 -0.61
CA CYS A 4 5.57 -9.64 0.78
C CYS A 4 5.97 -8.39 1.54
N ILE A 5 5.05 -7.86 2.37
CA ILE A 5 5.33 -6.63 3.11
C ILE A 5 4.67 -6.57 4.49
N TRP A 6 4.96 -5.51 5.26
CA TRP A 6 4.44 -5.35 6.62
C TRP A 6 3.21 -4.42 6.70
N LEU A 7 2.05 -5.02 6.97
CA LEU A 7 0.78 -4.31 7.13
C LEU A 7 0.10 -4.80 8.41
N SER A 8 -0.10 -3.92 9.38
CA SER A 8 -0.71 -4.31 10.63
C SER A 8 -2.23 -4.32 10.53
N ASP A 9 -2.83 -4.71 11.64
CA ASP A 9 -4.29 -4.81 11.77
C ASP A 9 -4.97 -3.50 11.39
N GLN A 10 -4.49 -2.41 11.97
CA GLN A 10 -5.05 -1.08 11.73
C GLN A 10 -5.30 -0.82 10.24
N THR A 11 -4.41 -1.34 9.37
CA THR A 11 -4.55 -1.12 7.94
C THR A 11 -5.15 -2.30 7.17
N LEU A 12 -5.19 -3.48 7.76
CA LEU A 12 -5.84 -4.61 7.09
C LEU A 12 -7.31 -4.29 7.10
N GLU A 13 -7.72 -3.73 8.23
CA GLU A 13 -9.07 -3.25 8.43
C GLU A 13 -9.33 -2.16 7.41
N ASP A 14 -8.30 -1.32 7.21
CA ASP A 14 -8.34 -0.24 6.24
C ASP A 14 -8.72 -0.82 4.88
N LEU A 15 -8.03 -1.89 4.50
CA LEU A 15 -8.26 -2.57 3.24
C LEU A 15 -9.47 -3.51 3.27
N GLU A 16 -10.32 -3.36 4.28
CA GLU A 16 -11.52 -4.16 4.42
C GLU A 16 -12.73 -3.36 3.92
N LYS A 17 -12.80 -2.09 4.32
CA LYS A 17 -13.87 -1.20 3.91
C LYS A 17 -13.51 -0.49 2.59
N MET A 18 -12.23 -0.10 2.46
CA MET A 18 -11.76 0.58 1.26
C MET A 18 -11.82 -0.35 0.06
N ALA A 19 -10.91 -1.35 0.08
CA ALA A 19 -10.75 -2.38 -0.99
C ALA A 19 -12.01 -2.67 -1.76
N ARG A 20 -13.15 -2.57 -1.13
CA ARG A 20 -14.39 -2.82 -1.84
C ARG A 20 -14.62 -1.75 -2.91
N ARG A 21 -15.71 -1.01 -2.84
CA ARG A 21 -16.01 0.03 -3.79
C ARG A 21 -14.85 1.03 -3.91
N GLU A 22 -14.02 1.10 -2.86
CA GLU A 22 -12.90 2.05 -2.80
C GLU A 22 -11.52 1.43 -2.92
N GLY A 23 -11.35 0.12 -2.93
CA GLY A 23 -9.99 -0.35 -2.98
C GLY A 23 -9.70 -1.59 -3.78
N LEU A 24 -10.58 -1.98 -4.70
CA LEU A 24 -10.25 -3.12 -5.54
C LEU A 24 -9.86 -4.36 -4.74
N SER A 25 -9.17 -5.25 -5.42
CA SER A 25 -8.68 -6.49 -4.78
C SER A 25 -7.63 -6.14 -3.71
N LYS A 26 -7.40 -7.06 -2.76
CA LYS A 26 -6.42 -6.82 -1.67
C LYS A 26 -5.11 -6.21 -2.22
N SER A 27 -4.66 -6.69 -3.38
CA SER A 27 -3.43 -6.19 -4.00
C SER A 27 -3.66 -4.86 -4.70
N GLU A 28 -4.66 -4.83 -5.58
CA GLU A 28 -4.99 -3.60 -6.30
C GLU A 28 -5.30 -2.48 -5.31
N MET A 29 -5.77 -2.85 -4.11
CA MET A 29 -6.06 -1.93 -3.05
C MET A 29 -4.77 -1.26 -2.61
N ILE A 30 -3.81 -2.13 -2.42
CA ILE A 30 -2.53 -1.79 -1.93
C ILE A 30 -1.63 -1.10 -2.97
N ASN A 31 -1.83 -1.39 -4.26
CA ASN A 31 -1.06 -0.74 -5.32
C ASN A 31 -1.52 0.71 -5.47
N VAL A 32 -2.83 0.83 -5.62
CA VAL A 32 -3.52 2.07 -5.79
C VAL A 32 -3.21 3.03 -4.65
N ALA A 33 -3.14 2.48 -3.47
CA ALA A 33 -2.82 3.26 -2.28
C ALA A 33 -1.56 4.08 -2.52
N LEU A 34 -0.59 3.45 -3.18
CA LEU A 34 0.68 4.09 -3.42
C LEU A 34 0.58 5.14 -4.52
N GLN A 35 -0.24 4.89 -5.53
CA GLN A 35 -0.39 5.84 -6.63
C GLN A 35 -1.22 7.07 -6.21
N HIS A 36 -1.86 7.00 -5.03
CA HIS A 36 -2.62 8.15 -4.52
C HIS A 36 -1.89 8.82 -3.35
N TYR A 37 -1.40 8.00 -2.40
CA TYR A 37 -0.67 8.51 -1.23
C TYR A 37 0.31 9.63 -1.61
N LYS A 38 0.52 10.58 -0.68
CA LYS A 38 1.44 11.67 -0.89
C LYS A 38 2.20 12.01 0.40
N ARG B 1 1.61 -7.50 10.01
CA ARG B 1 1.44 -8.84 9.36
C ARG B 1 2.26 -8.96 8.08
N TRP B 2 2.72 -10.16 7.80
CA TRP B 2 3.48 -10.42 6.59
C TRP B 2 2.53 -10.95 5.53
N LEU B 3 2.22 -10.10 4.58
CA LEU B 3 1.27 -10.43 3.51
C LEU B 3 1.91 -10.31 2.13
N CYS B 4 1.53 -11.23 1.24
CA CYS B 4 2.02 -11.22 -0.15
C CYS B 4 0.87 -10.79 -1.06
N ILE B 5 1.16 -9.93 -2.04
CA ILE B 5 0.12 -9.44 -2.94
C ILE B 5 0.67 -9.07 -4.32
N TRP B 6 -0.26 -8.86 -5.26
CA TRP B 6 0.09 -8.52 -6.65
C TRP B 6 0.36 -7.02 -6.82
N LEU B 7 1.64 -6.65 -6.72
CA LEU B 7 2.07 -5.28 -6.90
C LEU B 7 3.23 -5.24 -7.90
N SER B 8 2.90 -4.90 -9.14
CA SER B 8 3.89 -4.85 -10.20
C SER B 8 4.83 -3.66 -10.04
N ASP B 9 5.11 -2.96 -11.13
CA ASP B 9 6.01 -1.81 -11.10
C ASP B 9 5.24 -0.51 -10.84
N GLN B 10 5.76 0.63 -11.34
CA GLN B 10 5.14 1.93 -11.20
C GLN B 10 4.40 2.09 -9.87
N THR B 11 5.05 1.62 -8.80
CA THR B 11 4.49 1.71 -7.44
C THR B 11 5.48 1.26 -6.37
N LEU B 12 6.17 0.16 -6.60
CA LEU B 12 7.20 -0.30 -5.69
C LEU B 12 8.40 0.58 -5.95
N GLU B 13 8.63 0.81 -7.24
CA GLU B 13 9.68 1.68 -7.71
C GLU B 13 9.24 3.13 -7.53
N ASP B 14 7.95 3.35 -7.84
CA ASP B 14 7.31 4.66 -7.72
C ASP B 14 7.50 5.24 -6.31
N LEU B 15 7.85 4.37 -5.35
CA LEU B 15 8.05 4.75 -3.97
C LEU B 15 9.33 5.57 -3.74
N GLU B 16 9.86 6.21 -4.79
CA GLU B 16 11.06 7.02 -4.67
C GLU B 16 10.83 8.23 -3.75
N LYS B 17 9.83 9.04 -4.10
CA LYS B 17 9.51 10.23 -3.32
C LYS B 17 8.45 9.97 -2.24
N MET B 18 7.94 8.74 -2.17
CA MET B 18 6.91 8.39 -1.18
C MET B 18 7.48 7.74 0.07
N ALA B 19 8.57 6.97 -0.08
CA ALA B 19 9.16 6.29 1.08
C ALA B 19 10.37 7.03 1.64
N ARG B 20 11.49 6.98 0.91
CA ARG B 20 12.72 7.64 1.34
C ARG B 20 12.51 9.12 1.58
N ARG B 21 12.14 9.78 0.51
CA ARG B 21 11.87 11.21 0.51
C ARG B 21 10.93 11.59 1.66
N GLU B 22 10.08 10.66 2.06
CA GLU B 22 9.12 10.88 3.14
C GLU B 22 9.75 10.56 4.51
N GLY B 23 10.68 9.60 4.56
CA GLY B 23 11.36 9.27 5.81
C GLY B 23 10.98 7.91 6.38
N LEU B 24 9.99 7.24 5.78
CA LEU B 24 9.54 5.93 6.28
C LEU B 24 10.22 4.76 5.55
N SER B 25 9.76 3.55 5.87
CA SER B 25 10.30 2.31 5.29
C SER B 25 9.34 1.75 4.22
N LYS B 26 9.85 0.81 3.39
CA LYS B 26 9.06 0.21 2.31
C LYS B 26 7.65 -0.23 2.78
N SER B 27 7.56 -0.80 3.98
CA SER B 27 6.28 -1.25 4.52
C SER B 27 5.47 -0.11 5.12
N GLU B 28 6.10 0.66 5.99
CA GLU B 28 5.44 1.79 6.62
C GLU B 28 4.94 2.78 5.57
N MET B 29 5.52 2.72 4.36
CA MET B 29 5.09 3.58 3.26
C MET B 29 3.76 3.11 2.77
N ILE B 30 3.67 1.80 2.74
CA ILE B 30 2.54 1.13 2.23
C ILE B 30 1.36 1.11 3.20
N ASN B 31 1.63 0.96 4.50
CA ASN B 31 0.56 1.03 5.49
C ASN B 31 -0.08 2.41 5.40
N VAL B 32 0.82 3.38 5.31
CA VAL B 32 0.54 4.78 5.22
C VAL B 32 -0.30 5.12 4.01
N ALA B 33 0.08 4.54 2.88
CA ALA B 33 -0.64 4.76 1.65
C ALA B 33 -2.12 4.51 1.81
N LEU B 34 -2.46 3.56 2.66
CA LEU B 34 -3.83 3.20 2.87
C LEU B 34 -4.54 4.23 3.74
N GLN B 35 -3.80 4.83 4.69
CA GLN B 35 -4.37 5.82 5.58
C GLN B 35 -4.50 7.21 4.93
N HIS B 36 -3.79 7.44 3.81
CA HIS B 36 -3.92 8.73 3.09
C HIS B 36 -4.33 8.53 1.63
N TYR B 37 -4.92 7.36 1.34
CA TYR B 37 -5.39 7.03 -0.01
C TYR B 37 -6.71 7.74 -0.29
N LYS B 38 -6.81 8.41 -1.46
CA LYS B 38 -8.02 9.11 -1.86
C LYS B 38 -8.34 10.28 -0.92
N ARG A 1 5.35 -7.35 -9.64
CA ARG A 1 6.21 -8.16 -8.72
C ARG A 1 5.49 -8.56 -7.46
N TRP A 2 5.97 -9.62 -6.84
CA TRP A 2 5.42 -10.11 -5.59
C TRP A 2 6.17 -9.48 -4.43
N LEU A 3 5.45 -8.75 -3.59
CA LEU A 3 6.05 -8.03 -2.47
C LEU A 3 5.56 -8.54 -1.11
N CYS A 4 6.48 -8.58 -0.15
CA CYS A 4 6.18 -8.99 1.22
C CYS A 4 6.74 -7.96 2.19
N ILE A 5 5.89 -7.43 3.08
CA ILE A 5 6.33 -6.39 4.02
C ILE A 5 5.52 -6.40 5.33
N TRP A 6 5.85 -5.47 6.24
CA TRP A 6 5.19 -5.39 7.56
C TRP A 6 4.01 -4.41 7.62
N LEU A 7 2.80 -4.97 7.49
CA LEU A 7 1.55 -4.21 7.58
C LEU A 7 0.67 -4.86 8.65
N SER A 8 0.47 -4.17 9.77
CA SER A 8 -0.31 -4.70 10.88
C SER A 8 -1.82 -4.66 10.64
N ASP A 9 -2.58 -4.04 11.54
CA ASP A 9 -4.03 -3.99 11.44
C ASP A 9 -4.53 -2.70 10.80
N GLN A 10 -3.98 -1.56 11.23
CA GLN A 10 -4.37 -0.25 10.73
C GLN A 10 -3.97 -0.04 9.27
N THR A 11 -4.23 -1.05 8.45
CA THR A 11 -3.90 -1.00 7.03
C THR A 11 -4.49 -2.16 6.22
N LEU A 12 -4.43 -3.38 6.75
CA LEU A 12 -5.03 -4.52 6.07
C LEU A 12 -6.53 -4.36 6.21
N GLU A 13 -6.90 -3.92 7.41
CA GLU A 13 -8.27 -3.62 7.74
C GLU A 13 -8.66 -2.38 6.95
N ASP A 14 -7.70 -1.47 6.86
CA ASP A 14 -7.86 -0.23 6.11
C ASP A 14 -8.42 -0.56 4.72
N LEU A 15 -7.93 -1.67 4.16
CA LEU A 15 -8.35 -2.16 2.85
C LEU A 15 -9.63 -2.99 2.91
N GLU A 16 -10.53 -2.65 3.83
CA GLU A 16 -11.81 -3.36 3.96
C GLU A 16 -12.94 -2.48 3.45
N LYS A 17 -13.07 -1.29 4.03
CA LYS A 17 -14.09 -0.34 3.64
C LYS A 17 -13.70 0.34 2.32
N MET A 18 -12.39 0.54 2.11
CA MET A 18 -11.89 1.17 0.89
C MET A 18 -11.97 0.21 -0.30
N ALA A 19 -11.14 -0.85 -0.23
CA ALA A 19 -11.02 -1.90 -1.28
C ALA A 19 -12.28 -2.12 -2.07
N ARG A 20 -13.42 -1.93 -1.47
CA ARG A 20 -14.66 -2.12 -2.20
C ARG A 20 -14.80 -1.05 -3.28
N ARG A 21 -15.83 -0.22 -3.21
CA ARG A 21 -16.03 0.82 -4.19
C ARG A 21 -14.82 1.74 -4.31
N GLU A 22 -13.99 1.76 -3.26
CA GLU A 22 -12.81 2.64 -3.20
C GLU A 22 -11.48 1.93 -3.30
N GLY A 23 -11.40 0.60 -3.31
CA GLY A 23 -10.08 0.03 -3.34
C GLY A 23 -9.89 -1.23 -4.13
N LEU A 24 -10.80 -1.59 -5.02
CA LEU A 24 -10.56 -2.77 -5.84
C LEU A 24 -10.23 -4.02 -5.03
N SER A 25 -9.65 -4.99 -5.73
CA SER A 25 -9.23 -6.25 -5.11
C SER A 25 -8.20 -5.98 -4.01
N LYS A 26 -7.90 -6.97 -3.16
CA LYS A 26 -6.92 -6.75 -2.08
C LYS A 26 -5.57 -6.32 -2.62
N SER A 27 -5.12 -6.94 -3.72
CA SER A 27 -3.85 -6.59 -4.36
C SER A 27 -3.99 -5.28 -5.11
N GLU A 28 -5.07 -5.15 -5.89
CA GLU A 28 -5.34 -3.94 -6.64
C GLU A 28 -5.49 -2.75 -5.69
N MET A 29 -6.07 -3.01 -4.50
CA MET A 29 -6.24 -2.01 -3.47
C MET A 29 -4.88 -1.53 -3.04
N ILE A 30 -4.07 -2.50 -2.79
CA ILE A 30 -2.76 -2.30 -2.32
C ILE A 30 -1.84 -1.64 -3.36
N ASN A 31 -2.29 -1.64 -4.61
CA ASN A 31 -1.55 -0.97 -5.69
C ASN A 31 -1.87 0.53 -5.72
N VAL A 32 -3.17 0.86 -5.63
CA VAL A 32 -3.65 2.23 -5.59
C VAL A 32 -3.07 2.91 -4.39
N ALA A 33 -2.94 2.13 -3.34
CA ALA A 33 -2.37 2.58 -2.09
C ALA A 33 -1.25 3.56 -2.32
N LEU A 34 -0.37 3.19 -3.25
CA LEU A 34 0.76 4.00 -3.55
C LEU A 34 0.46 5.05 -4.62
N GLN A 35 -0.49 4.75 -5.52
CA GLN A 35 -0.87 5.66 -6.59
C GLN A 35 -1.91 6.71 -6.14
N HIS A 36 -2.57 6.49 -4.99
CA HIS A 36 -3.58 7.42 -4.49
C HIS A 36 -3.18 8.10 -3.15
N TYR A 37 -2.04 7.71 -2.58
CA TYR A 37 -1.53 8.30 -1.32
C TYR A 37 -1.09 9.76 -1.58
N LYS A 38 -1.05 10.57 -0.52
CA LYS A 38 -0.67 11.98 -0.57
C LYS A 38 -1.48 12.79 -1.60
N ARG B 1 2.01 -7.62 10.33
CA ARG B 1 1.56 -8.83 9.59
C ARG B 1 2.28 -8.96 8.26
N TRP B 2 2.88 -10.13 8.00
CA TRP B 2 3.57 -10.37 6.75
C TRP B 2 2.55 -10.74 5.68
N LEU B 3 2.51 -9.95 4.61
CA LEU B 3 1.56 -10.18 3.52
C LEU B 3 2.27 -10.17 2.16
N CYS B 4 1.84 -11.07 1.28
CA CYS B 4 2.39 -11.15 -0.08
C CYS B 4 1.30 -10.85 -1.09
N ILE B 5 1.57 -9.95 -2.03
CA ILE B 5 0.56 -9.57 -3.03
C ILE B 5 1.19 -9.00 -4.30
N TRP B 6 0.34 -8.73 -5.30
CA TRP B 6 0.80 -8.24 -6.63
C TRP B 6 0.83 -6.71 -6.76
N LEU B 7 2.05 -6.18 -6.96
CA LEU B 7 2.29 -4.75 -7.17
C LEU B 7 3.15 -4.59 -8.42
N SER B 8 2.72 -3.76 -9.36
CA SER B 8 3.48 -3.58 -10.57
C SER B 8 4.60 -2.58 -10.35
N ASP B 9 5.32 -2.35 -11.42
CA ASP B 9 6.48 -1.46 -11.41
C ASP B 9 6.14 -0.03 -10.95
N GLN B 10 5.04 0.52 -11.47
CA GLN B 10 4.61 1.87 -11.14
C GLN B 10 3.97 1.95 -9.75
N THR B 11 4.57 1.25 -8.80
CA THR B 11 4.10 1.20 -7.42
C THR B 11 5.07 0.43 -6.52
N LEU B 12 5.38 -0.77 -6.95
CA LEU B 12 6.32 -1.63 -6.24
C LEU B 12 7.69 -0.95 -6.20
N GLU B 13 7.92 -0.16 -7.23
CA GLU B 13 9.13 0.64 -7.39
C GLU B 13 8.86 2.07 -6.96
N ASP B 14 7.63 2.53 -7.27
CA ASP B 14 7.17 3.87 -6.95
C ASP B 14 7.59 4.28 -5.54
N LEU B 15 7.64 3.28 -4.64
CA LEU B 15 8.01 3.50 -3.25
C LEU B 15 9.47 3.90 -3.03
N GLU B 16 10.17 4.27 -4.09
CA GLU B 16 11.56 4.70 -3.98
C GLU B 16 11.61 6.11 -3.39
N LYS B 17 10.87 7.03 -4.01
CA LYS B 17 10.80 8.41 -3.57
C LYS B 17 9.62 8.64 -2.62
N MET B 18 8.72 7.65 -2.50
CA MET B 18 7.56 7.75 -1.61
C MET B 18 7.90 7.29 -0.21
N ALA B 19 8.96 6.50 -0.10
CA ALA B 19 9.38 5.98 1.20
C ALA B 19 10.51 6.83 1.80
N ARG B 20 11.69 6.79 1.19
CA ARG B 20 12.84 7.53 1.69
C ARG B 20 12.58 9.04 1.76
N ARG B 21 12.48 9.64 0.58
CA ARG B 21 12.22 11.06 0.46
C ARG B 21 11.07 11.52 1.35
N GLU B 22 10.09 10.64 1.53
CA GLU B 22 8.91 10.93 2.35
C GLU B 22 9.18 10.72 3.84
N GLY B 23 10.13 9.85 4.18
CA GLY B 23 10.45 9.60 5.57
C GLY B 23 9.80 8.35 6.13
N LEU B 24 10.18 7.20 5.59
CA LEU B 24 9.67 5.90 6.06
C LEU B 24 10.26 4.73 5.27
N SER B 25 9.85 3.53 5.65
CA SER B 25 10.33 2.27 5.03
C SER B 25 9.27 1.66 4.12
N LYS B 26 9.67 0.64 3.32
CA LYS B 26 8.76 -0.03 2.38
C LYS B 26 7.40 -0.38 3.02
N SER B 27 7.41 -0.86 4.27
CA SER B 27 6.18 -1.23 4.96
C SER B 27 5.46 0.01 5.49
N GLU B 28 6.18 0.86 6.19
CA GLU B 28 5.60 2.10 6.72
C GLU B 28 5.21 3.04 5.56
N MET B 29 5.65 2.68 4.34
CA MET B 29 5.34 3.43 3.13
C MET B 29 3.99 2.95 2.63
N ILE B 30 3.89 1.64 2.59
CA ILE B 30 2.75 0.93 2.12
C ILE B 30 1.57 0.97 3.11
N ASN B 31 1.88 0.95 4.41
CA ASN B 31 0.86 1.03 5.45
C ASN B 31 0.19 2.40 5.39
N VAL B 32 1.07 3.40 5.33
CA VAL B 32 0.74 4.80 5.26
C VAL B 32 -0.12 5.12 4.07
N ALA B 33 0.25 4.55 2.95
CA ALA B 33 -0.46 4.75 1.70
C ALA B 33 -1.96 4.59 1.88
N LEU B 34 -2.36 3.72 2.80
CA LEU B 34 -3.75 3.44 3.01
C LEU B 34 -4.41 4.33 4.07
N GLN B 35 -3.64 4.75 5.08
CA GLN B 35 -4.18 5.57 6.15
C GLN B 35 -4.48 7.02 5.71
N HIS B 36 -3.94 7.44 4.56
CA HIS B 36 -4.23 8.80 4.06
C HIS B 36 -5.08 8.75 2.79
N TYR B 37 -5.77 7.63 2.57
CA TYR B 37 -6.61 7.47 1.39
C TYR B 37 -8.09 7.34 1.76
N LYS B 38 -8.95 7.50 0.75
CA LYS B 38 -10.40 7.38 0.89
C LYS B 38 -11.02 8.57 1.62
N ARG A 1 3.99 -8.48 -9.74
CA ARG A 1 5.09 -8.79 -8.79
C ARG A 1 4.58 -9.03 -7.38
N TRP A 2 4.75 -10.25 -6.88
CA TRP A 2 4.32 -10.60 -5.53
C TRP A 2 5.28 -9.99 -4.52
N LEU A 3 4.72 -9.25 -3.58
CA LEU A 3 5.51 -8.57 -2.56
C LEU A 3 5.04 -8.93 -1.15
N CYS A 4 6.02 -9.16 -0.26
CA CYS A 4 5.73 -9.48 1.14
C CYS A 4 6.28 -8.36 2.02
N ILE A 5 5.41 -7.74 2.81
CA ILE A 5 5.82 -6.62 3.66
C ILE A 5 5.05 -6.56 4.99
N TRP A 6 5.42 -5.61 5.85
CA TRP A 6 4.81 -5.49 7.20
C TRP A 6 3.64 -4.50 7.25
N LEU A 7 2.42 -5.07 7.24
CA LEU A 7 1.17 -4.30 7.34
C LEU A 7 0.33 -4.94 8.44
N SER A 8 0.14 -4.24 9.56
CA SER A 8 -0.60 -4.77 10.68
C SER A 8 -2.10 -4.60 10.50
N ASP A 9 -2.81 -5.02 11.54
CA ASP A 9 -4.27 -4.96 11.59
C ASP A 9 -4.82 -3.59 11.21
N GLN A 10 -4.24 -2.54 11.80
CA GLN A 10 -4.67 -1.17 11.54
C GLN A 10 -4.82 -0.89 10.05
N THR A 11 -4.01 -1.56 9.21
CA THR A 11 -4.07 -1.33 7.78
C THR A 11 -4.64 -2.49 6.94
N LEU A 12 -4.74 -3.69 7.51
CA LEU A 12 -5.35 -4.79 6.79
C LEU A 12 -6.84 -4.51 6.78
N GLU A 13 -7.30 -4.05 7.94
CA GLU A 13 -8.67 -3.63 8.12
C GLU A 13 -8.94 -2.44 7.21
N ASP A 14 -7.92 -1.58 7.11
CA ASP A 14 -7.95 -0.40 6.27
C ASP A 14 -8.37 -0.81 4.85
N LEU A 15 -7.75 -1.89 4.36
CA LEU A 15 -8.03 -2.40 3.03
C LEU A 15 -9.35 -3.18 2.93
N GLU A 16 -10.20 -3.05 3.95
CA GLU A 16 -11.49 -3.73 3.96
C GLU A 16 -12.58 -2.76 3.53
N LYS A 17 -12.62 -1.59 4.19
CA LYS A 17 -13.58 -0.56 3.87
C LYS A 17 -13.23 0.14 2.55
N MET A 18 -11.95 0.14 2.19
CA MET A 18 -11.49 0.77 0.95
C MET A 18 -11.72 -0.16 -0.26
N ALA A 19 -10.88 -1.18 -0.37
CA ALA A 19 -10.96 -2.15 -1.48
C ALA A 19 -12.40 -2.55 -1.79
N ARG A 20 -13.20 -2.80 -0.76
CA ARG A 20 -14.60 -3.20 -0.94
C ARG A 20 -15.41 -2.12 -1.62
N ARG A 21 -15.64 -1.05 -0.88
CA ARG A 21 -16.41 0.08 -1.38
C ARG A 21 -15.87 0.56 -2.73
N GLU A 22 -14.55 0.45 -2.89
CA GLU A 22 -13.86 0.84 -4.12
C GLU A 22 -13.91 -0.25 -5.20
N GLY A 23 -14.34 -1.46 -4.82
CA GLY A 23 -14.38 -2.56 -5.78
C GLY A 23 -12.99 -3.09 -6.08
N LEU A 24 -12.00 -2.58 -5.34
CA LEU A 24 -10.61 -2.97 -5.49
C LEU A 24 -10.32 -4.27 -4.75
N SER A 25 -9.16 -4.84 -5.04
CA SER A 25 -8.68 -6.04 -4.39
C SER A 25 -7.52 -5.69 -3.45
N LYS A 26 -7.15 -6.60 -2.55
CA LYS A 26 -6.06 -6.34 -1.59
C LYS A 26 -4.83 -5.74 -2.29
N SER A 27 -4.60 -6.11 -3.55
CA SER A 27 -3.46 -5.61 -4.31
C SER A 27 -3.78 -4.27 -4.95
N GLU A 28 -4.81 -4.24 -5.79
CA GLU A 28 -5.23 -3.00 -6.47
C GLU A 28 -5.61 -1.92 -5.45
N MET A 29 -5.77 -2.34 -4.18
CA MET A 29 -6.09 -1.46 -3.08
C MET A 29 -4.79 -0.82 -2.62
N ILE A 30 -3.82 -1.69 -2.46
CA ILE A 30 -2.53 -1.37 -1.99
C ILE A 30 -1.64 -0.67 -3.03
N ASN A 31 -1.83 -0.98 -4.31
CA ASN A 31 -1.07 -0.34 -5.38
C ASN A 31 -1.51 1.11 -5.51
N VAL A 32 -2.82 1.26 -5.55
CA VAL A 32 -3.50 2.52 -5.68
C VAL A 32 -3.16 3.43 -4.54
N ALA A 33 -3.13 2.86 -3.36
CA ALA A 33 -2.80 3.60 -2.15
C ALA A 33 -1.60 4.49 -2.38
N LEU A 34 -0.59 3.95 -3.08
CA LEU A 34 0.62 4.69 -3.31
C LEU A 34 0.43 5.77 -4.37
N GLN A 35 -0.43 5.51 -5.35
CA GLN A 35 -0.67 6.46 -6.41
C GLN A 35 -1.47 7.68 -5.93
N HIS A 36 -2.09 7.58 -4.74
CA HIS A 36 -2.84 8.71 -4.19
C HIS A 36 -2.59 8.91 -2.67
N TYR A 37 -1.39 8.55 -2.21
CA TYR A 37 -1.01 8.71 -0.80
C TYR A 37 -0.65 10.19 -0.51
N LYS A 38 -1.17 10.73 0.59
CA LYS A 38 -0.89 12.10 0.99
C LYS A 38 -0.19 12.15 2.35
N ARG B 1 1.70 -7.58 10.38
CA ARG B 1 1.45 -8.88 9.69
C ARG B 1 2.15 -8.95 8.34
N TRP B 2 2.47 -10.17 7.90
CA TRP B 2 3.11 -10.36 6.61
C TRP B 2 2.04 -10.58 5.55
N LEU B 3 1.97 -9.67 4.61
CA LEU B 3 0.97 -9.72 3.54
C LEU B 3 1.63 -9.88 2.17
N CYS B 4 1.00 -10.71 1.33
CA CYS B 4 1.49 -10.95 -0.03
C CYS B 4 0.38 -10.63 -1.02
N ILE B 5 0.66 -9.72 -1.96
CA ILE B 5 -0.34 -9.31 -2.95
C ILE B 5 0.30 -8.90 -4.29
N TRP B 6 -0.54 -8.50 -5.25
CA TRP B 6 -0.07 -8.15 -6.61
C TRP B 6 0.23 -6.66 -6.80
N LEU B 7 1.47 -6.27 -6.50
CA LEU B 7 1.94 -4.91 -6.68
C LEU B 7 3.24 -4.98 -7.49
N SER B 8 3.14 -4.72 -8.78
CA SER B 8 4.27 -4.81 -9.67
C SER B 8 5.43 -3.92 -9.23
N ASP B 9 6.53 -4.13 -9.91
CA ASP B 9 7.79 -3.43 -9.66
C ASP B 9 7.67 -1.93 -9.94
N GLN B 10 6.97 -1.61 -11.02
CA GLN B 10 6.81 -0.24 -11.45
C GLN B 10 5.98 0.63 -10.50
N THR B 11 5.67 0.13 -9.30
CA THR B 11 4.92 0.94 -8.34
C THR B 11 5.29 0.71 -6.86
N LEU B 12 6.48 0.14 -6.61
CA LEU B 12 6.98 -0.05 -5.26
C LEU B 12 8.11 0.95 -5.07
N GLU B 13 8.99 0.99 -6.08
CA GLU B 13 10.10 1.93 -6.13
C GLU B 13 9.63 3.23 -6.79
N ASP B 14 8.60 3.06 -7.62
CA ASP B 14 7.98 4.13 -8.39
C ASP B 14 7.48 5.28 -7.52
N LEU B 15 7.55 5.12 -6.20
CA LEU B 15 7.11 6.18 -5.32
C LEU B 15 8.11 6.39 -4.17
N GLU B 16 9.40 6.22 -4.48
CA GLU B 16 10.48 6.41 -3.50
C GLU B 16 10.36 7.76 -2.78
N LYS B 17 9.84 8.77 -3.49
CA LYS B 17 9.66 10.10 -2.92
C LYS B 17 8.69 10.06 -1.73
N MET B 18 7.82 9.04 -1.73
CA MET B 18 6.84 8.84 -0.67
C MET B 18 7.43 8.02 0.48
N ALA B 19 8.45 7.22 0.17
CA ALA B 19 9.12 6.38 1.18
C ALA B 19 10.43 7.01 1.66
N ARG B 20 11.47 6.97 0.82
CA ARG B 20 12.78 7.52 1.18
C ARG B 20 12.69 8.98 1.55
N ARG B 21 12.32 9.79 0.58
CA ARG B 21 12.20 11.22 0.73
C ARG B 21 11.34 11.60 1.95
N GLU B 22 10.41 10.71 2.33
CA GLU B 22 9.53 10.93 3.47
C GLU B 22 10.14 10.36 4.76
N GLY B 23 11.03 9.37 4.61
CA GLY B 23 11.66 8.73 5.76
C GLY B 23 11.14 7.32 6.02
N LEU B 24 10.13 6.92 5.23
CA LEU B 24 9.51 5.61 5.34
C LEU B 24 10.33 4.52 4.63
N SER B 25 9.83 3.29 4.72
CA SER B 25 10.44 2.12 4.09
C SER B 25 9.45 1.49 3.11
N LYS B 26 9.85 0.41 2.45
CA LYS B 26 8.98 -0.27 1.46
C LYS B 26 7.60 -0.62 2.03
N SER B 27 7.55 -1.05 3.30
CA SER B 27 6.29 -1.42 3.94
C SER B 27 5.60 -0.20 4.54
N GLU B 28 6.34 0.58 5.35
CA GLU B 28 5.79 1.78 5.95
C GLU B 28 5.41 2.80 4.86
N MET B 29 5.80 2.50 3.62
CA MET B 29 5.49 3.31 2.46
C MET B 29 4.07 2.98 2.05
N ILE B 30 3.88 1.69 1.97
CA ILE B 30 2.67 1.08 1.55
C ILE B 30 1.57 1.04 2.61
N ASN B 31 1.95 1.01 3.89
CA ASN B 31 0.95 1.03 4.97
C ASN B 31 0.30 2.40 5.03
N VAL B 32 1.18 3.38 5.04
CA VAL B 32 0.84 4.77 5.10
C VAL B 32 -0.06 5.13 3.95
N ALA B 33 0.33 4.69 2.78
CA ALA B 33 -0.44 4.94 1.58
C ALA B 33 -1.90 4.59 1.80
N LEU B 34 -2.16 3.52 2.56
CA LEU B 34 -3.51 3.08 2.79
C LEU B 34 -4.26 4.01 3.73
N GLN B 35 -3.54 4.58 4.71
CA GLN B 35 -4.16 5.46 5.67
C GLN B 35 -4.40 6.87 5.12
N HIS B 36 -3.76 7.23 4.00
CA HIS B 36 -3.97 8.54 3.39
C HIS B 36 -4.28 8.46 1.88
N TYR B 37 -4.72 7.28 1.42
CA TYR B 37 -5.07 7.06 0.01
C TYR B 37 -6.40 7.76 -0.31
N LYS B 38 -6.47 8.43 -1.47
CA LYS B 38 -7.69 9.10 -1.90
C LYS B 38 -8.13 8.63 -3.29
N ARG A 1 4.47 -8.52 -9.02
CA ARG A 1 5.59 -8.66 -8.06
C ARG A 1 5.12 -9.17 -6.71
N TRP A 2 5.58 -10.35 -6.29
CA TRP A 2 5.21 -10.89 -5.00
C TRP A 2 6.02 -10.19 -3.92
N LEU A 3 5.33 -9.56 -2.99
CA LEU A 3 5.99 -8.82 -1.92
C LEU A 3 5.51 -9.26 -0.53
N CYS A 4 6.46 -9.32 0.40
CA CYS A 4 6.16 -9.70 1.80
C CYS A 4 6.69 -8.60 2.71
N ILE A 5 5.79 -7.95 3.46
CA ILE A 5 6.19 -6.85 4.34
C ILE A 5 5.32 -6.77 5.60
N TRP A 6 5.68 -5.84 6.51
CA TRP A 6 4.99 -5.69 7.80
C TRP A 6 3.85 -4.65 7.77
N LEU A 7 2.62 -5.14 7.63
CA LEU A 7 1.41 -4.32 7.66
C LEU A 7 0.55 -4.80 8.82
N SER A 8 0.36 -3.95 9.82
CA SER A 8 -0.40 -4.32 11.00
C SER A 8 -1.91 -4.46 10.73
N ASP A 9 -2.72 -3.89 11.63
CA ASP A 9 -4.18 -3.99 11.52
C ASP A 9 -4.81 -2.72 10.96
N GLN A 10 -4.32 -1.56 11.40
CA GLN A 10 -4.83 -0.26 10.96
C GLN A 10 -4.43 0.06 9.52
N THR A 11 -4.44 -0.96 8.67
CA THR A 11 -4.10 -0.82 7.27
C THR A 11 -4.62 -1.95 6.39
N LEU A 12 -4.50 -3.20 6.85
CA LEU A 12 -5.05 -4.31 6.11
C LEU A 12 -6.56 -4.18 6.20
N GLU A 13 -6.98 -3.81 7.40
CA GLU A 13 -8.37 -3.53 7.70
C GLU A 13 -8.79 -2.31 6.90
N ASP A 14 -7.87 -1.35 6.84
CA ASP A 14 -8.07 -0.11 6.09
C ASP A 14 -8.58 -0.44 4.70
N LEU A 15 -8.09 -1.55 4.14
CA LEU A 15 -8.46 -2.03 2.82
C LEU A 15 -9.79 -2.79 2.82
N GLU A 16 -10.68 -2.47 3.76
CA GLU A 16 -11.99 -3.11 3.85
C GLU A 16 -13.04 -2.19 3.25
N LYS A 17 -13.17 -1.00 3.81
CA LYS A 17 -14.11 0.00 3.34
C LYS A 17 -13.58 0.73 2.10
N MET A 18 -12.33 0.46 1.72
CA MET A 18 -11.72 1.10 0.56
C MET A 18 -11.73 0.14 -0.65
N ALA A 19 -10.97 -0.95 -0.53
CA ALA A 19 -10.81 -1.98 -1.59
C ALA A 19 -12.03 -2.12 -2.48
N ARG A 20 -13.20 -1.90 -1.95
CA ARG A 20 -14.40 -1.96 -2.77
C ARG A 20 -14.34 -0.89 -3.87
N ARG A 21 -15.45 -0.23 -4.17
CA ARG A 21 -15.47 0.81 -5.18
C ARG A 21 -14.22 1.72 -5.10
N GLU A 22 -13.60 1.78 -3.91
CA GLU A 22 -12.42 2.63 -3.68
C GLU A 22 -11.08 1.91 -3.71
N GLY A 23 -11.03 0.58 -3.66
CA GLY A 23 -9.71 -0.02 -3.61
C GLY A 23 -9.51 -1.29 -4.40
N LEU A 24 -10.38 -1.62 -5.35
CA LEU A 24 -10.13 -2.80 -6.16
C LEU A 24 -9.89 -4.05 -5.33
N SER A 25 -9.31 -5.04 -5.98
CA SER A 25 -8.97 -6.31 -5.31
C SER A 25 -7.96 -6.05 -4.19
N LYS A 26 -7.84 -6.98 -3.24
CA LYS A 26 -6.92 -6.80 -2.09
C LYS A 26 -5.52 -6.34 -2.55
N SER A 27 -5.01 -6.93 -3.64
CA SER A 27 -3.70 -6.57 -4.15
C SER A 27 -3.77 -5.24 -4.90
N GLU A 28 -4.71 -5.15 -5.84
CA GLU A 28 -4.89 -3.91 -6.60
C GLU A 28 -5.11 -2.74 -5.64
N MET A 29 -5.72 -3.01 -4.48
CA MET A 29 -5.95 -2.02 -3.45
C MET A 29 -4.61 -1.54 -2.93
N ILE A 30 -3.82 -2.51 -2.61
CA ILE A 30 -2.55 -2.29 -2.05
C ILE A 30 -1.58 -1.62 -3.02
N ASN A 31 -1.89 -1.69 -4.32
CA ASN A 31 -1.09 -1.03 -5.34
C ASN A 31 -1.44 0.47 -5.38
N VAL A 32 -2.75 0.77 -5.48
CA VAL A 32 -3.25 2.13 -5.50
C VAL A 32 -2.73 2.88 -4.30
N ALA A 33 -2.65 2.15 -3.22
CA ALA A 33 -2.15 2.66 -1.95
C ALA A 33 -1.02 3.63 -2.16
N LEU A 34 -0.09 3.22 -3.00
CA LEU A 34 1.08 4.01 -3.28
C LEU A 34 0.81 5.06 -4.36
N GLN A 35 -0.16 4.77 -5.22
CA GLN A 35 -0.54 5.65 -6.31
C GLN A 35 -1.60 6.70 -5.88
N HIS A 36 -2.17 6.54 -4.66
CA HIS A 36 -3.19 7.47 -4.15
C HIS A 36 -2.97 7.87 -2.67
N TYR A 37 -1.73 7.73 -2.19
CA TYR A 37 -1.36 8.09 -0.81
C TYR A 37 -0.95 9.57 -0.72
N LYS A 38 -1.37 10.24 0.37
CA LYS A 38 -1.01 11.63 0.59
C LYS A 38 -0.38 11.84 1.97
N ARG B 1 1.46 -7.63 10.57
CA ARG B 1 1.07 -8.88 9.85
C ARG B 1 1.85 -9.05 8.55
N TRP B 2 2.35 -10.26 8.31
CA TRP B 2 3.09 -10.55 7.09
C TRP B 2 2.09 -10.92 5.99
N LEU B 3 2.14 -10.19 4.88
CA LEU B 3 1.22 -10.44 3.77
C LEU B 3 1.96 -10.58 2.44
N CYS B 4 1.40 -11.40 1.55
CA CYS B 4 1.98 -11.62 0.22
C CYS B 4 0.89 -11.53 -0.84
N ILE B 5 1.04 -10.62 -1.80
CA ILE B 5 0.04 -10.42 -2.86
C ILE B 5 0.67 -9.96 -4.18
N TRP B 6 -0.17 -9.76 -5.21
CA TRP B 6 0.32 -9.38 -6.55
C TRP B 6 0.25 -7.88 -6.84
N LEU B 7 1.42 -7.23 -6.73
CA LEU B 7 1.58 -5.80 -7.03
C LEU B 7 2.72 -5.66 -8.02
N SER B 8 2.42 -5.15 -9.21
CA SER B 8 3.43 -5.00 -10.24
C SER B 8 4.38 -3.85 -9.92
N ASP B 9 4.89 -3.22 -10.97
CA ASP B 9 5.84 -2.12 -10.82
C ASP B 9 5.12 -0.77 -10.89
N GLN B 10 5.81 0.27 -11.38
CA GLN B 10 5.27 1.60 -11.52
C GLN B 10 4.31 1.95 -10.38
N THR B 11 4.72 1.60 -9.16
CA THR B 11 3.93 1.88 -7.95
C THR B 11 4.66 1.55 -6.66
N LEU B 12 5.26 0.38 -6.60
CA LEU B 12 6.04 -0.03 -5.44
C LEU B 12 7.34 0.76 -5.50
N GLU B 13 7.83 0.88 -6.73
CA GLU B 13 9.04 1.61 -7.05
C GLU B 13 8.69 3.07 -7.33
N ASP B 14 7.53 3.26 -7.97
CA ASP B 14 7.04 4.58 -8.36
C ASP B 14 7.12 5.59 -7.22
N LEU B 15 7.10 5.10 -5.98
CA LEU B 15 7.16 5.97 -4.82
C LEU B 15 8.57 6.38 -4.44
N GLU B 16 9.44 6.55 -5.45
CA GLU B 16 10.81 6.99 -5.20
C GLU B 16 10.81 8.29 -4.38
N LYS B 17 9.74 9.08 -4.53
CA LYS B 17 9.59 10.34 -3.83
C LYS B 17 8.73 10.22 -2.56
N MET B 18 8.12 9.05 -2.32
CA MET B 18 7.28 8.85 -1.14
C MET B 18 8.12 8.34 0.04
N ALA B 19 8.41 7.03 0.05
CA ALA B 19 9.20 6.40 1.12
C ALA B 19 10.49 7.18 1.40
N ARG B 20 11.20 7.59 0.34
CA ARG B 20 12.44 8.33 0.49
C ARG B 20 12.23 9.66 1.18
N ARG B 21 11.57 10.55 0.49
CA ARG B 21 11.27 11.88 0.99
C ARG B 21 10.60 11.80 2.37
N GLU B 22 9.81 10.73 2.58
CA GLU B 22 9.11 10.49 3.84
C GLU B 22 9.98 9.79 4.87
N GLY B 23 11.15 9.28 4.44
CA GLY B 23 12.02 8.55 5.36
C GLY B 23 11.44 7.19 5.70
N LEU B 24 10.39 6.80 4.97
CA LEU B 24 9.72 5.54 5.16
C LEU B 24 10.43 4.39 4.44
N SER B 25 10.06 3.19 4.82
CA SER B 25 10.59 1.97 4.21
C SER B 25 9.52 1.33 3.34
N LYS B 26 9.90 0.39 2.47
CA LYS B 26 8.94 -0.27 1.56
C LYS B 26 7.62 -0.64 2.28
N SER B 27 7.71 -1.06 3.54
CA SER B 27 6.52 -1.44 4.31
C SER B 27 5.83 -0.21 4.91
N GLU B 28 6.56 0.58 5.70
CA GLU B 28 6.00 1.78 6.30
C GLU B 28 5.52 2.75 5.22
N MET B 29 5.94 2.51 3.98
CA MET B 29 5.57 3.27 2.82
C MET B 29 4.19 2.83 2.38
N ILE B 30 4.06 1.53 2.35
CA ILE B 30 2.90 0.85 1.92
C ILE B 30 1.78 0.82 2.98
N ASN B 31 2.15 0.81 4.26
CA ASN B 31 1.18 0.83 5.36
C ASN B 31 0.48 2.19 5.39
N VAL B 32 1.32 3.20 5.33
CA VAL B 32 0.96 4.58 5.36
C VAL B 32 0.06 4.93 4.20
N ALA B 33 0.42 4.41 3.05
CA ALA B 33 -0.33 4.64 1.83
C ALA B 33 -1.83 4.46 2.05
N LEU B 34 -2.19 3.51 2.92
CA LEU B 34 -3.58 3.23 3.16
C LEU B 34 -4.20 4.08 4.27
N GLN B 35 -3.36 4.50 5.23
CA GLN B 35 -3.84 5.31 6.34
C GLN B 35 -4.14 6.75 5.95
N HIS B 36 -3.72 7.16 4.74
CA HIS B 36 -4.01 8.53 4.26
C HIS B 36 -4.77 8.53 2.94
N TYR B 37 -5.53 7.47 2.68
CA TYR B 37 -6.30 7.37 1.44
C TYR B 37 -7.80 7.35 1.70
N LYS B 38 -8.57 7.78 0.69
CA LYS B 38 -10.01 7.80 0.73
C LYS B 38 -10.56 8.84 1.72
N ARG A 1 3.90 -7.48 -9.46
CA ARG A 1 4.81 -8.46 -8.83
C ARG A 1 4.27 -8.97 -7.50
N TRP A 2 4.88 -10.03 -7.00
CA TRP A 2 4.48 -10.59 -5.72
C TRP A 2 5.56 -10.29 -4.68
N LEU A 3 5.22 -9.40 -3.77
CA LEU A 3 6.14 -8.97 -2.71
C LEU A 3 5.49 -9.09 -1.33
N CYS A 4 6.32 -9.40 -0.33
CA CYS A 4 5.84 -9.52 1.06
C CYS A 4 6.35 -8.34 1.87
N ILE A 5 5.49 -7.78 2.73
CA ILE A 5 5.87 -6.62 3.54
C ILE A 5 5.16 -6.58 4.91
N TRP A 6 5.46 -5.54 5.71
CA TRP A 6 4.91 -5.40 7.07
C TRP A 6 3.66 -4.49 7.15
N LEU A 7 2.49 -5.10 7.06
CA LEU A 7 1.20 -4.38 7.15
C LEU A 7 0.36 -5.04 8.25
N SER A 8 0.28 -4.39 9.40
CA SER A 8 -0.44 -4.93 10.54
C SER A 8 -1.95 -4.81 10.36
N ASP A 9 -2.65 -5.20 11.41
CA ASP A 9 -4.10 -5.20 11.46
C ASP A 9 -4.71 -3.84 11.10
N GLN A 10 -4.18 -2.78 11.71
CA GLN A 10 -4.67 -1.43 11.45
C GLN A 10 -4.83 -1.15 9.96
N THR A 11 -3.96 -1.72 9.13
CA THR A 11 -4.01 -1.50 7.69
C THR A 11 -4.67 -2.62 6.88
N LEU A 12 -4.71 -3.83 7.42
CA LEU A 12 -5.40 -4.91 6.73
C LEU A 12 -6.87 -4.58 6.83
N GLU A 13 -7.22 -4.10 8.02
CA GLU A 13 -8.56 -3.64 8.31
C GLU A 13 -8.83 -2.43 7.42
N ASP A 14 -7.79 -1.60 7.29
CA ASP A 14 -7.84 -0.41 6.45
C ASP A 14 -8.33 -0.82 5.05
N LEU A 15 -7.80 -1.94 4.56
CA LEU A 15 -8.16 -2.48 3.26
C LEU A 15 -9.39 -3.38 3.30
N GLU A 16 -10.27 -3.16 4.28
CA GLU A 16 -11.50 -3.93 4.39
C GLU A 16 -12.68 -3.07 3.96
N LYS A 17 -12.79 -1.88 4.57
CA LYS A 17 -13.84 -0.94 4.24
C LYS A 17 -13.52 -0.23 2.92
N MET A 18 -12.25 0.11 2.71
CA MET A 18 -11.80 0.77 1.48
C MET A 18 -11.92 -0.17 0.29
N ALA A 19 -11.02 -1.17 0.26
CA ALA A 19 -10.89 -2.19 -0.80
C ALA A 19 -12.20 -2.49 -1.51
N ARG A 20 -13.31 -2.40 -0.82
CA ARG A 20 -14.57 -2.68 -1.46
C ARG A 20 -14.88 -1.62 -2.54
N ARG A 21 -15.98 -0.92 -2.43
CA ARG A 21 -16.33 0.11 -3.39
C ARG A 21 -15.19 1.12 -3.57
N GLU A 22 -14.33 1.21 -2.56
CA GLU A 22 -13.23 2.18 -2.56
C GLU A 22 -11.84 1.60 -2.75
N GLY A 23 -11.65 0.28 -2.76
CA GLY A 23 -10.28 -0.16 -2.87
C GLY A 23 -10.02 -1.41 -3.66
N LEU A 24 -10.92 -1.83 -4.54
CA LEU A 24 -10.61 -2.99 -5.36
C LEU A 24 -10.16 -4.20 -4.55
N SER A 25 -9.49 -5.11 -5.25
CA SER A 25 -8.94 -6.31 -4.61
C SER A 25 -7.88 -5.92 -3.59
N LYS A 26 -7.58 -6.81 -2.63
CA LYS A 26 -6.58 -6.53 -1.57
C LYS A 26 -5.30 -5.90 -2.15
N SER A 27 -4.87 -6.37 -3.32
CA SER A 27 -3.66 -5.85 -3.96
C SER A 27 -3.95 -4.56 -4.71
N GLU A 28 -4.97 -4.59 -5.57
CA GLU A 28 -5.35 -3.39 -6.33
C GLU A 28 -5.64 -2.24 -5.36
N MET A 29 -6.06 -2.60 -4.14
CA MET A 29 -6.34 -1.65 -3.08
C MET A 29 -5.06 -0.92 -2.73
N ILE A 30 -4.06 -1.72 -2.57
CA ILE A 30 -2.77 -1.32 -2.16
C ILE A 30 -1.95 -0.66 -3.27
N ASN A 31 -2.07 -1.14 -4.51
CA ASN A 31 -1.34 -0.54 -5.62
C ASN A 31 -1.83 0.88 -5.82
N VAL A 32 -3.14 1.00 -5.81
CA VAL A 32 -3.85 2.22 -5.98
C VAL A 32 -3.47 3.21 -4.89
N ALA A 33 -3.39 2.71 -3.68
CA ALA A 33 -3.00 3.53 -2.53
C ALA A 33 -1.71 4.27 -2.80
N LEU A 34 -0.78 3.59 -3.47
CA LEU A 34 0.50 4.18 -3.75
C LEU A 34 0.40 5.22 -4.85
N GLN A 35 -0.55 5.03 -5.77
CA GLN A 35 -0.74 5.94 -6.88
C GLN A 35 -1.49 7.22 -6.45
N HIS A 36 -2.18 7.17 -5.31
CA HIS A 36 -2.91 8.34 -4.80
C HIS A 36 -2.21 8.97 -3.58
N TYR A 37 -1.62 8.14 -2.70
CA TYR A 37 -0.91 8.60 -1.49
C TYR A 37 -0.31 9.99 -1.68
N LYS A 38 -0.51 10.86 -0.67
CA LYS A 38 0.03 12.22 -0.66
C LYS A 38 -0.61 13.13 -1.72
N ARG B 1 2.35 -7.45 10.22
CA ARG B 1 1.88 -8.73 9.58
C ARG B 1 2.57 -8.96 8.24
N TRP B 2 3.16 -10.14 8.06
CA TRP B 2 3.82 -10.45 6.79
C TRP B 2 2.78 -10.93 5.78
N LEU B 3 2.53 -10.07 4.81
CA LEU B 3 1.54 -10.35 3.76
C LEU B 3 2.13 -10.12 2.37
N CYS B 4 1.70 -10.94 1.41
CA CYS B 4 2.16 -10.81 0.01
C CYS B 4 1.05 -10.16 -0.82
N ILE B 5 1.44 -9.25 -1.71
CA ILE B 5 0.44 -8.53 -2.53
C ILE B 5 0.97 -8.18 -3.93
N TRP B 6 0.12 -7.53 -4.74
CA TRP B 6 0.45 -7.17 -6.13
C TRP B 6 0.92 -5.73 -6.31
N LEU B 7 2.24 -5.57 -6.41
CA LEU B 7 2.89 -4.27 -6.63
C LEU B 7 3.93 -4.47 -7.73
N SER B 8 3.73 -3.85 -8.89
CA SER B 8 4.65 -4.02 -10.00
C SER B 8 5.71 -2.91 -10.05
N ASP B 9 6.40 -2.86 -11.18
CA ASP B 9 7.47 -1.89 -11.42
C ASP B 9 7.11 -0.47 -10.97
N GLN B 10 6.10 0.10 -11.61
CA GLN B 10 5.65 1.47 -11.31
C GLN B 10 5.36 1.70 -9.82
N THR B 11 4.98 0.64 -9.09
CA THR B 11 4.64 0.77 -7.69
C THR B 11 5.83 0.55 -6.76
N LEU B 12 6.73 -0.33 -7.15
CA LEU B 12 7.93 -0.61 -6.36
C LEU B 12 8.80 0.63 -6.41
N GLU B 13 8.79 1.23 -7.58
CA GLU B 13 9.49 2.46 -7.83
C GLU B 13 8.82 3.55 -7.00
N ASP B 14 7.49 3.50 -7.03
CA ASP B 14 6.65 4.43 -6.29
C ASP B 14 7.07 4.46 -4.82
N LEU B 15 7.31 3.29 -4.25
CA LEU B 15 7.70 3.15 -2.86
C LEU B 15 9.17 3.52 -2.61
N GLU B 16 9.69 4.44 -3.42
CA GLU B 16 11.07 4.92 -3.29
C GLU B 16 11.03 6.40 -2.91
N LYS B 17 10.38 7.20 -3.77
CA LYS B 17 10.23 8.63 -3.54
C LYS B 17 9.14 8.90 -2.50
N MET B 18 8.13 8.02 -2.47
CA MET B 18 7.01 8.13 -1.52
C MET B 18 7.39 7.54 -0.18
N ALA B 19 8.46 6.75 -0.17
CA ALA B 19 8.93 6.10 1.06
C ALA B 19 10.07 6.87 1.71
N ARG B 20 11.21 6.96 1.04
CA ARG B 20 12.38 7.67 1.58
C ARG B 20 12.06 9.14 1.81
N ARG B 21 11.83 9.84 0.72
CA ARG B 21 11.51 11.26 0.74
C ARG B 21 10.41 11.58 1.76
N GLU B 22 9.52 10.62 1.99
CA GLU B 22 8.42 10.79 2.94
C GLU B 22 8.87 10.43 4.36
N GLY B 23 9.75 9.44 4.48
CA GLY B 23 10.25 9.04 5.78
C GLY B 23 9.66 7.73 6.26
N LEU B 24 10.03 6.63 5.59
CA LEU B 24 9.56 5.29 5.97
C LEU B 24 10.14 4.20 5.07
N SER B 25 9.72 2.96 5.33
CA SER B 25 10.18 1.79 4.57
C SER B 25 9.05 1.21 3.70
N LYS B 26 9.40 0.26 2.82
CA LYS B 26 8.43 -0.38 1.91
C LYS B 26 7.08 -0.68 2.58
N SER B 27 7.08 -1.12 3.85
CA SER B 27 5.85 -1.45 4.55
C SER B 27 5.14 -0.20 5.06
N GLU B 28 5.84 0.60 5.85
CA GLU B 28 5.26 1.83 6.37
C GLU B 28 4.91 2.77 5.22
N MET B 29 5.46 2.47 4.03
CA MET B 29 5.21 3.21 2.82
C MET B 29 3.84 2.81 2.28
N ILE B 30 3.68 1.52 2.25
CA ILE B 30 2.52 0.88 1.74
C ILE B 30 1.32 0.95 2.70
N ASN B 31 1.59 0.94 4.01
CA ASN B 31 0.52 1.06 5.01
C ASN B 31 -0.08 2.45 4.93
N VAL B 32 0.84 3.41 4.91
CA VAL B 32 0.56 4.82 4.85
C VAL B 32 -0.26 5.15 3.63
N ALA B 33 0.13 4.58 2.52
CA ALA B 33 -0.57 4.80 1.25
C ALA B 33 -2.05 4.59 1.42
N LEU B 34 -2.42 3.70 2.34
CA LEU B 34 -3.80 3.38 2.57
C LEU B 34 -4.50 4.42 3.44
N GLN B 35 -3.77 4.97 4.42
CA GLN B 35 -4.33 5.96 5.31
C GLN B 35 -4.40 7.36 4.67
N HIS B 36 -3.76 7.54 3.51
CA HIS B 36 -3.84 8.83 2.79
C HIS B 36 -4.32 8.62 1.33
N TYR B 37 -4.95 7.46 1.08
CA TYR B 37 -5.48 7.14 -0.25
C TYR B 37 -6.80 7.89 -0.47
N LYS B 38 -6.94 8.53 -1.64
CA LYS B 38 -8.15 9.26 -2.00
C LYS B 38 -8.40 10.43 -1.03
N ARG A 1 4.15 -7.82 -9.15
CA ARG A 1 5.34 -8.23 -8.35
C ARG A 1 4.92 -8.78 -6.99
N TRP A 2 5.46 -9.96 -6.63
CA TRP A 2 5.17 -10.57 -5.34
C TRP A 2 6.17 -10.06 -4.32
N LEU A 3 5.67 -9.39 -3.30
CA LEU A 3 6.53 -8.82 -2.26
C LEU A 3 5.95 -9.07 -0.86
N CYS A 4 6.82 -9.21 0.13
CA CYS A 4 6.41 -9.44 1.52
C CYS A 4 6.97 -8.32 2.40
N ILE A 5 6.11 -7.71 3.21
CA ILE A 5 6.54 -6.60 4.07
C ILE A 5 5.77 -6.55 5.40
N TRP A 6 6.11 -5.57 6.25
CA TRP A 6 5.48 -5.44 7.58
C TRP A 6 4.28 -4.46 7.62
N LEU A 7 3.09 -5.00 7.37
CA LEU A 7 1.85 -4.22 7.41
C LEU A 7 0.92 -4.84 8.45
N SER A 8 0.88 -4.25 9.64
CA SER A 8 0.06 -4.75 10.72
C SER A 8 -1.42 -4.41 10.48
N ASP A 9 -2.12 -4.06 11.55
CA ASP A 9 -3.53 -3.74 11.48
C ASP A 9 -3.77 -2.31 10.96
N GLN A 10 -4.92 -1.72 11.32
CA GLN A 10 -5.27 -0.36 10.92
C GLN A 10 -4.79 -0.02 9.51
N THR A 11 -5.01 -0.97 8.60
CA THR A 11 -4.64 -0.82 7.19
C THR A 11 -5.10 -2.00 6.34
N LEU A 12 -4.83 -3.20 6.81
CA LEU A 12 -5.30 -4.40 6.14
C LEU A 12 -6.76 -4.53 6.53
N GLU A 13 -6.99 -4.22 7.81
CA GLU A 13 -8.30 -4.20 8.40
C GLU A 13 -9.00 -2.96 7.87
N ASP A 14 -8.21 -1.87 7.82
CA ASP A 14 -8.68 -0.60 7.31
C ASP A 14 -9.32 -0.79 5.93
N LEU A 15 -8.86 -1.84 5.23
CA LEU A 15 -9.33 -2.20 3.94
C LEU A 15 -10.70 -2.90 3.97
N GLU A 16 -11.55 -2.55 4.94
CA GLU A 16 -12.87 -3.16 5.06
C GLU A 16 -13.83 -2.62 3.99
N LYS A 17 -14.08 -1.31 4.01
CA LYS A 17 -15.00 -0.69 3.08
C LYS A 17 -14.30 -0.03 1.88
N MET A 18 -12.98 -0.22 1.75
CA MET A 18 -12.23 0.38 0.64
C MET A 18 -12.24 -0.52 -0.59
N ALA A 19 -11.31 -1.50 -0.57
CA ALA A 19 -11.05 -2.49 -1.63
C ALA A 19 -12.21 -2.74 -2.56
N ARG A 20 -13.41 -2.71 -2.03
CA ARG A 20 -14.57 -2.92 -2.87
C ARG A 20 -14.75 -1.75 -3.82
N ARG A 21 -15.86 -1.04 -3.73
CA ARG A 21 -16.12 0.10 -4.58
C ARG A 21 -14.97 1.12 -4.56
N GLU A 22 -14.18 1.09 -3.48
CA GLU A 22 -13.08 2.04 -3.30
C GLU A 22 -11.68 1.44 -3.25
N GLY A 23 -11.48 0.14 -3.46
CA GLY A 23 -10.13 -0.30 -3.31
C GLY A 23 -9.69 -1.47 -4.16
N LEU A 24 -10.41 -1.84 -5.20
CA LEU A 24 -9.93 -2.91 -6.04
C LEU A 24 -9.59 -4.17 -5.25
N SER A 25 -8.75 -4.99 -5.85
CA SER A 25 -8.30 -6.25 -5.22
C SER A 25 -7.36 -5.94 -4.06
N LYS A 26 -7.32 -6.79 -3.03
CA LYS A 26 -6.45 -6.58 -1.85
C LYS A 26 -5.08 -6.00 -2.24
N SER A 27 -4.52 -6.49 -3.35
CA SER A 27 -3.22 -6.02 -3.84
C SER A 27 -3.37 -4.72 -4.61
N GLU A 28 -4.23 -4.72 -5.62
CA GLU A 28 -4.48 -3.51 -6.41
C GLU A 28 -4.92 -2.38 -5.47
N MET A 29 -5.56 -2.76 -4.38
CA MET A 29 -6.01 -1.87 -3.34
C MET A 29 -4.83 -1.13 -2.76
N ILE A 30 -3.84 -1.92 -2.47
CA ILE A 30 -2.65 -1.52 -1.86
C ILE A 30 -1.69 -0.75 -2.78
N ASN A 31 -1.85 -0.94 -4.09
CA ASN A 31 -1.03 -0.23 -5.08
C ASN A 31 -1.55 1.20 -5.25
N VAL A 32 -2.85 1.26 -5.48
CA VAL A 32 -3.58 2.47 -5.70
C VAL A 32 -3.55 3.36 -4.47
N ALA A 33 -3.57 2.69 -3.34
CA ALA A 33 -3.56 3.36 -2.05
C ALA A 33 -2.54 4.46 -1.97
N LEU A 34 -1.26 4.07 -2.12
CA LEU A 34 -0.22 5.05 -2.00
C LEU A 34 -0.16 5.97 -3.22
N GLN A 35 -0.56 5.45 -4.38
CA GLN A 35 -0.54 6.24 -5.61
C GLN A 35 -1.37 7.52 -5.44
N HIS A 36 -2.34 7.50 -4.49
CA HIS A 36 -3.15 8.68 -4.16
C HIS A 36 -3.05 8.96 -2.66
N TYR A 37 -1.90 8.62 -2.09
CA TYR A 37 -1.61 8.80 -0.66
C TYR A 37 -1.02 10.22 -0.43
N LYS A 38 -1.45 10.86 0.67
CA LYS A 38 -0.94 12.18 1.02
C LYS A 38 -0.30 12.17 2.41
N ARG B 1 2.58 -7.85 11.03
CA ARG B 1 1.83 -8.78 10.15
C ARG B 1 2.46 -8.87 8.76
N TRP B 2 3.11 -10.00 8.45
CA TRP B 2 3.72 -10.21 7.15
C TRP B 2 2.64 -10.46 6.11
N LEU B 3 2.70 -9.70 5.03
CA LEU B 3 1.72 -9.81 3.95
C LEU B 3 2.40 -9.85 2.58
N CYS B 4 1.86 -10.70 1.70
CA CYS B 4 2.37 -10.82 0.33
C CYS B 4 1.25 -10.50 -0.65
N ILE B 5 1.52 -9.63 -1.63
CA ILE B 5 0.46 -9.25 -2.59
C ILE B 5 1.02 -8.87 -3.96
N TRP B 6 0.12 -8.82 -4.94
CA TRP B 6 0.47 -8.48 -6.33
C TRP B 6 0.48 -6.95 -6.55
N LEU B 7 1.68 -6.38 -6.62
CA LEU B 7 1.85 -4.96 -6.86
C LEU B 7 2.75 -4.79 -8.07
N SER B 8 2.20 -4.25 -9.15
CA SER B 8 2.96 -4.06 -10.35
C SER B 8 3.87 -2.85 -10.23
N ASP B 9 4.50 -2.53 -11.33
CA ASP B 9 5.46 -1.42 -11.40
C ASP B 9 4.81 -0.06 -11.03
N GLN B 10 5.40 1.03 -11.53
CA GLN B 10 4.91 2.39 -11.30
C GLN B 10 4.35 2.60 -9.89
N THR B 11 5.04 2.00 -8.91
CA THR B 11 4.67 2.10 -7.50
C THR B 11 5.60 1.28 -6.62
N LEU B 12 5.76 0.03 -7.01
CA LEU B 12 6.67 -0.89 -6.34
C LEU B 12 8.10 -0.45 -6.65
N GLU B 13 8.21 0.19 -7.81
CA GLU B 13 9.43 0.76 -8.33
C GLU B 13 9.41 2.25 -8.01
N ASP B 14 8.23 2.85 -8.23
CA ASP B 14 7.98 4.26 -7.98
C ASP B 14 8.29 4.63 -6.53
N LEU B 15 8.39 3.61 -5.67
CA LEU B 15 8.68 3.77 -4.27
C LEU B 15 10.12 4.22 -3.99
N GLU B 16 10.77 4.85 -4.97
CA GLU B 16 12.13 5.34 -4.81
C GLU B 16 12.10 6.75 -4.21
N LYS B 17 11.11 7.55 -4.63
CA LYS B 17 10.96 8.91 -4.16
C LYS B 17 9.84 9.04 -3.10
N MET B 18 9.15 7.95 -2.79
CA MET B 18 8.08 7.98 -1.79
C MET B 18 8.63 7.67 -0.40
N ALA B 19 8.74 6.38 -0.10
CA ALA B 19 9.25 5.90 1.19
C ALA B 19 10.52 6.64 1.60
N ARG B 20 11.45 6.81 0.66
CA ARG B 20 12.70 7.51 0.94
C ARG B 20 12.47 8.93 1.37
N ARG B 21 12.01 9.74 0.44
CA ARG B 21 11.72 11.14 0.69
C ARG B 21 10.79 11.30 1.90
N GLU B 22 9.91 10.32 2.07
CA GLU B 22 8.94 10.31 3.18
C GLU B 22 9.57 9.78 4.48
N GLY B 23 10.77 9.19 4.37
CA GLY B 23 11.42 8.63 5.56
C GLY B 23 10.81 7.28 5.94
N LEU B 24 9.89 6.81 5.10
CA LEU B 24 9.21 5.54 5.32
C LEU B 24 10.02 4.37 4.77
N SER B 25 9.51 3.18 5.02
CA SER B 25 10.09 1.94 4.55
C SER B 25 9.10 1.25 3.60
N LYS B 26 9.52 0.16 2.95
CA LYS B 26 8.64 -0.55 2.01
C LYS B 26 7.26 -0.84 2.62
N SER B 27 7.21 -1.09 3.93
CA SER B 27 5.96 -1.39 4.62
C SER B 27 5.24 -0.12 5.08
N GLU B 28 5.93 0.74 5.83
CA GLU B 28 5.33 1.98 6.32
C GLU B 28 4.88 2.88 5.14
N MET B 29 5.31 2.51 3.92
CA MET B 29 4.94 3.20 2.71
C MET B 29 3.61 2.67 2.25
N ILE B 30 3.55 1.35 2.26
CA ILE B 30 2.43 0.60 1.83
C ILE B 30 1.27 0.60 2.84
N ASN B 31 1.59 0.71 4.13
CA ASN B 31 0.57 0.77 5.18
C ASN B 31 -0.13 2.13 5.11
N VAL B 32 0.71 3.15 5.09
CA VAL B 32 0.32 4.52 5.02
C VAL B 32 -0.58 4.76 3.82
N ALA B 33 -0.20 4.12 2.74
CA ALA B 33 -0.93 4.17 1.49
C ALA B 33 -2.43 4.04 1.71
N LEU B 34 -2.79 3.11 2.59
CA LEU B 34 -4.19 2.84 2.84
C LEU B 34 -4.82 3.85 3.79
N GLN B 35 -4.03 4.41 4.70
CA GLN B 35 -4.54 5.36 5.67
C GLN B 35 -4.76 6.77 5.09
N HIS B 36 -4.16 7.09 3.93
CA HIS B 36 -4.36 8.41 3.32
C HIS B 36 -4.71 8.31 1.83
N TYR B 37 -5.19 7.14 1.38
CA TYR B 37 -5.60 6.93 -0.02
C TYR B 37 -6.94 7.65 -0.27
N LYS B 38 -7.07 8.30 -1.44
CA LYS B 38 -8.29 8.98 -1.83
C LYS B 38 -8.61 10.17 -0.92
N ARG A 1 3.74 -7.73 -9.13
CA ARG A 1 4.69 -8.63 -8.40
C ARG A 1 4.08 -9.20 -7.13
N TRP A 2 4.78 -10.15 -6.53
CA TRP A 2 4.37 -10.73 -5.28
C TRP A 2 5.39 -10.35 -4.22
N LEU A 3 4.96 -9.55 -3.26
CA LEU A 3 5.84 -9.04 -2.22
C LEU A 3 5.28 -9.27 -0.81
N CYS A 4 6.17 -9.67 0.10
CA CYS A 4 5.81 -9.89 1.50
C CYS A 4 6.57 -8.89 2.35
N ILE A 5 5.85 -8.09 3.14
CA ILE A 5 6.50 -7.06 3.96
C ILE A 5 5.79 -6.84 5.31
N TRP A 6 6.33 -5.93 6.13
CA TRP A 6 5.77 -5.68 7.48
C TRP A 6 4.71 -4.57 7.53
N LEU A 7 3.45 -5.01 7.52
CA LEU A 7 2.28 -4.13 7.63
C LEU A 7 1.38 -4.71 8.72
N SER A 8 1.32 -4.04 9.87
CA SER A 8 0.52 -4.53 10.98
C SER A 8 -0.98 -4.35 10.72
N ASP A 9 -1.69 -3.76 11.66
CA ASP A 9 -3.13 -3.58 11.52
C ASP A 9 -3.48 -2.16 11.04
N GLN A 10 -4.70 -1.69 11.36
CA GLN A 10 -5.16 -0.36 10.99
C GLN A 10 -4.62 0.06 9.62
N THR A 11 -4.70 -0.86 8.66
CA THR A 11 -4.25 -0.63 7.30
C THR A 11 -4.57 -1.79 6.37
N LEU A 12 -4.27 -3.01 6.79
CA LEU A 12 -4.60 -4.18 6.01
C LEU A 12 -6.10 -4.36 6.16
N GLU A 13 -6.53 -4.17 7.40
CA GLU A 13 -7.93 -4.21 7.76
C GLU A 13 -8.58 -2.99 7.15
N ASP A 14 -7.83 -1.88 7.20
CA ASP A 14 -8.25 -0.61 6.65
C ASP A 14 -8.78 -0.79 5.23
N LEU A 15 -8.19 -1.75 4.50
CA LEU A 15 -8.57 -2.07 3.12
C LEU A 15 -9.94 -2.72 2.99
N GLU A 16 -10.78 -2.63 4.01
CA GLU A 16 -12.12 -3.21 3.96
C GLU A 16 -13.05 -2.35 3.12
N LYS A 17 -13.25 -1.10 3.56
CA LYS A 17 -14.09 -0.16 2.85
C LYS A 17 -13.35 0.54 1.71
N MET A 18 -12.02 0.51 1.74
CA MET A 18 -11.20 1.13 0.69
C MET A 18 -11.06 0.23 -0.52
N ALA A 19 -11.12 -1.08 -0.31
CA ALA A 19 -10.97 -2.04 -1.38
C ALA A 19 -12.31 -2.55 -1.91
N ARG A 20 -13.06 -3.25 -1.06
CA ARG A 20 -14.37 -3.81 -1.45
C ARG A 20 -15.30 -2.75 -1.99
N ARG A 21 -15.64 -1.81 -1.14
CA ARG A 21 -16.52 -0.71 -1.50
C ARG A 21 -16.04 -0.07 -2.81
N GLU A 22 -14.72 -0.04 -2.99
CA GLU A 22 -14.11 0.52 -4.20
C GLU A 22 -14.29 -0.41 -5.41
N GLY A 23 -14.39 -1.70 -5.16
CA GLY A 23 -14.55 -2.67 -6.24
C GLY A 23 -13.25 -3.38 -6.58
N LEU A 24 -12.13 -2.85 -6.07
CA LEU A 24 -10.82 -3.45 -6.33
C LEU A 24 -10.46 -4.54 -5.30
N SER A 25 -9.24 -5.05 -5.38
CA SER A 25 -8.76 -6.08 -4.46
C SER A 25 -7.59 -5.58 -3.61
N LYS A 26 -7.14 -6.40 -2.65
CA LYS A 26 -6.04 -6.04 -1.74
C LYS A 26 -4.86 -5.39 -2.47
N SER A 27 -4.53 -5.87 -3.68
CA SER A 27 -3.43 -5.35 -4.47
C SER A 27 -3.78 -4.03 -5.13
N GLU A 28 -4.81 -4.05 -5.97
CA GLU A 28 -5.25 -2.82 -6.64
C GLU A 28 -5.65 -1.77 -5.59
N MET A 29 -5.88 -2.22 -4.35
CA MET A 29 -6.21 -1.38 -3.24
C MET A 29 -4.96 -0.67 -2.77
N ILE A 30 -3.94 -1.48 -2.64
CA ILE A 30 -2.66 -1.11 -2.16
C ILE A 30 -1.85 -0.31 -3.19
N ASN A 31 -1.99 -0.65 -4.46
CA ASN A 31 -1.31 0.08 -5.53
C ASN A 31 -1.90 1.48 -5.62
N VAL A 32 -3.21 1.50 -5.57
CA VAL A 32 -4.00 2.69 -5.63
C VAL A 32 -3.64 3.62 -4.48
N ALA A 33 -3.45 3.01 -3.32
CA ALA A 33 -3.06 3.75 -2.14
C ALA A 33 -1.83 4.59 -2.44
N LEU A 34 -0.93 4.02 -3.23
CA LEU A 34 0.30 4.69 -3.58
C LEU A 34 0.03 5.84 -4.55
N GLN A 35 -1.01 5.67 -5.37
CA GLN A 35 -1.37 6.67 -6.36
C GLN A 35 -2.16 7.84 -5.75
N HIS A 36 -2.72 7.66 -4.54
CA HIS A 36 -3.46 8.74 -3.87
C HIS A 36 -3.02 8.92 -2.41
N TYR A 37 -1.80 8.51 -2.09
CA TYR A 37 -1.25 8.65 -0.73
C TYR A 37 -0.81 10.11 -0.49
N LYS A 38 -1.33 10.74 0.57
CA LYS A 38 -0.96 12.12 0.90
C LYS A 38 -0.13 12.17 2.18
N ARG B 1 2.64 -8.42 11.51
CA ARG B 1 1.68 -8.86 10.47
C ARG B 1 2.30 -8.81 9.06
N TRP B 2 2.55 -9.99 8.49
CA TRP B 2 3.11 -10.11 7.16
C TRP B 2 1.99 -10.13 6.12
N LEU B 3 2.16 -9.35 5.05
CA LEU B 3 1.16 -9.27 3.99
C LEU B 3 1.78 -9.48 2.60
N CYS B 4 1.04 -10.17 1.73
CA CYS B 4 1.48 -10.44 0.36
C CYS B 4 0.42 -9.96 -0.62
N ILE B 5 0.81 -9.13 -1.61
CA ILE B 5 -0.15 -8.59 -2.57
C ILE B 5 0.50 -8.23 -3.91
N TRP B 6 -0.34 -7.93 -4.91
CA TRP B 6 0.12 -7.56 -6.26
C TRP B 6 0.51 -6.08 -6.28
N LEU B 7 1.81 -5.85 -6.50
CA LEU B 7 2.40 -4.53 -6.54
C LEU B 7 3.52 -4.55 -7.59
N SER B 8 3.27 -4.00 -8.79
CA SER B 8 4.23 -4.04 -9.86
C SER B 8 5.34 -3.01 -9.75
N ASP B 9 6.22 -3.08 -10.73
CA ASP B 9 7.40 -2.21 -10.86
C ASP B 9 7.05 -0.73 -10.78
N GLN B 10 6.06 -0.32 -11.59
CA GLN B 10 5.62 1.07 -11.62
C GLN B 10 5.40 1.65 -10.22
N THR B 11 5.07 0.79 -9.25
CA THR B 11 4.80 1.26 -7.91
C THR B 11 5.98 1.04 -6.94
N LEU B 12 6.86 0.11 -7.25
CA LEU B 12 8.03 -0.15 -6.42
C LEU B 12 9.04 0.92 -6.75
N GLU B 13 9.15 1.18 -8.05
CA GLU B 13 10.00 2.24 -8.56
C GLU B 13 9.49 3.56 -8.00
N ASP B 14 8.17 3.67 -8.00
CA ASP B 14 7.48 4.84 -7.47
C ASP B 14 8.00 5.14 -6.06
N LEU B 15 8.10 4.08 -5.26
CA LEU B 15 8.55 4.18 -3.89
C LEU B 15 10.08 4.23 -3.75
N GLU B 16 10.79 4.61 -4.79
CA GLU B 16 12.25 4.71 -4.71
C GLU B 16 12.59 6.04 -4.03
N LYS B 17 11.96 7.12 -4.50
CA LYS B 17 12.16 8.44 -3.94
C LYS B 17 10.98 8.85 -3.04
N MET B 18 9.88 8.09 -3.07
CA MET B 18 8.69 8.41 -2.27
C MET B 18 8.53 7.47 -1.05
N ALA B 19 9.49 6.57 -0.81
CA ALA B 19 9.43 5.66 0.34
C ALA B 19 10.29 6.14 1.50
N ARG B 20 11.19 7.07 1.24
CA ARG B 20 12.04 7.59 2.30
C ARG B 20 11.25 8.58 3.14
N ARG B 21 11.42 9.86 2.85
CA ARG B 21 10.71 10.90 3.56
C ARG B 21 9.19 10.69 3.44
N GLU B 22 8.78 10.05 2.34
CA GLU B 22 7.37 9.78 2.06
C GLU B 22 6.95 8.33 2.38
N GLY B 23 7.90 7.40 2.43
CA GLY B 23 7.54 6.01 2.71
C GLY B 23 7.85 5.60 4.12
N LEU B 24 8.74 6.34 4.77
CA LEU B 24 9.14 6.09 6.15
C LEU B 24 9.41 4.59 6.45
N SER B 25 9.81 3.90 5.37
CA SER B 25 10.20 2.46 5.32
C SER B 25 9.48 1.79 4.14
N LYS B 26 10.17 0.87 3.44
CA LYS B 26 9.57 0.19 2.27
C LYS B 26 8.14 -0.28 2.57
N SER B 27 7.96 -0.99 3.69
CA SER B 27 6.63 -1.47 4.09
C SER B 27 5.85 -0.37 4.79
N GLU B 28 6.55 0.46 5.56
CA GLU B 28 5.93 1.57 6.27
C GLU B 28 5.30 2.54 5.27
N MET B 29 5.86 2.57 4.06
CA MET B 29 5.36 3.43 2.99
C MET B 29 4.01 2.94 2.55
N ILE B 30 3.93 1.63 2.53
CA ILE B 30 2.79 0.95 2.07
C ILE B 30 1.67 0.88 3.10
N ASN B 31 2.04 0.86 4.38
CA ASN B 31 1.05 0.92 5.45
C ASN B 31 0.37 2.29 5.37
N VAL B 32 1.22 3.27 5.21
CA VAL B 32 0.90 4.66 5.10
C VAL B 32 -0.04 4.94 3.96
N ALA B 33 0.28 4.39 2.80
CA ALA B 33 -0.53 4.57 1.61
C ALA B 33 -2.00 4.34 1.89
N LEU B 34 -2.26 3.31 2.70
CA LEU B 34 -3.62 2.96 3.01
C LEU B 34 -4.26 3.91 4.01
N GLN B 35 -3.45 4.47 4.91
CA GLN B 35 -3.96 5.39 5.91
C GLN B 35 -4.18 6.80 5.35
N HIS B 36 -3.61 7.10 4.17
CA HIS B 36 -3.80 8.42 3.54
C HIS B 36 -4.42 8.33 2.13
N TYR B 37 -4.82 7.12 1.71
CA TYR B 37 -5.45 6.92 0.40
C TYR B 37 -6.80 7.65 0.37
N LYS B 38 -7.11 8.31 -0.77
CA LYS B 38 -8.35 9.04 -0.97
C LYS B 38 -8.43 10.30 -0.10
N ARG A 1 3.92 -8.62 -9.93
CA ARG A 1 5.06 -8.90 -9.02
C ARG A 1 4.59 -9.21 -7.59
N TRP A 2 4.78 -10.47 -7.16
CA TRP A 2 4.38 -10.86 -5.81
C TRP A 2 5.34 -10.26 -4.80
N LEU A 3 4.80 -9.51 -3.86
CA LEU A 3 5.60 -8.85 -2.83
C LEU A 3 5.04 -9.09 -1.43
N CYS A 4 5.95 -9.11 -0.44
CA CYS A 4 5.56 -9.29 0.96
C CYS A 4 5.98 -8.05 1.75
N ILE A 5 5.08 -7.50 2.57
CA ILE A 5 5.39 -6.28 3.32
C ILE A 5 4.70 -6.22 4.69
N TRP A 6 5.01 -5.15 5.44
CA TRP A 6 4.48 -4.95 6.81
C TRP A 6 3.24 -4.05 6.87
N LEU A 7 2.09 -4.68 7.04
CA LEU A 7 0.79 -4.01 7.18
C LEU A 7 0.06 -4.61 8.38
N SER A 8 -0.14 -3.82 9.43
CA SER A 8 -0.78 -4.30 10.63
C SER A 8 -2.30 -4.37 10.50
N ASP A 9 -2.93 -4.74 11.60
CA ASP A 9 -4.39 -4.89 11.69
C ASP A 9 -5.13 -3.69 11.09
N GLN A 10 -4.90 -2.51 11.66
CA GLN A 10 -5.55 -1.28 11.22
C GLN A 10 -5.46 -1.06 9.69
N THR A 11 -4.43 -1.63 9.06
CA THR A 11 -4.24 -1.46 7.64
C THR A 11 -4.84 -2.59 6.82
N LEU A 12 -4.81 -3.80 7.35
CA LEU A 12 -5.39 -4.95 6.67
C LEU A 12 -6.88 -4.73 6.57
N GLU A 13 -7.41 -4.21 7.68
CA GLU A 13 -8.82 -3.86 7.77
C GLU A 13 -9.11 -2.76 6.76
N ASP A 14 -8.19 -1.79 6.72
CA ASP A 14 -8.27 -0.67 5.81
C ASP A 14 -8.40 -1.15 4.37
N LEU A 15 -7.51 -2.07 4.00
CA LEU A 15 -7.46 -2.62 2.65
C LEU A 15 -8.57 -3.64 2.35
N GLU A 16 -9.63 -3.63 3.17
CA GLU A 16 -10.76 -4.52 2.98
C GLU A 16 -12.00 -3.70 2.66
N LYS A 17 -12.33 -2.77 3.55
CA LYS A 17 -13.47 -1.89 3.38
C LYS A 17 -13.16 -0.79 2.36
N MET A 18 -11.88 -0.38 2.29
CA MET A 18 -11.47 0.66 1.35
C MET A 18 -10.83 0.04 0.09
N ALA A 19 -11.16 -1.23 -0.18
CA ALA A 19 -10.69 -1.92 -1.37
C ALA A 19 -11.89 -2.17 -2.29
N ARG A 20 -12.85 -2.98 -1.83
CA ARG A 20 -14.05 -3.28 -2.59
C ARG A 20 -14.77 -2.02 -3.02
N ARG A 21 -15.33 -1.34 -2.03
CA ARG A 21 -16.04 -0.10 -2.24
C ARG A 21 -15.24 0.89 -3.08
N GLU A 22 -13.91 0.88 -2.89
CA GLU A 22 -13.02 1.77 -3.64
C GLU A 22 -12.82 1.31 -5.09
N GLY A 23 -12.95 0.01 -5.34
CA GLY A 23 -12.78 -0.49 -6.70
C GLY A 23 -11.53 -1.32 -6.88
N LEU A 24 -11.32 -2.29 -5.99
CA LEU A 24 -10.16 -3.19 -6.06
C LEU A 24 -10.14 -4.20 -4.92
N SER A 25 -9.05 -4.99 -4.89
CA SER A 25 -8.84 -6.02 -3.86
C SER A 25 -7.59 -5.71 -3.04
N LYS A 26 -7.27 -6.58 -2.07
CA LYS A 26 -6.10 -6.39 -1.19
C LYS A 26 -4.83 -5.97 -1.96
N SER A 27 -4.63 -6.54 -3.16
CA SER A 27 -3.45 -6.23 -3.97
C SER A 27 -3.59 -4.89 -4.68
N GLU A 28 -4.59 -4.80 -5.55
CA GLU A 28 -4.82 -3.57 -6.29
C GLU A 28 -5.11 -2.40 -5.33
N MET A 29 -5.41 -2.72 -4.06
CA MET A 29 -5.65 -1.75 -3.01
C MET A 29 -4.30 -1.23 -2.57
N ILE A 30 -3.44 -2.16 -2.36
CA ILE A 30 -2.13 -1.92 -1.92
C ILE A 30 -1.31 -1.14 -2.96
N ASN A 31 -1.75 -1.19 -4.21
CA ASN A 31 -1.11 -0.43 -5.29
C ASN A 31 -1.58 1.04 -5.21
N VAL A 32 -2.92 1.23 -5.20
CA VAL A 32 -3.52 2.57 -5.10
C VAL A 32 -2.95 3.33 -3.94
N ALA A 33 -2.62 2.57 -2.91
CA ALA A 33 -2.02 3.07 -1.70
C ALA A 33 -1.05 4.20 -2.00
N LEU A 34 -0.26 4.00 -3.04
CA LEU A 34 0.71 4.96 -3.44
C LEU A 34 0.09 6.04 -4.34
N GLN A 35 -0.87 5.64 -5.19
CA GLN A 35 -1.54 6.55 -6.08
C GLN A 35 -2.45 7.54 -5.33
N HIS A 36 -2.95 7.19 -4.14
CA HIS A 36 -3.79 8.11 -3.37
C HIS A 36 -3.02 8.81 -2.24
N TYR A 37 -1.99 8.15 -1.68
CA TYR A 37 -1.19 8.75 -0.60
C TYR A 37 -0.72 10.16 -1.00
N LYS A 38 -0.67 11.07 -0.02
CA LYS A 38 -0.22 12.43 -0.21
C LYS A 38 -1.22 13.27 -1.01
N ARG B 1 1.80 -6.97 10.11
CA ARG B 1 1.65 -8.36 9.59
C ARG B 1 2.43 -8.58 8.29
N TRP B 2 2.60 -9.85 7.93
CA TRP B 2 3.28 -10.20 6.69
C TRP B 2 2.27 -10.77 5.71
N LEU B 3 2.09 -10.06 4.60
CA LEU B 3 1.13 -10.47 3.57
C LEU B 3 1.77 -10.43 2.18
N CYS B 4 1.28 -11.29 1.29
CA CYS B 4 1.77 -11.35 -0.09
C CYS B 4 0.63 -10.99 -1.05
N ILE B 5 0.90 -10.10 -2.00
CA ILE B 5 -0.14 -9.67 -2.95
C ILE B 5 0.42 -9.25 -4.32
N TRP B 6 -0.48 -8.84 -5.21
CA TRP B 6 -0.12 -8.46 -6.58
C TRP B 6 0.12 -6.95 -6.77
N LEU B 7 1.39 -6.57 -6.71
CA LEU B 7 1.85 -5.19 -6.93
C LEU B 7 3.00 -5.22 -7.93
N SER B 8 2.74 -4.76 -9.15
CA SER B 8 3.74 -4.81 -10.22
C SER B 8 4.94 -3.87 -9.99
N ASP B 9 5.23 -3.01 -10.95
CA ASP B 9 6.38 -2.12 -10.89
C ASP B 9 6.03 -0.69 -10.47
N GLN B 10 4.92 -0.19 -10.99
CA GLN B 10 4.47 1.18 -10.72
C GLN B 10 3.94 1.33 -9.29
N THR B 11 4.61 0.68 -8.34
CA THR B 11 4.22 0.75 -6.93
C THR B 11 5.32 0.32 -5.97
N LEU B 12 6.05 -0.73 -6.30
CA LEU B 12 7.16 -1.16 -5.47
C LEU B 12 8.27 -0.16 -5.71
N GLU B 13 8.43 0.16 -6.99
CA GLU B 13 9.38 1.17 -7.45
C GLU B 13 8.85 2.53 -7.02
N ASP B 14 7.53 2.67 -7.11
CA ASP B 14 6.83 3.88 -6.73
C ASP B 14 7.36 4.40 -5.38
N LEU B 15 7.74 3.45 -4.52
CA LEU B 15 8.26 3.75 -3.19
C LEU B 15 9.76 4.09 -3.20
N GLU B 16 10.25 4.62 -4.32
CA GLU B 16 11.66 4.99 -4.42
C GLU B 16 11.82 6.48 -4.16
N LYS B 17 11.02 7.28 -4.88
CA LYS B 17 11.04 8.73 -4.72
C LYS B 17 10.17 9.17 -3.54
N MET B 18 9.29 8.29 -3.07
CA MET B 18 8.40 8.61 -1.95
C MET B 18 9.02 8.18 -0.61
N ALA B 19 9.10 6.86 -0.42
CA ALA B 19 9.62 6.21 0.82
C ALA B 19 10.67 7.02 1.55
N ARG B 20 11.45 7.79 0.84
CA ARG B 20 12.46 8.59 1.49
C ARG B 20 11.79 9.68 2.35
N ARG B 21 12.08 10.94 2.09
CA ARG B 21 11.48 12.03 2.84
C ARG B 21 9.95 11.93 2.86
N GLU B 22 9.40 11.24 1.86
CA GLU B 22 7.95 11.09 1.72
C GLU B 22 7.39 9.71 2.03
N GLY B 23 8.20 8.71 2.38
CA GLY B 23 7.57 7.44 2.57
C GLY B 23 8.20 6.48 3.54
N LEU B 24 9.03 6.92 4.47
CA LEU B 24 9.55 5.99 5.46
C LEU B 24 10.12 4.71 4.84
N SER B 25 10.16 3.67 5.65
CA SER B 25 10.65 2.35 5.23
C SER B 25 9.74 1.76 4.14
N LYS B 26 10.24 0.75 3.41
CA LYS B 26 9.46 0.12 2.32
C LYS B 26 8.02 -0.21 2.76
N SER B 27 7.87 -0.77 3.96
CA SER B 27 6.54 -1.12 4.48
C SER B 27 5.86 0.09 5.11
N GLU B 28 6.59 0.81 5.95
CA GLU B 28 6.04 2.01 6.60
C GLU B 28 5.55 2.97 5.51
N MET B 29 6.19 2.89 4.34
CA MET B 29 5.84 3.69 3.17
C MET B 29 4.46 3.34 2.73
N ILE B 30 4.25 2.07 2.63
CA ILE B 30 3.06 1.50 2.14
C ILE B 30 1.92 1.50 3.18
N ASN B 31 2.25 1.41 4.46
CA ASN B 31 1.23 1.47 5.52
C ASN B 31 0.64 2.86 5.57
N VAL B 32 1.55 3.82 5.57
CA VAL B 32 1.26 5.22 5.62
C VAL B 32 0.40 5.63 4.44
N ALA B 33 0.76 5.12 3.28
CA ALA B 33 0.00 5.40 2.07
C ALA B 33 -1.47 5.11 2.27
N LEU B 34 -1.76 4.12 3.11
CA LEU B 34 -3.12 3.73 3.35
C LEU B 34 -3.77 4.61 4.43
N GLN B 35 -2.96 5.12 5.35
CA GLN B 35 -3.46 5.96 6.44
C GLN B 35 -3.83 7.37 5.96
N HIS B 36 -3.35 7.76 4.77
CA HIS B 36 -3.69 9.09 4.22
C HIS B 36 -4.35 8.96 2.84
N TYR B 37 -5.27 7.99 2.71
CA TYR B 37 -5.97 7.77 1.45
C TYR B 37 -6.74 9.02 1.00
N LYS B 38 -6.58 9.34 -0.29
CA LYS B 38 -7.25 10.43 -0.92
C LYS B 38 -8.05 9.96 -2.14
N ARG A 1 3.93 -7.55 -9.42
CA ARG A 1 4.96 -8.34 -8.67
C ARG A 1 4.43 -8.84 -7.34
N TRP A 2 4.87 -10.04 -6.94
CA TRP A 2 4.47 -10.61 -5.67
C TRP A 2 5.53 -10.29 -4.62
N LEU A 3 5.16 -9.42 -3.69
CA LEU A 3 6.07 -8.98 -2.63
C LEU A 3 5.49 -9.26 -1.25
N CYS A 4 6.37 -9.59 -0.31
CA CYS A 4 5.97 -9.85 1.08
C CYS A 4 6.62 -8.82 1.99
N ILE A 5 5.85 -8.25 2.92
CA ILE A 5 6.38 -7.23 3.82
C ILE A 5 5.57 -7.12 5.12
N TRP A 6 6.02 -6.23 6.02
CA TRP A 6 5.40 -6.06 7.34
C TRP A 6 4.29 -4.99 7.39
N LEU A 7 3.04 -5.46 7.36
CA LEU A 7 1.84 -4.61 7.46
C LEU A 7 0.98 -5.13 8.59
N SER A 8 0.97 -4.39 9.70
CA SER A 8 0.20 -4.79 10.87
C SER A 8 -1.25 -4.31 10.75
N ASP A 9 -1.79 -3.79 11.85
CA ASP A 9 -3.17 -3.32 11.88
C ASP A 9 -3.31 -1.95 11.19
N GLN A 10 -4.37 -1.20 11.54
CA GLN A 10 -4.63 0.11 10.99
C GLN A 10 -4.22 0.22 9.52
N THR A 11 -4.57 -0.81 8.75
CA THR A 11 -4.26 -0.88 7.33
C THR A 11 -4.92 -2.08 6.67
N LEU A 12 -4.71 -3.25 7.24
CA LEU A 12 -5.37 -4.45 6.75
C LEU A 12 -6.82 -4.30 7.15
N GLU A 13 -6.98 -3.79 8.37
CA GLU A 13 -8.28 -3.48 8.93
C GLU A 13 -8.78 -2.20 8.27
N ASP A 14 -7.84 -1.25 8.09
CA ASP A 14 -8.11 0.02 7.44
C ASP A 14 -8.81 -0.21 6.10
N LEU A 15 -8.53 -1.37 5.51
CA LEU A 15 -9.06 -1.78 4.25
C LEU A 15 -10.49 -2.35 4.36
N GLU A 16 -11.29 -1.77 5.26
CA GLU A 16 -12.67 -2.22 5.43
C GLU A 16 -13.59 -1.65 4.36
N LYS A 17 -13.66 -0.31 4.26
CA LYS A 17 -14.52 0.35 3.30
C LYS A 17 -13.75 0.88 2.08
N MET A 18 -12.58 0.31 1.77
CA MET A 18 -11.80 0.76 0.63
C MET A 18 -11.94 -0.22 -0.55
N ALA A 19 -11.09 -1.26 -0.56
CA ALA A 19 -11.10 -2.29 -1.61
C ALA A 19 -12.52 -2.76 -1.91
N ARG A 20 -13.31 -3.02 -0.87
CA ARG A 20 -14.67 -3.48 -1.04
C ARG A 20 -15.53 -2.44 -1.74
N ARG A 21 -15.79 -1.36 -1.04
CA ARG A 21 -16.59 -0.25 -1.55
C ARG A 21 -16.07 0.22 -2.91
N GLU A 22 -14.75 0.10 -3.09
CA GLU A 22 -14.09 0.51 -4.33
C GLU A 22 -14.10 -0.59 -5.39
N GLY A 23 -14.46 -1.82 -4.99
CA GLY A 23 -14.46 -2.93 -5.95
C GLY A 23 -13.05 -3.46 -6.17
N LEU A 24 -12.09 -2.90 -5.43
CA LEU A 24 -10.69 -3.28 -5.51
C LEU A 24 -10.42 -4.54 -4.67
N SER A 25 -9.19 -5.02 -4.78
CA SER A 25 -8.72 -6.19 -4.02
C SER A 25 -7.53 -5.78 -3.16
N LYS A 26 -7.14 -6.64 -2.21
CA LYS A 26 -6.00 -6.33 -1.31
C LYS A 26 -4.81 -5.71 -2.05
N SER A 27 -4.53 -6.18 -3.26
CA SER A 27 -3.41 -5.66 -4.05
C SER A 27 -3.79 -4.40 -4.83
N GLU A 28 -4.86 -4.50 -5.63
CA GLU A 28 -5.32 -3.35 -6.41
C GLU A 28 -5.75 -2.19 -5.49
N MET A 29 -5.83 -2.47 -4.19
CA MET A 29 -6.19 -1.50 -3.18
C MET A 29 -4.91 -0.80 -2.74
N ILE A 30 -3.93 -1.64 -2.50
CA ILE A 30 -2.65 -1.25 -2.03
C ILE A 30 -1.78 -0.62 -3.12
N ASN A 31 -1.93 -1.09 -4.36
CA ASN A 31 -1.20 -0.53 -5.50
C ASN A 31 -1.66 0.89 -5.74
N VAL A 32 -2.98 1.00 -5.75
CA VAL A 32 -3.70 2.23 -5.96
C VAL A 32 -3.37 3.25 -4.89
N ALA A 33 -3.27 2.75 -3.68
CA ALA A 33 -2.95 3.58 -2.53
C ALA A 33 -1.79 4.51 -2.81
N LEU A 34 -0.76 3.98 -3.44
CA LEU A 34 0.42 4.75 -3.72
C LEU A 34 0.23 5.64 -4.96
N GLN A 35 -0.61 5.18 -5.89
CA GLN A 35 -0.88 5.95 -7.11
C GLN A 35 -1.63 7.25 -6.80
N HIS A 36 -2.26 7.32 -5.62
CA HIS A 36 -2.96 8.53 -5.19
C HIS A 36 -2.37 9.04 -3.88
N TYR A 37 -1.03 9.04 -3.80
CA TYR A 37 -0.32 9.48 -2.62
C TYR A 37 -0.18 11.01 -2.53
N LYS A 38 0.11 11.50 -1.31
CA LYS A 38 0.31 12.91 -1.06
C LYS A 38 1.37 13.13 0.02
N ARG B 1 2.22 -7.88 10.38
CA ARG B 1 1.67 -9.09 9.70
C ARG B 1 2.35 -9.32 8.36
N TRP B 2 2.75 -10.55 8.08
CA TRP B 2 3.39 -10.89 6.82
C TRP B 2 2.33 -11.21 5.78
N LEU B 3 2.34 -10.46 4.68
CA LEU B 3 1.36 -10.64 3.61
C LEU B 3 2.02 -10.54 2.24
N CYS B 4 1.42 -11.20 1.24
CA CYS B 4 1.93 -11.14 -0.13
C CYS B 4 0.90 -10.42 -1.00
N ILE B 5 1.36 -9.44 -1.77
CA ILE B 5 0.45 -8.64 -2.60
C ILE B 5 1.03 -8.29 -3.98
N TRP B 6 0.19 -7.68 -4.83
CA TRP B 6 0.56 -7.32 -6.21
C TRP B 6 0.95 -5.84 -6.37
N LEU B 7 2.25 -5.59 -6.36
CA LEU B 7 2.81 -4.25 -6.54
C LEU B 7 3.81 -4.31 -7.69
N SER B 8 3.43 -3.78 -8.84
CA SER B 8 4.26 -3.83 -10.02
C SER B 8 5.36 -2.76 -9.99
N ASP B 9 5.93 -2.53 -11.15
CA ASP B 9 7.00 -1.56 -11.33
C ASP B 9 6.54 -0.12 -11.07
N GLN B 10 5.36 0.23 -11.59
CA GLN B 10 4.81 1.56 -11.42
C GLN B 10 4.48 1.89 -9.94
N THR B 11 4.84 1.00 -9.01
CA THR B 11 4.57 1.21 -7.61
C THR B 11 5.81 1.12 -6.71
N LEU B 12 6.66 0.14 -6.98
CA LEU B 12 7.89 -0.02 -6.23
C LEU B 12 8.79 1.14 -6.59
N GLU B 13 8.76 1.45 -7.88
CA GLU B 13 9.49 2.58 -8.43
C GLU B 13 8.86 3.85 -7.87
N ASP B 14 7.53 3.84 -7.79
CA ASP B 14 6.75 4.94 -7.25
C ASP B 14 7.32 5.36 -5.90
N LEU B 15 7.77 4.36 -5.14
CA LEU B 15 8.33 4.55 -3.84
C LEU B 15 9.80 4.97 -3.86
N GLU B 16 10.21 5.71 -4.89
CA GLU B 16 11.58 6.16 -5.01
C GLU B 16 11.86 7.39 -4.12
N LYS B 17 10.97 8.38 -4.17
CA LYS B 17 11.13 9.60 -3.40
C LYS B 17 10.16 9.71 -2.21
N MET B 18 9.22 8.76 -2.08
CA MET B 18 8.26 8.80 -0.98
C MET B 18 8.82 8.20 0.30
N ALA B 19 8.91 6.86 0.30
CA ALA B 19 9.38 6.01 1.43
C ALA B 19 10.34 6.71 2.36
N ARG B 20 11.16 7.59 1.84
CA ARG B 20 12.07 8.31 2.71
C ARG B 20 11.31 9.24 3.64
N ARG B 21 11.49 10.53 3.49
CA ARG B 21 10.81 11.50 4.32
C ARG B 21 9.28 11.38 4.21
N GLU B 22 8.81 10.77 3.12
CA GLU B 22 7.38 10.63 2.86
C GLU B 22 6.82 9.21 2.91
N GLY B 23 7.63 8.17 3.06
CA GLY B 23 7.02 6.86 3.03
C GLY B 23 7.58 5.82 3.94
N LEU B 24 8.36 6.20 4.95
CA LEU B 24 8.86 5.19 5.88
C LEU B 24 9.54 4.03 5.19
N SER B 25 9.68 2.96 5.94
CA SER B 25 10.30 1.72 5.43
C SER B 25 9.48 1.16 4.26
N LYS B 26 10.10 0.35 3.40
CA LYS B 26 9.37 -0.24 2.25
C LYS B 26 8.03 -0.84 2.68
N SER B 27 8.02 -1.52 3.84
CA SER B 27 6.81 -2.13 4.37
C SER B 27 5.91 -1.07 5.01
N GLU B 28 6.50 -0.26 5.88
CA GLU B 28 5.75 0.81 6.55
C GLU B 28 5.14 1.76 5.52
N MET B 29 5.82 1.91 4.37
CA MET B 29 5.35 2.72 3.28
C MET B 29 4.07 2.14 2.76
N ILE B 30 4.13 0.87 2.59
CA ILE B 30 3.07 0.12 2.07
C ILE B 30 1.87 0.09 3.01
N ASN B 31 2.09 0.46 4.28
CA ASN B 31 1.03 0.56 5.27
C ASN B 31 0.31 1.92 5.13
N VAL B 32 1.09 3.01 5.04
CA VAL B 32 0.57 4.34 4.88
C VAL B 32 -0.26 4.39 3.64
N ALA B 33 0.15 3.60 2.69
CA ALA B 33 -0.54 3.46 1.43
C ALA B 33 -2.03 3.46 1.63
N LEU B 34 -2.48 2.73 2.64
CA LEU B 34 -3.88 2.66 2.94
C LEU B 34 -4.35 3.87 3.73
N GLN B 35 -3.46 4.44 4.55
CA GLN B 35 -3.77 5.60 5.36
C GLN B 35 -3.54 6.94 4.62
N HIS B 36 -2.85 6.92 3.46
CA HIS B 36 -2.59 8.14 2.68
C HIS B 36 -3.22 8.10 1.27
N TYR B 37 -4.01 7.06 0.99
CA TYR B 37 -4.68 6.88 -0.29
C TYR B 37 -5.92 7.78 -0.38
N LYS B 38 -6.17 8.35 -1.57
CA LYS B 38 -7.33 9.21 -1.81
C LYS B 38 -7.29 10.48 -0.95
N ARG A 1 4.20 -8.54 -9.93
CA ARG A 1 5.34 -8.81 -9.01
C ARG A 1 4.84 -9.15 -7.59
N TRP A 2 5.02 -10.41 -7.18
CA TRP A 2 4.61 -10.83 -5.84
C TRP A 2 5.56 -10.24 -4.81
N LEU A 3 4.99 -9.53 -3.85
CA LEU A 3 5.77 -8.87 -2.81
C LEU A 3 5.21 -9.15 -1.41
N CYS A 4 6.10 -9.18 -0.42
CA CYS A 4 5.71 -9.39 0.98
C CYS A 4 6.10 -8.16 1.79
N ILE A 5 5.14 -7.62 2.54
CA ILE A 5 5.41 -6.38 3.32
C ILE A 5 4.68 -6.35 4.67
N TRP A 6 4.98 -5.31 5.46
CA TRP A 6 4.41 -5.14 6.80
C TRP A 6 3.23 -4.15 6.83
N LEU A 7 2.02 -4.70 7.04
CA LEU A 7 0.80 -3.91 7.15
C LEU A 7 0.11 -4.26 8.45
N SER A 8 -0.10 -3.27 9.31
CA SER A 8 -0.72 -3.53 10.58
C SER A 8 -2.22 -3.60 10.44
N ASP A 9 -2.87 -3.86 11.54
CA ASP A 9 -4.33 -4.01 11.59
C ASP A 9 -5.08 -2.77 11.11
N GLN A 10 -4.62 -1.59 11.54
CA GLN A 10 -5.25 -0.33 11.17
C GLN A 10 -4.86 0.10 9.76
N THR A 11 -4.81 -0.87 8.85
CA THR A 11 -4.46 -0.64 7.45
C THR A 11 -4.59 -1.89 6.61
N LEU A 12 -3.97 -2.96 7.08
CA LEU A 12 -4.04 -4.26 6.42
C LEU A 12 -5.51 -4.68 6.35
N GLU A 13 -6.26 -4.23 7.35
CA GLU A 13 -7.69 -4.46 7.45
C GLU A 13 -8.43 -3.30 6.80
N ASP A 14 -7.87 -2.09 6.99
CA ASP A 14 -8.42 -0.86 6.45
C ASP A 14 -8.82 -1.05 4.98
N LEU A 15 -8.05 -1.86 4.28
CA LEU A 15 -8.27 -2.17 2.86
C LEU A 15 -9.63 -2.78 2.58
N GLU A 16 -10.34 -3.18 3.62
CA GLU A 16 -11.68 -3.77 3.48
C GLU A 16 -12.65 -2.72 2.94
N LYS A 17 -12.84 -1.65 3.71
CA LYS A 17 -13.73 -0.56 3.32
C LYS A 17 -13.24 0.15 2.05
N MET A 18 -11.94 0.01 1.75
CA MET A 18 -11.36 0.64 0.56
C MET A 18 -11.57 -0.21 -0.67
N ALA A 19 -10.78 -1.29 -0.79
CA ALA A 19 -10.84 -2.22 -1.93
C ALA A 19 -12.30 -2.53 -2.32
N ARG A 20 -13.16 -2.75 -1.33
CA ARG A 20 -14.56 -3.08 -1.60
C ARG A 20 -15.30 -1.93 -2.25
N ARG A 21 -15.53 -0.88 -1.48
CA ARG A 21 -16.22 0.30 -1.95
C ARG A 21 -15.57 0.84 -3.23
N GLU A 22 -14.26 0.65 -3.34
CA GLU A 22 -13.49 1.10 -4.50
C GLU A 22 -13.55 0.09 -5.66
N GLY A 23 -14.07 -1.12 -5.39
CA GLY A 23 -14.13 -2.13 -6.42
C GLY A 23 -12.77 -2.76 -6.68
N LEU A 24 -11.78 -2.38 -5.86
CA LEU A 24 -10.43 -2.87 -5.96
C LEU A 24 -10.27 -4.22 -5.26
N SER A 25 -9.11 -4.82 -5.46
CA SER A 25 -8.76 -6.09 -4.85
C SER A 25 -7.59 -5.89 -3.88
N LYS A 26 -7.31 -6.89 -3.04
CA LYS A 26 -6.21 -6.79 -2.05
C LYS A 26 -4.95 -6.18 -2.65
N SER A 27 -4.62 -6.54 -3.90
CA SER A 27 -3.42 -6.02 -4.57
C SER A 27 -3.68 -4.67 -5.21
N GLU A 28 -4.72 -4.57 -6.04
CA GLU A 28 -5.06 -3.31 -6.71
C GLU A 28 -5.41 -2.22 -5.70
N MET A 29 -5.60 -2.61 -4.43
CA MET A 29 -5.89 -1.69 -3.35
C MET A 29 -4.57 -1.20 -2.80
N ILE A 30 -3.73 -2.16 -2.56
CA ILE A 30 -2.44 -1.93 -2.03
C ILE A 30 -1.53 -1.20 -3.03
N ASN A 31 -1.83 -1.32 -4.31
CA ASN A 31 -1.09 -0.62 -5.35
C ASN A 31 -1.49 0.87 -5.37
N VAL A 32 -2.81 1.13 -5.33
CA VAL A 32 -3.35 2.49 -5.30
C VAL A 32 -2.79 3.23 -4.13
N ALA A 33 -2.63 2.48 -3.05
CA ALA A 33 -2.07 2.98 -1.81
C ALA A 33 -0.98 3.98 -2.07
N LEU A 34 -0.08 3.61 -2.96
CA LEU A 34 1.04 4.43 -3.29
C LEU A 34 0.68 5.49 -4.33
N GLN A 35 -0.30 5.19 -5.18
CA GLN A 35 -0.74 6.11 -6.22
C GLN A 35 -1.82 7.10 -5.72
N HIS A 36 -2.38 6.85 -4.51
CA HIS A 36 -3.41 7.72 -3.94
C HIS A 36 -3.08 8.19 -2.50
N TYR A 37 -1.82 8.03 -2.09
CA TYR A 37 -1.35 8.45 -0.76
C TYR A 37 -1.04 9.95 -0.76
N LYS A 38 -1.35 10.64 0.34
CA LYS A 38 -1.10 12.07 0.46
C LYS A 38 -1.87 12.90 -0.57
N ARG B 1 1.39 -7.18 9.85
CA ARG B 1 1.06 -8.50 9.22
C ARG B 1 1.84 -8.71 7.93
N TRP B 2 2.44 -9.90 7.79
CA TRP B 2 3.18 -10.23 6.58
C TRP B 2 2.23 -10.83 5.57
N LEU B 3 2.07 -10.14 4.44
CA LEU B 3 1.17 -10.59 3.39
C LEU B 3 1.83 -10.54 2.02
N CYS B 4 1.33 -11.36 1.10
CA CYS B 4 1.84 -11.40 -0.28
C CYS B 4 0.71 -11.09 -1.25
N ILE B 5 0.96 -10.17 -2.18
CA ILE B 5 -0.08 -9.78 -3.14
C ILE B 5 0.51 -9.32 -4.49
N TRP B 6 -0.37 -8.91 -5.41
CA TRP B 6 0.07 -8.51 -6.76
C TRP B 6 0.30 -6.99 -6.95
N LEU B 7 1.55 -6.59 -6.76
CA LEU B 7 1.98 -5.19 -6.94
C LEU B 7 3.15 -5.21 -7.93
N SER B 8 2.93 -4.70 -9.14
CA SER B 8 3.94 -4.73 -10.19
C SER B 8 5.17 -3.83 -9.90
N ASP B 9 5.50 -2.97 -10.86
CA ASP B 9 6.68 -2.11 -10.74
C ASP B 9 6.36 -0.65 -10.39
N GLN B 10 5.30 -0.12 -10.99
CA GLN B 10 4.89 1.26 -10.76
C GLN B 10 4.27 1.46 -9.37
N THR B 11 4.87 0.83 -8.37
CA THR B 11 4.41 0.92 -7.00
C THR B 11 5.45 0.48 -5.96
N LEU B 12 6.13 -0.63 -6.22
CA LEU B 12 7.19 -1.09 -5.33
C LEU B 12 8.35 -0.13 -5.52
N GLU B 13 8.56 0.20 -6.79
CA GLU B 13 9.56 1.15 -7.21
C GLU B 13 9.08 2.55 -6.87
N ASP B 14 7.76 2.73 -7.01
CA ASP B 14 7.09 3.99 -6.73
C ASP B 14 7.55 4.54 -5.38
N LEU B 15 7.79 3.64 -4.43
CA LEU B 15 8.22 3.99 -3.08
C LEU B 15 9.66 4.49 -2.99
N GLU B 16 10.36 4.50 -4.11
CA GLU B 16 11.74 4.99 -4.15
C GLU B 16 11.76 6.51 -4.00
N LYS B 17 10.77 7.16 -4.61
CA LYS B 17 10.63 8.60 -4.56
C LYS B 17 9.74 9.03 -3.38
N MET B 18 9.08 8.05 -2.73
CA MET B 18 8.20 8.34 -1.61
C MET B 18 8.89 8.04 -0.27
N ALA B 19 9.01 6.75 0.07
CA ALA B 19 9.65 6.32 1.32
C ALA B 19 10.92 7.12 1.60
N ARG B 20 11.74 7.33 0.57
CA ARG B 20 12.98 8.07 0.71
C ARG B 20 12.73 9.52 1.09
N ARG B 21 12.17 10.26 0.15
CA ARG B 21 11.85 11.65 0.32
C ARG B 21 11.01 11.87 1.60
N GLU B 22 10.23 10.86 1.95
CA GLU B 22 9.37 10.89 3.13
C GLU B 22 10.07 10.36 4.38
N GLY B 23 11.28 9.78 4.23
CA GLY B 23 11.99 9.24 5.37
C GLY B 23 11.36 7.93 5.87
N LEU B 24 10.39 7.44 5.10
CA LEU B 24 9.69 6.21 5.41
C LEU B 24 10.43 4.98 4.89
N SER B 25 9.92 3.82 5.27
CA SER B 25 10.47 2.52 4.85
C SER B 25 9.49 1.85 3.88
N LYS B 26 9.95 0.82 3.17
CA LYS B 26 9.09 0.11 2.20
C LYS B 26 7.70 -0.21 2.79
N SER B 27 7.66 -0.66 4.04
CA SER B 27 6.39 -0.99 4.70
C SER B 27 5.72 0.24 5.31
N GLU B 28 6.50 1.03 6.06
CA GLU B 28 5.96 2.25 6.67
C GLU B 28 5.52 3.27 5.61
N MET B 29 5.89 3.00 4.35
CA MET B 29 5.53 3.83 3.21
C MET B 29 4.17 3.38 2.74
N ILE B 30 4.07 2.08 2.61
CA ILE B 30 2.91 1.41 2.15
C ILE B 30 1.78 1.37 3.18
N ASN B 31 2.12 1.28 4.46
CA ASN B 31 1.13 1.29 5.54
C ASN B 31 0.45 2.66 5.57
N VAL B 32 1.32 3.65 5.53
CA VAL B 32 0.97 5.04 5.56
C VAL B 32 0.06 5.40 4.41
N ALA B 33 0.43 4.91 3.24
CA ALA B 33 -0.34 5.16 2.03
C ALA B 33 -1.82 4.90 2.24
N LEU B 34 -2.12 3.87 3.04
CA LEU B 34 -3.49 3.49 3.28
C LEU B 34 -4.16 4.35 4.34
N GLN B 35 -3.36 4.89 5.28
CA GLN B 35 -3.90 5.70 6.36
C GLN B 35 -4.17 7.16 5.95
N HIS B 36 -3.66 7.59 4.79
CA HIS B 36 -3.90 8.97 4.33
C HIS B 36 -4.66 8.99 3.00
N TYR B 37 -5.49 7.97 2.78
CA TYR B 37 -6.27 7.89 1.54
C TYR B 37 -7.78 7.76 1.83
N LYS B 38 -8.59 8.14 0.84
CA LYS B 38 -10.03 8.07 0.91
C LYS B 38 -10.61 9.03 1.94
N ARG A 1 4.14 -8.36 -9.26
CA ARG A 1 5.33 -8.58 -8.39
C ARG A 1 4.92 -9.06 -7.00
N TRP A 2 5.47 -10.21 -6.58
CA TRP A 2 5.15 -10.73 -5.25
C TRP A 2 6.04 -10.05 -4.22
N LEU A 3 5.41 -9.40 -3.25
CA LEU A 3 6.14 -8.68 -2.21
C LEU A 3 5.62 -9.02 -0.82
N CYS A 4 6.49 -8.93 0.18
CA CYS A 4 6.14 -9.21 1.57
C CYS A 4 6.59 -8.05 2.45
N ILE A 5 5.63 -7.47 3.20
CA ILE A 5 5.94 -6.32 4.05
C ILE A 5 5.10 -6.29 5.35
N TRP A 6 5.38 -5.32 6.22
CA TRP A 6 4.70 -5.20 7.52
C TRP A 6 3.51 -4.22 7.51
N LEU A 7 2.30 -4.79 7.46
CA LEU A 7 1.04 -4.03 7.49
C LEU A 7 0.12 -4.63 8.55
N SER A 8 -0.12 -3.88 9.63
CA SER A 8 -0.94 -4.37 10.73
C SER A 8 -2.42 -4.26 10.42
N ASP A 9 -3.20 -4.66 11.43
CA ASP A 9 -4.66 -4.67 11.37
C ASP A 9 -5.25 -3.35 10.87
N GLN A 10 -4.92 -2.26 11.55
CA GLN A 10 -5.43 -0.94 11.20
C GLN A 10 -5.38 -0.67 9.69
N THR A 11 -4.35 -1.21 9.02
CA THR A 11 -4.20 -1.00 7.58
C THR A 11 -4.75 -2.11 6.71
N LEU A 12 -4.89 -3.31 7.25
CA LEU A 12 -5.49 -4.40 6.50
C LEU A 12 -6.97 -4.10 6.44
N GLU A 13 -7.45 -3.61 7.59
CA GLU A 13 -8.82 -3.16 7.74
C GLU A 13 -9.02 -2.00 6.79
N ASP A 14 -7.98 -1.14 6.73
CA ASP A 14 -7.96 0.01 5.85
C ASP A 14 -8.33 -0.44 4.45
N LEU A 15 -7.72 -1.55 4.04
CA LEU A 15 -7.94 -2.16 2.73
C LEU A 15 -9.08 -3.19 2.75
N GLU A 16 -10.07 -2.99 3.62
CA GLU A 16 -11.21 -3.89 3.73
C GLU A 16 -12.50 -3.18 3.28
N LYS A 17 -12.74 -1.99 3.83
CA LYS A 17 -13.91 -1.21 3.48
C LYS A 17 -13.63 -0.29 2.29
N MET A 18 -12.37 0.13 2.13
CA MET A 18 -11.96 0.99 1.04
C MET A 18 -11.30 0.20 -0.10
N ALA A 19 -11.49 -1.13 -0.10
CA ALA A 19 -10.94 -2.01 -1.14
C ALA A 19 -11.97 -2.39 -2.18
N ARG A 20 -13.25 -2.23 -1.89
CA ARG A 20 -14.27 -2.59 -2.85
C ARG A 20 -14.22 -1.63 -4.05
N ARG A 21 -15.33 -1.01 -4.40
CA ARG A 21 -15.36 -0.08 -5.49
C ARG A 21 -14.28 0.99 -5.31
N GLU A 22 -13.86 1.17 -4.06
CA GLU A 22 -12.85 2.16 -3.70
C GLU A 22 -11.44 1.62 -3.64
N GLY A 23 -11.24 0.30 -3.49
CA GLY A 23 -9.86 -0.16 -3.39
C GLY A 23 -9.54 -1.43 -4.15
N LEU A 24 -10.38 -1.84 -5.08
CA LEU A 24 -10.04 -3.01 -5.88
C LEU A 24 -9.70 -4.26 -5.06
N SER A 25 -9.16 -5.23 -5.77
CA SER A 25 -8.74 -6.50 -5.16
C SER A 25 -7.77 -6.24 -3.99
N LYS A 26 -7.73 -7.16 -3.02
CA LYS A 26 -6.83 -7.00 -1.85
C LYS A 26 -5.45 -6.52 -2.28
N SER A 27 -4.94 -7.07 -3.39
CA SER A 27 -3.63 -6.69 -3.92
C SER A 27 -3.72 -5.35 -4.63
N GLU A 28 -4.68 -5.24 -5.55
CA GLU A 28 -4.87 -4.00 -6.31
C GLU A 28 -5.06 -2.82 -5.37
N MET A 29 -5.72 -3.04 -4.22
CA MET A 29 -5.91 -2.00 -3.22
C MET A 29 -4.56 -1.51 -2.76
N ILE A 30 -3.73 -2.47 -2.52
CA ILE A 30 -2.43 -2.26 -2.03
C ILE A 30 -1.52 -1.55 -3.05
N ASN A 31 -1.91 -1.61 -4.32
CA ASN A 31 -1.16 -0.92 -5.38
C ASN A 31 -1.54 0.57 -5.42
N VAL A 32 -2.85 0.84 -5.39
CA VAL A 32 -3.37 2.19 -5.39
C VAL A 32 -2.85 2.92 -4.19
N ALA A 33 -2.65 2.15 -3.15
CA ALA A 33 -2.10 2.62 -1.90
C ALA A 33 -1.01 3.62 -2.14
N LEU A 34 -0.11 3.27 -3.04
CA LEU A 34 1.01 4.12 -3.35
C LEU A 34 0.62 5.22 -4.34
N GLN A 35 -0.42 4.96 -5.13
CA GLN A 35 -0.92 5.90 -6.11
C GLN A 35 -2.03 6.83 -5.56
N HIS A 36 -2.52 6.56 -4.33
CA HIS A 36 -3.57 7.39 -3.70
C HIS A 36 -3.14 7.87 -2.29
N TYR A 37 -1.84 7.79 -2.00
CA TYR A 37 -1.27 8.21 -0.71
C TYR A 37 -0.92 9.70 -0.69
N LYS A 38 -1.24 10.38 0.42
CA LYS A 38 -0.92 11.79 0.58
C LYS A 38 -0.04 12.02 1.82
N ARG B 1 1.59 -7.34 10.26
CA ARG B 1 1.16 -8.58 9.57
C ARG B 1 1.92 -8.78 8.26
N TRP B 2 2.54 -9.96 8.10
CA TRP B 2 3.26 -10.25 6.87
C TRP B 2 2.28 -10.70 5.81
N LEU B 3 2.23 -9.96 4.70
CA LEU B 3 1.32 -10.26 3.61
C LEU B 3 2.04 -10.34 2.27
N CYS B 4 1.56 -11.24 1.41
CA CYS B 4 2.14 -11.41 0.07
C CYS B 4 1.03 -11.26 -0.96
N ILE B 5 1.21 -10.32 -1.90
CA ILE B 5 0.17 -10.05 -2.91
C ILE B 5 0.76 -9.61 -4.26
N TRP B 6 -0.12 -9.34 -5.23
CA TRP B 6 0.32 -8.97 -6.59
C TRP B 6 0.29 -7.46 -6.87
N LEU B 7 1.48 -6.86 -6.84
CA LEU B 7 1.70 -5.44 -7.14
C LEU B 7 2.81 -5.33 -8.17
N SER B 8 2.47 -4.95 -9.40
CA SER B 8 3.46 -4.85 -10.47
C SER B 8 4.28 -3.57 -10.35
N ASP B 9 4.45 -2.86 -11.46
CA ASP B 9 5.25 -1.64 -11.48
C ASP B 9 4.40 -0.39 -11.18
N GLN B 10 4.85 0.78 -11.65
CA GLN B 10 4.16 2.04 -11.46
C GLN B 10 3.51 2.16 -10.09
N THR B 11 4.27 1.78 -9.05
CA THR B 11 3.81 1.85 -7.66
C THR B 11 4.86 1.38 -6.67
N LEU B 12 5.48 0.24 -6.93
CA LEU B 12 6.56 -0.22 -6.08
C LEU B 12 7.72 0.73 -6.31
N GLU B 13 7.86 1.09 -7.59
CA GLU B 13 8.84 2.05 -8.04
C GLU B 13 8.43 3.42 -7.52
N ASP B 14 7.12 3.65 -7.56
CA ASP B 14 6.51 4.89 -7.11
C ASP B 14 7.05 5.28 -5.72
N LEU B 15 7.34 4.24 -4.91
CA LEU B 15 7.86 4.42 -3.56
C LEU B 15 9.25 5.07 -3.51
N GLU B 16 9.86 5.28 -4.68
CA GLU B 16 11.18 5.91 -4.76
C GLU B 16 11.14 7.32 -4.20
N LYS B 17 10.24 8.14 -4.74
CA LYS B 17 10.08 9.51 -4.29
C LYS B 17 9.24 9.61 -3.01
N MET B 18 8.80 8.46 -2.48
CA MET B 18 7.98 8.44 -1.27
C MET B 18 8.78 7.93 -0.07
N ALA B 19 8.87 6.61 0.09
CA ALA B 19 9.61 6.00 1.22
C ALA B 19 10.94 6.69 1.49
N ARG B 20 11.68 7.00 0.42
CA ARG B 20 12.98 7.66 0.57
C ARG B 20 12.81 9.10 1.02
N ARG B 21 12.23 9.90 0.14
CA ARG B 21 11.98 11.30 0.42
C ARG B 21 11.25 11.50 1.74
N GLU B 22 10.40 10.53 2.09
CA GLU B 22 9.63 10.56 3.33
C GLU B 22 10.38 9.94 4.51
N GLY B 23 11.51 9.26 4.23
CA GLY B 23 12.26 8.61 5.29
C GLY B 23 11.57 7.32 5.74
N LEU B 24 10.51 6.95 5.02
CA LEU B 24 9.74 5.75 5.32
C LEU B 24 10.43 4.49 4.79
N SER B 25 9.87 3.36 5.16
CA SER B 25 10.36 2.04 4.74
C SER B 25 9.31 1.39 3.81
N LYS B 26 9.71 0.34 3.09
CA LYS B 26 8.79 -0.34 2.15
C LYS B 26 7.41 -0.59 2.79
N SER B 27 7.37 -0.96 4.07
CA SER B 27 6.11 -1.23 4.76
C SER B 27 5.47 0.04 5.29
N GLU B 28 6.25 0.84 6.03
CA GLU B 28 5.76 2.10 6.58
C GLU B 28 5.39 3.09 5.45
N MET B 29 5.78 2.76 4.22
CA MET B 29 5.48 3.55 3.05
C MET B 29 4.11 3.13 2.55
N ILE B 30 3.95 1.84 2.49
CA ILE B 30 2.79 1.18 2.03
C ILE B 30 1.63 1.22 3.03
N ASN B 31 1.95 1.20 4.34
CA ASN B 31 0.93 1.28 5.38
C ASN B 31 0.33 2.67 5.41
N VAL B 32 1.22 3.63 5.44
CA VAL B 32 0.93 5.03 5.48
C VAL B 32 0.06 5.40 4.30
N ALA B 33 0.43 4.86 3.16
CA ALA B 33 -0.29 5.10 1.93
C ALA B 33 -1.78 4.90 2.09
N LEU B 34 -2.17 3.99 2.99
CA LEU B 34 -3.56 3.70 3.17
C LEU B 34 -4.21 4.59 4.21
N GLN B 35 -3.47 4.99 5.24
CA GLN B 35 -4.00 5.85 6.28
C GLN B 35 -4.23 7.29 5.78
N HIS B 36 -3.65 7.61 4.61
CA HIS B 36 -3.86 8.93 3.99
C HIS B 36 -4.58 8.72 2.65
N TYR B 37 -5.55 7.81 2.67
CA TYR B 37 -6.32 7.46 1.49
C TYR B 37 -7.50 8.41 1.23
N LYS B 38 -8.04 8.37 0.00
CA LYS B 38 -9.15 9.18 -0.40
C LYS B 38 -10.09 8.41 -1.35
N ARG A 1 4.30 -7.53 -9.72
CA ARG A 1 5.30 -8.30 -8.91
C ARG A 1 4.71 -8.80 -7.61
N TRP A 2 5.39 -9.78 -7.02
CA TRP A 2 4.97 -10.34 -5.75
C TRP A 2 5.90 -9.81 -4.65
N LEU A 3 5.33 -9.02 -3.77
CA LEU A 3 6.07 -8.39 -2.68
C LEU A 3 5.51 -8.75 -1.31
N CYS A 4 6.41 -8.95 -0.35
CA CYS A 4 6.03 -9.26 1.03
C CYS A 4 6.64 -8.24 1.98
N ILE A 5 5.81 -7.66 2.85
CA ILE A 5 6.31 -6.63 3.78
C ILE A 5 5.55 -6.63 5.11
N TRP A 6 5.96 -5.72 6.02
CA TRP A 6 5.36 -5.65 7.38
C TRP A 6 4.24 -4.61 7.51
N LEU A 7 3.01 -5.05 7.26
CA LEU A 7 1.82 -4.20 7.39
C LEU A 7 0.89 -4.80 8.44
N SER A 8 0.92 -4.24 9.65
CA SER A 8 0.12 -4.72 10.75
C SER A 8 -1.35 -4.32 10.57
N ASP A 9 -1.97 -3.84 11.65
CA ASP A 9 -3.37 -3.44 11.60
C ASP A 9 -3.53 -2.06 10.95
N GLN A 10 -4.65 -1.36 11.27
CA GLN A 10 -4.93 -0.04 10.74
C GLN A 10 -4.42 0.15 9.31
N THR A 11 -4.67 -0.87 8.48
CA THR A 11 -4.26 -0.86 7.07
C THR A 11 -4.82 -2.06 6.31
N LEU A 12 -4.64 -3.24 6.87
CA LEU A 12 -5.21 -4.45 6.30
C LEU A 12 -6.69 -4.41 6.63
N GLU A 13 -6.94 -3.99 7.87
CA GLU A 13 -8.28 -3.79 8.38
C GLU A 13 -8.82 -2.49 7.83
N ASP A 14 -7.93 -1.49 7.78
CA ASP A 14 -8.25 -0.17 7.24
C ASP A 14 -8.89 -0.29 5.86
N LEU A 15 -8.59 -1.42 5.19
CA LEU A 15 -9.08 -1.74 3.90
C LEU A 15 -10.54 -2.23 3.93
N GLU A 16 -11.36 -1.59 4.73
CA GLU A 16 -12.77 -1.97 4.84
C GLU A 16 -13.64 -1.19 3.84
N LYS A 17 -13.47 0.14 3.77
CA LYS A 17 -14.25 0.97 2.87
C LYS A 17 -13.47 1.39 1.62
N MET A 18 -12.46 0.62 1.21
CA MET A 18 -11.67 0.96 0.03
C MET A 18 -11.82 -0.11 -1.06
N ALA A 19 -11.00 -1.16 -0.99
CA ALA A 19 -11.01 -2.27 -1.94
C ALA A 19 -12.44 -2.67 -2.30
N ARG A 20 -13.30 -2.80 -1.28
CA ARG A 20 -14.69 -3.18 -1.49
C ARG A 20 -15.45 -2.10 -2.26
N ARG A 21 -15.61 -0.97 -1.61
CA ARG A 21 -16.30 0.17 -2.18
C ARG A 21 -15.73 0.53 -3.56
N GLU A 22 -14.42 0.29 -3.71
CA GLU A 22 -13.70 0.58 -4.96
C GLU A 22 -13.78 -0.59 -5.96
N GLY A 23 -14.23 -1.76 -5.49
CA GLY A 23 -14.30 -2.91 -6.38
C GLY A 23 -12.93 -3.57 -6.55
N LEU A 24 -11.95 -3.06 -5.81
CA LEU A 24 -10.58 -3.55 -5.85
C LEU A 24 -10.41 -4.79 -4.96
N SER A 25 -9.24 -5.39 -5.07
CA SER A 25 -8.87 -6.56 -4.27
C SER A 25 -7.66 -6.20 -3.39
N LYS A 26 -7.34 -7.07 -2.42
CA LYS A 26 -6.21 -6.82 -1.51
C LYS A 26 -4.95 -6.34 -2.25
N SER A 27 -4.68 -6.88 -3.43
CA SER A 27 -3.51 -6.50 -4.22
C SER A 27 -3.74 -5.20 -4.99
N GLU A 28 -4.79 -5.18 -5.81
CA GLU A 28 -5.13 -3.99 -6.59
C GLU A 28 -5.45 -2.80 -5.68
N MET A 29 -5.70 -3.10 -4.40
CA MET A 29 -5.96 -2.09 -3.39
C MET A 29 -4.65 -1.55 -2.91
N ILE A 30 -3.78 -2.46 -2.67
CA ILE A 30 -2.49 -2.17 -2.19
C ILE A 30 -1.67 -1.39 -3.22
N ASN A 31 -2.08 -1.47 -4.49
CA ASN A 31 -1.46 -0.71 -5.57
C ASN A 31 -1.95 0.74 -5.51
N VAL A 32 -3.28 0.93 -5.49
CA VAL A 32 -3.89 2.25 -5.40
C VAL A 32 -3.30 3.00 -4.24
N ALA A 33 -2.96 2.23 -3.23
CA ALA A 33 -2.32 2.71 -2.02
C ALA A 33 -1.29 3.77 -2.33
N LEU A 34 -0.51 3.48 -3.36
CA LEU A 34 0.53 4.38 -3.78
C LEU A 34 -0.05 5.52 -4.63
N GLN A 35 -1.15 5.23 -5.33
CA GLN A 35 -1.82 6.20 -6.18
C GLN A 35 -2.71 7.18 -5.39
N HIS A 36 -3.30 6.77 -4.25
CA HIS A 36 -4.12 7.68 -3.44
C HIS A 36 -3.31 8.40 -2.37
N TYR A 37 -2.33 7.70 -1.78
CA TYR A 37 -1.48 8.28 -0.74
C TYR A 37 -0.98 9.68 -1.14
N LYS A 38 -0.95 10.59 -0.16
CA LYS A 38 -0.47 11.95 -0.35
C LYS A 38 -1.36 12.73 -1.32
N ARG B 1 2.37 -7.61 10.37
CA ARG B 1 1.74 -8.72 9.60
C ARG B 1 2.39 -8.87 8.23
N TRP B 2 2.80 -10.10 7.89
CA TRP B 2 3.41 -10.36 6.59
C TRP B 2 2.32 -10.55 5.55
N LEU B 3 2.34 -9.68 4.55
CA LEU B 3 1.35 -9.71 3.47
C LEU B 3 2.03 -9.76 2.10
N CYS B 4 1.52 -10.65 1.24
CA CYS B 4 2.02 -10.79 -0.13
C CYS B 4 0.94 -10.31 -1.10
N ILE B 5 1.32 -9.45 -2.05
CA ILE B 5 0.33 -8.90 -3.00
C ILE B 5 0.95 -8.48 -4.34
N TRP B 6 0.07 -8.19 -5.31
CA TRP B 6 0.48 -7.80 -6.67
C TRP B 6 0.70 -6.29 -6.83
N LEU B 7 1.98 -5.90 -6.80
CA LEU B 7 2.42 -4.52 -7.01
C LEU B 7 3.62 -4.57 -7.95
N SER B 8 3.49 -4.01 -9.16
CA SER B 8 4.56 -4.08 -10.14
C SER B 8 5.50 -2.88 -10.07
N ASP B 9 6.36 -2.81 -11.09
CA ASP B 9 7.38 -1.76 -11.22
C ASP B 9 6.84 -0.36 -10.90
N GLN B 10 5.84 0.07 -11.65
CA GLN B 10 5.24 1.39 -11.47
C GLN B 10 4.92 1.70 -10.00
N THR B 11 4.73 0.66 -9.19
CA THR B 11 4.38 0.84 -7.80
C THR B 11 5.54 0.61 -6.82
N LEU B 12 6.50 -0.22 -7.20
CA LEU B 12 7.66 -0.48 -6.36
C LEU B 12 8.54 0.75 -6.43
N GLU B 13 8.63 1.27 -7.65
CA GLU B 13 9.35 2.50 -7.92
C GLU B 13 8.69 3.63 -7.15
N ASP B 14 7.35 3.60 -7.17
CA ASP B 14 6.54 4.58 -6.49
C ASP B 14 7.01 4.77 -5.05
N LEU B 15 7.37 3.66 -4.41
CA LEU B 15 7.82 3.65 -3.03
C LEU B 15 9.29 4.08 -2.87
N GLU B 16 9.74 4.99 -3.74
CA GLU B 16 11.10 5.51 -3.67
C GLU B 16 11.08 6.90 -3.05
N LYS B 17 10.30 7.80 -3.64
CA LYS B 17 10.17 9.16 -3.15
C LYS B 17 9.18 9.25 -1.97
N MET B 18 8.26 8.30 -1.91
CA MET B 18 7.25 8.26 -0.84
C MET B 18 7.78 7.51 0.39
N ALA B 19 8.79 6.68 0.18
CA ALA B 19 9.40 5.91 1.28
C ALA B 19 10.73 6.55 1.70
N ARG B 20 11.74 6.47 0.83
CA ARG B 20 13.06 7.03 1.14
C ARG B 20 12.99 8.51 1.45
N ARG B 21 12.63 9.28 0.45
CA ARG B 21 12.52 10.72 0.57
C ARG B 21 11.67 11.11 1.80
N GLU B 22 10.67 10.29 2.10
CA GLU B 22 9.78 10.52 3.24
C GLU B 22 10.36 9.97 4.54
N GLY B 23 11.43 9.18 4.46
CA GLY B 23 12.02 8.59 5.65
C GLY B 23 11.38 7.24 5.99
N LEU B 24 10.30 6.92 5.26
CA LEU B 24 9.57 5.67 5.45
C LEU B 24 10.33 4.48 4.89
N SER B 25 9.78 3.30 5.14
CA SER B 25 10.33 2.03 4.67
C SER B 25 9.31 1.34 3.76
N LYS B 26 9.75 0.31 3.02
CA LYS B 26 8.85 -0.42 2.09
C LYS B 26 7.48 -0.72 2.73
N SER B 27 7.47 -1.09 4.02
CA SER B 27 6.22 -1.41 4.71
C SER B 27 5.55 -0.15 5.24
N GLU B 28 6.29 0.65 6.02
CA GLU B 28 5.75 1.90 6.56
C GLU B 28 5.36 2.87 5.43
N MET B 29 5.74 2.52 4.19
CA MET B 29 5.41 3.28 3.01
C MET B 29 4.03 2.84 2.54
N ILE B 30 3.91 1.53 2.48
CA ILE B 30 2.74 0.86 2.03
C ILE B 30 1.60 0.87 3.05
N ASN B 31 1.94 0.89 4.35
CA ASN B 31 0.92 0.96 5.40
C ASN B 31 0.28 2.34 5.39
N VAL B 32 1.16 3.32 5.39
CA VAL B 32 0.83 4.72 5.38
C VAL B 32 -0.03 5.07 4.19
N ALA B 33 0.35 4.54 3.06
CA ALA B 33 -0.37 4.77 1.82
C ALA B 33 -1.87 4.63 2.00
N LEU B 34 -2.26 3.60 2.76
CA LEU B 34 -3.65 3.33 2.97
C LEU B 34 -4.26 4.22 4.05
N GLN B 35 -3.42 4.65 5.01
CA GLN B 35 -3.87 5.51 6.10
C GLN B 35 -4.21 6.93 5.61
N HIS B 36 -3.72 7.30 4.42
CA HIS B 36 -4.01 8.62 3.86
C HIS B 36 -4.76 8.49 2.52
N TYR B 37 -5.73 7.57 2.47
CA TYR B 37 -6.54 7.33 1.28
C TYR B 37 -7.23 8.61 0.78
N LYS B 38 -7.87 8.51 -0.39
CA LYS B 38 -8.59 9.61 -0.99
C LYS B 38 -7.66 10.69 -1.54
N ARG A 1 3.97 -7.28 -9.18
CA ARG A 1 4.99 -8.13 -8.48
C ARG A 1 4.46 -8.65 -7.15
N TRP A 2 5.20 -9.58 -6.56
CA TRP A 2 4.83 -10.14 -5.27
C TRP A 2 5.88 -9.75 -4.24
N LEU A 3 5.50 -8.84 -3.36
CA LEU A 3 6.38 -8.33 -2.31
C LEU A 3 5.77 -8.56 -0.93
N CYS A 4 6.62 -8.92 0.02
CA CYS A 4 6.18 -9.13 1.41
C CYS A 4 6.68 -7.98 2.29
N ILE A 5 5.79 -7.46 3.15
CA ILE A 5 6.15 -6.33 4.01
C ILE A 5 5.36 -6.32 5.33
N TRP A 6 5.64 -5.30 6.15
CA TRP A 6 5.01 -5.16 7.48
C TRP A 6 3.77 -4.26 7.48
N LEU A 7 2.61 -4.86 7.24
CA LEU A 7 1.33 -4.14 7.25
C LEU A 7 0.35 -4.91 8.14
N SER A 8 0.18 -4.42 9.37
CA SER A 8 -0.67 -5.08 10.33
C SER A 8 -2.15 -4.98 9.97
N ASP A 9 -2.97 -5.40 10.92
CA ASP A 9 -4.42 -5.43 10.79
C ASP A 9 -5.00 -4.03 10.53
N GLN A 10 -4.43 -3.04 11.20
CA GLN A 10 -4.87 -1.66 11.08
C GLN A 10 -4.39 -1.03 9.77
N THR A 11 -4.50 -1.80 8.68
CA THR A 11 -4.11 -1.34 7.35
C THR A 11 -4.53 -2.26 6.22
N LEU A 12 -4.59 -3.57 6.45
CA LEU A 12 -5.04 -4.51 5.44
C LEU A 12 -6.56 -4.51 5.48
N GLU A 13 -7.07 -4.53 6.71
CA GLU A 13 -8.49 -4.50 7.03
C GLU A 13 -8.95 -3.04 7.16
N ASP A 14 -8.00 -2.21 7.59
CA ASP A 14 -8.19 -0.79 7.85
C ASP A 14 -8.94 -0.06 6.72
N LEU A 15 -9.07 -0.70 5.55
CA LEU A 15 -9.79 -0.05 4.47
C LEU A 15 -10.69 -1.03 3.69
N GLU A 16 -11.45 -1.83 4.41
CA GLU A 16 -12.37 -2.78 3.79
C GLU A 16 -13.24 -2.08 2.73
N LYS A 17 -13.49 -0.79 2.91
CA LYS A 17 -14.28 -0.01 1.96
C LYS A 17 -13.52 0.23 0.66
N MET A 18 -12.27 0.68 0.76
CA MET A 18 -11.44 0.95 -0.41
C MET A 18 -11.26 -0.30 -1.27
N ALA A 19 -11.31 -1.45 -0.63
CA ALA A 19 -11.15 -2.72 -1.34
C ALA A 19 -12.50 -3.40 -1.66
N ARG A 20 -13.28 -3.73 -0.64
CA ARG A 20 -14.57 -4.40 -0.86
C ARG A 20 -15.59 -3.48 -1.49
N ARG A 21 -16.03 -2.50 -0.72
CA ARG A 21 -17.01 -1.54 -1.16
C ARG A 21 -16.65 -0.94 -2.52
N GLU A 22 -15.35 -0.82 -2.79
CA GLU A 22 -14.86 -0.26 -4.06
C GLU A 22 -14.77 -1.33 -5.15
N GLY A 23 -14.83 -2.61 -4.77
CA GLY A 23 -14.72 -3.69 -5.74
C GLY A 23 -13.27 -4.09 -5.97
N LEU A 24 -12.35 -3.38 -5.31
CA LEU A 24 -10.93 -3.63 -5.42
C LEU A 24 -10.52 -4.89 -4.67
N SER A 25 -9.23 -5.20 -4.76
CA SER A 25 -8.63 -6.34 -4.09
C SER A 25 -7.58 -5.84 -3.09
N LYS A 26 -7.15 -6.71 -2.18
CA LYS A 26 -6.15 -6.31 -1.16
C LYS A 26 -4.96 -5.57 -1.78
N SER A 27 -4.54 -5.99 -2.97
CA SER A 27 -3.41 -5.37 -3.66
C SER A 27 -3.85 -4.16 -4.49
N GLU A 28 -4.87 -4.34 -5.32
CA GLU A 28 -5.38 -3.25 -6.15
C GLU A 28 -5.89 -2.09 -5.29
N MET A 29 -6.01 -2.31 -3.97
CA MET A 29 -6.42 -1.26 -3.05
C MET A 29 -5.20 -0.49 -2.67
N ILE A 30 -4.16 -1.25 -2.44
CA ILE A 30 -2.90 -0.76 -2.01
C ILE A 30 -2.10 -0.12 -3.13
N ASN A 31 -2.11 -0.71 -4.32
CA ASN A 31 -1.41 -0.11 -5.47
C ASN A 31 -1.95 1.29 -5.70
N VAL A 32 -3.27 1.34 -5.65
CA VAL A 32 -4.05 2.53 -5.84
C VAL A 32 -3.70 3.58 -4.80
N ALA A 33 -3.55 3.12 -3.58
CA ALA A 33 -3.19 4.02 -2.49
C ALA A 33 -1.84 4.66 -2.75
N LEU A 34 -0.93 3.88 -3.33
CA LEU A 34 0.40 4.39 -3.61
C LEU A 34 0.37 5.41 -4.73
N GLN A 35 -0.63 5.27 -5.61
CA GLN A 35 -0.75 6.17 -6.75
C GLN A 35 -1.36 7.52 -6.37
N HIS A 36 -2.22 7.58 -5.33
CA HIS A 36 -2.77 8.87 -4.88
C HIS A 36 -2.40 9.14 -3.41
N TYR A 37 -1.23 8.67 -2.97
CA TYR A 37 -0.77 8.88 -1.59
C TYR A 37 -0.10 10.26 -1.44
N LYS A 38 -0.48 11.01 -0.41
CA LYS A 38 0.12 12.31 -0.14
C LYS A 38 0.73 12.38 1.26
N ARG B 1 2.30 -7.38 10.69
CA ARG B 1 1.79 -8.55 9.93
C ARG B 1 2.49 -8.73 8.59
N TRP B 2 3.17 -9.87 8.42
CA TRP B 2 3.86 -10.15 7.17
C TRP B 2 2.86 -10.61 6.13
N LEU B 3 2.73 -9.82 5.07
CA LEU B 3 1.79 -10.09 4.00
C LEU B 3 2.42 -9.81 2.64
N CYS B 4 1.98 -10.57 1.62
CA CYS B 4 2.47 -10.38 0.25
C CYS B 4 1.38 -9.73 -0.59
N ILE B 5 1.75 -8.72 -1.38
CA ILE B 5 0.76 -8.02 -2.21
C ILE B 5 1.24 -7.74 -3.64
N TRP B 6 0.30 -7.27 -4.48
CA TRP B 6 0.57 -7.00 -5.91
C TRP B 6 0.89 -5.54 -6.21
N LEU B 7 2.18 -5.25 -6.40
CA LEU B 7 2.67 -3.92 -6.75
C LEU B 7 3.63 -4.06 -7.92
N SER B 8 3.26 -3.54 -9.09
CA SER B 8 4.09 -3.65 -10.27
C SER B 8 5.27 -2.67 -10.22
N ASP B 9 6.00 -2.63 -11.33
CA ASP B 9 7.18 -1.77 -11.48
C ASP B 9 6.92 -0.34 -11.03
N GLN B 10 5.99 0.33 -11.71
CA GLN B 10 5.65 1.72 -11.42
C GLN B 10 5.34 1.98 -9.93
N THR B 11 4.85 0.95 -9.22
CA THR B 11 4.51 1.10 -7.82
C THR B 11 5.68 0.82 -6.89
N LEU B 12 6.56 -0.09 -7.29
CA LEU B 12 7.74 -0.40 -6.49
C LEU B 12 8.63 0.82 -6.56
N GLU B 13 8.69 1.38 -7.76
CA GLU B 13 9.42 2.60 -8.02
C GLU B 13 8.82 3.69 -7.15
N ASP B 14 7.49 3.69 -7.11
CA ASP B 14 6.73 4.64 -6.32
C ASP B 14 7.16 4.57 -4.87
N LEU B 15 7.29 3.35 -4.34
CA LEU B 15 7.69 3.13 -2.96
C LEU B 15 9.18 3.40 -2.71
N GLU B 16 9.79 4.25 -3.53
CA GLU B 16 11.18 4.63 -3.38
C GLU B 16 11.26 6.09 -2.95
N LYS B 17 10.66 6.98 -3.75
CA LYS B 17 10.62 8.40 -3.45
C LYS B 17 9.62 8.70 -2.34
N MET B 18 8.58 7.87 -2.24
CA MET B 18 7.54 8.02 -1.20
C MET B 18 7.99 7.37 0.11
N ALA B 19 8.92 6.43 0.00
CA ALA B 19 9.46 5.72 1.16
C ALA B 19 10.81 6.30 1.62
N ARG B 20 11.86 6.11 0.80
CA ARG B 20 13.20 6.60 1.12
C ARG B 20 13.21 8.08 1.39
N ARG B 21 12.89 8.84 0.37
CA ARG B 21 12.86 10.29 0.45
C ARG B 21 12.04 10.76 1.66
N GLU B 22 11.01 9.98 1.99
CA GLU B 22 10.12 10.28 3.13
C GLU B 22 10.62 9.67 4.44
N GLY B 23 11.70 8.88 4.39
CA GLY B 23 12.22 8.23 5.58
C GLY B 23 11.51 6.92 5.87
N LEU B 24 10.40 6.68 5.16
CA LEU B 24 9.60 5.48 5.31
C LEU B 24 10.30 4.25 4.74
N SER B 25 9.70 3.11 4.99
CA SER B 25 10.19 1.82 4.50
C SER B 25 9.11 1.18 3.60
N LYS B 26 9.49 0.17 2.81
CA LYS B 26 8.54 -0.50 1.91
C LYS B 26 7.18 -0.77 2.58
N SER B 27 7.19 -1.11 3.87
CA SER B 27 5.96 -1.39 4.62
C SER B 27 5.31 -0.11 5.12
N GLU B 28 6.07 0.68 5.88
CA GLU B 28 5.55 1.96 6.40
C GLU B 28 5.20 2.91 5.25
N MET B 29 5.58 2.51 4.02
CA MET B 29 5.30 3.25 2.82
C MET B 29 3.92 2.85 2.33
N ILE B 30 3.75 1.55 2.30
CA ILE B 30 2.58 0.90 1.85
C ILE B 30 1.41 1.02 2.84
N ASN B 31 1.71 1.00 4.13
CA ASN B 31 0.69 1.17 5.17
C ASN B 31 0.11 2.58 5.08
N VAL B 32 1.05 3.53 5.04
CA VAL B 32 0.79 4.94 4.97
C VAL B 32 -0.06 5.31 3.77
N ALA B 33 0.27 4.70 2.65
CA ALA B 33 -0.46 4.95 1.41
C ALA B 33 -1.96 4.85 1.62
N LEU B 34 -2.36 3.87 2.44
CA LEU B 34 -3.77 3.65 2.67
C LEU B 34 -4.36 4.68 3.62
N GLN B 35 -3.58 5.10 4.63
CA GLN B 35 -4.05 6.08 5.60
C GLN B 35 -4.14 7.48 4.99
N HIS B 36 -3.57 7.68 3.79
CA HIS B 36 -3.67 8.99 3.12
C HIS B 36 -4.65 8.92 1.94
N TYR B 37 -4.47 7.92 1.06
CA TYR B 37 -5.35 7.74 -0.10
C TYR B 37 -6.82 7.92 0.28
N LYS B 38 -7.61 8.49 -0.63
CA LYS B 38 -9.03 8.70 -0.43
C LYS B 38 -9.32 9.72 0.67
N ARG A 1 4.20 -7.91 -9.64
CA ARG A 1 5.23 -8.60 -8.82
C ARG A 1 4.70 -8.96 -7.43
N TRP A 2 5.09 -10.14 -6.95
CA TRP A 2 4.70 -10.59 -5.62
C TRP A 2 5.72 -10.09 -4.61
N LEU A 3 5.26 -9.35 -3.62
CA LEU A 3 6.14 -8.79 -2.60
C LEU A 3 5.64 -9.08 -1.19
N CYS A 4 6.57 -9.11 -0.24
CA CYS A 4 6.25 -9.35 1.17
C CYS A 4 6.86 -8.25 2.02
N ILE A 5 6.05 -7.64 2.90
CA ILE A 5 6.54 -6.55 3.75
C ILE A 5 5.83 -6.51 5.12
N TRP A 6 6.22 -5.55 5.96
CA TRP A 6 5.66 -5.43 7.32
C TRP A 6 4.48 -4.46 7.43
N LEU A 7 3.27 -5.00 7.27
CA LEU A 7 2.03 -4.24 7.40
C LEU A 7 1.12 -4.98 8.38
N SER A 8 1.03 -4.46 9.60
CA SER A 8 0.21 -5.09 10.62
C SER A 8 -1.28 -4.83 10.37
N ASP A 9 -2.02 -4.53 11.42
CA ASP A 9 -3.45 -4.29 11.31
C ASP A 9 -3.76 -2.84 10.90
N GLN A 10 -4.96 -2.37 11.25
CA GLN A 10 -5.40 -1.01 10.97
C GLN A 10 -4.89 -0.50 9.63
N THR A 11 -4.95 -1.37 8.61
CA THR A 11 -4.53 -1.02 7.26
C THR A 11 -4.87 -2.12 6.25
N LEU A 12 -4.59 -3.37 6.59
CA LEU A 12 -4.93 -4.50 5.75
C LEU A 12 -6.41 -4.75 5.95
N GLU A 13 -6.79 -4.62 7.23
CA GLU A 13 -8.14 -4.77 7.69
C GLU A 13 -8.87 -3.46 7.43
N ASP A 14 -8.13 -2.37 7.67
CA ASP A 14 -8.63 -1.02 7.48
C ASP A 14 -9.31 -0.87 6.13
N LEU A 15 -8.88 -1.70 5.17
CA LEU A 15 -9.43 -1.67 3.83
C LEU A 15 -10.74 -2.44 3.70
N GLU A 16 -11.48 -2.60 4.80
CA GLU A 16 -12.75 -3.31 4.76
C GLU A 16 -13.77 -2.51 3.94
N LYS A 17 -13.76 -1.19 4.10
CA LYS A 17 -14.68 -0.31 3.40
C LYS A 17 -14.02 0.47 2.26
N MET A 18 -12.67 0.51 2.19
CA MET A 18 -12.00 1.26 1.15
C MET A 18 -11.37 0.35 0.07
N ALA A 19 -11.60 -0.98 0.16
CA ALA A 19 -11.10 -1.93 -0.84
C ALA A 19 -12.15 -2.31 -1.87
N ARG A 20 -13.41 -2.12 -1.56
CA ARG A 20 -14.45 -2.48 -2.50
C ARG A 20 -14.44 -1.51 -3.68
N ARG A 21 -15.56 -0.87 -3.97
CA ARG A 21 -15.64 0.08 -5.05
C ARG A 21 -14.49 1.09 -4.98
N GLU A 22 -13.98 1.29 -3.77
CA GLU A 22 -12.89 2.23 -3.50
C GLU A 22 -11.51 1.60 -3.49
N GLY A 23 -11.38 0.29 -3.30
CA GLY A 23 -10.03 -0.23 -3.23
C GLY A 23 -9.76 -1.51 -4.00
N LEU A 24 -10.66 -1.92 -4.88
CA LEU A 24 -10.38 -3.09 -5.70
C LEU A 24 -9.97 -4.32 -4.89
N SER A 25 -9.38 -5.25 -5.60
CA SER A 25 -8.88 -6.49 -4.98
C SER A 25 -7.85 -6.14 -3.88
N LYS A 26 -7.63 -7.05 -2.94
CA LYS A 26 -6.68 -6.81 -1.83
C LYS A 26 -5.37 -6.20 -2.33
N SER A 27 -4.86 -6.67 -3.47
CA SER A 27 -3.62 -6.17 -4.05
C SER A 27 -3.84 -4.83 -4.74
N GLU A 28 -4.86 -4.77 -5.60
CA GLU A 28 -5.17 -3.55 -6.32
C GLU A 28 -5.41 -2.41 -5.32
N MET A 29 -5.97 -2.75 -4.15
CA MET A 29 -6.21 -1.80 -3.09
C MET A 29 -4.88 -1.20 -2.67
N ILE A 30 -3.98 -2.09 -2.40
CA ILE A 30 -2.70 -1.79 -1.93
C ILE A 30 -1.79 -1.11 -2.97
N ASN A 31 -2.00 -1.41 -4.25
CA ASN A 31 -1.23 -0.76 -5.32
C ASN A 31 -1.66 0.70 -5.42
N VAL A 32 -2.98 0.85 -5.48
CA VAL A 32 -3.66 2.09 -5.60
C VAL A 32 -3.28 3.05 -4.49
N ALA A 33 -3.20 2.50 -3.29
CA ALA A 33 -2.83 3.27 -2.11
C ALA A 33 -1.59 4.09 -2.37
N LEU A 34 -0.62 3.46 -3.02
CA LEU A 34 0.63 4.12 -3.31
C LEU A 34 0.45 5.20 -4.36
N GLN A 35 -0.53 4.99 -5.26
CA GLN A 35 -0.80 5.94 -6.32
C GLN A 35 -1.58 7.18 -5.83
N HIS A 36 -2.30 7.07 -4.70
CA HIS A 36 -3.04 8.24 -4.17
C HIS A 36 -2.58 8.66 -2.76
N TYR A 37 -1.50 8.05 -2.25
CA TYR A 37 -0.96 8.40 -0.95
C TYR A 37 -0.51 9.88 -0.95
N LYS A 38 -0.81 10.60 0.13
CA LYS A 38 -0.43 12.01 0.27
C LYS A 38 -1.21 12.92 -0.70
N ARG B 1 2.79 -8.00 10.81
CA ARG B 1 2.04 -8.92 9.94
C ARG B 1 2.62 -8.98 8.52
N TRP B 2 3.30 -10.09 8.19
CA TRP B 2 3.86 -10.25 6.86
C TRP B 2 2.74 -10.51 5.87
N LEU B 3 2.70 -9.68 4.84
CA LEU B 3 1.66 -9.78 3.81
C LEU B 3 2.25 -9.88 2.41
N CYS B 4 1.62 -10.72 1.58
CA CYS B 4 2.04 -10.89 0.19
C CYS B 4 0.90 -10.49 -0.74
N ILE B 5 1.19 -9.68 -1.75
CA ILE B 5 0.15 -9.22 -2.67
C ILE B 5 0.72 -8.78 -4.03
N TRP B 6 -0.18 -8.48 -4.97
CA TRP B 6 0.19 -8.12 -6.35
C TRP B 6 0.44 -6.62 -6.56
N LEU B 7 1.72 -6.27 -6.75
CA LEU B 7 2.16 -4.91 -7.04
C LEU B 7 3.08 -4.95 -8.26
N SER B 8 2.74 -4.22 -9.31
CA SER B 8 3.55 -4.22 -10.52
C SER B 8 4.80 -3.36 -10.38
N ASP B 9 5.01 -2.44 -11.31
CA ASP B 9 6.19 -1.58 -11.29
C ASP B 9 5.89 -0.16 -10.83
N GLN B 10 4.79 0.40 -11.33
CA GLN B 10 4.37 1.76 -10.98
C GLN B 10 3.81 1.84 -9.56
N THR B 11 4.45 1.11 -8.64
CA THR B 11 4.04 1.07 -7.24
C THR B 11 5.14 0.60 -6.30
N LEU B 12 5.90 -0.42 -6.68
CA LEU B 12 7.02 -0.89 -5.87
C LEU B 12 8.12 0.15 -5.98
N GLU B 13 8.27 0.61 -7.22
CA GLU B 13 9.20 1.64 -7.58
C GLU B 13 8.64 2.95 -7.08
N ASP B 14 7.31 3.06 -7.20
CA ASP B 14 6.55 4.21 -6.76
C ASP B 14 6.97 4.61 -5.34
N LEU B 15 7.25 3.60 -4.51
CA LEU B 15 7.65 3.81 -3.12
C LEU B 15 9.03 4.46 -2.96
N GLU B 16 9.78 4.53 -4.04
CA GLU B 16 11.12 5.11 -4.01
C GLU B 16 11.07 6.59 -3.66
N LYS B 17 10.35 7.37 -4.48
CA LYS B 17 10.21 8.80 -4.27
C LYS B 17 9.36 9.11 -3.03
N MET B 18 8.58 8.13 -2.58
CA MET B 18 7.72 8.31 -1.42
C MET B 18 8.45 7.93 -0.12
N ALA B 19 8.57 6.62 0.15
CA ALA B 19 9.24 6.11 1.35
C ALA B 19 10.46 6.95 1.75
N ARG B 20 11.25 7.36 0.76
CA ARG B 20 12.44 8.17 1.02
C ARG B 20 12.08 9.56 1.50
N ARG B 21 11.54 10.35 0.59
CA ARG B 21 11.13 11.71 0.90
C ARG B 21 10.16 11.75 2.08
N GLU B 22 9.40 10.65 2.22
CA GLU B 22 8.42 10.50 3.30
C GLU B 22 9.07 10.01 4.60
N GLY B 23 10.31 9.49 4.50
CA GLY B 23 11.03 9.02 5.69
C GLY B 23 10.58 7.66 6.18
N LEU B 24 9.79 6.96 5.38
CA LEU B 24 9.28 5.64 5.74
C LEU B 24 10.06 4.53 5.04
N SER B 25 9.71 3.30 5.40
CA SER B 25 10.31 2.10 4.81
C SER B 25 9.32 1.43 3.86
N LYS B 26 9.79 0.52 3.00
CA LYS B 26 8.92 -0.18 2.03
C LYS B 26 7.57 -0.58 2.63
N SER B 27 7.57 -1.02 3.90
CA SER B 27 6.35 -1.44 4.57
C SER B 27 5.59 -0.25 5.11
N GLU B 28 6.21 0.53 5.99
CA GLU B 28 5.58 1.71 6.56
C GLU B 28 5.15 2.69 5.45
N MET B 29 5.68 2.48 4.24
CA MET B 29 5.37 3.26 3.08
C MET B 29 4.03 2.80 2.55
N ILE B 30 3.94 1.50 2.48
CA ILE B 30 2.81 0.81 1.98
C ILE B 30 1.61 0.78 2.95
N ASN B 31 1.87 0.83 4.26
CA ASN B 31 0.80 0.88 5.26
C ASN B 31 0.13 2.23 5.19
N VAL B 32 0.98 3.24 5.23
CA VAL B 32 0.63 4.62 5.20
C VAL B 32 -0.19 4.95 3.98
N ALA B 33 0.25 4.41 2.86
CA ALA B 33 -0.44 4.60 1.60
C ALA B 33 -1.93 4.42 1.74
N LEU B 34 -2.32 3.42 2.55
CA LEU B 34 -3.71 3.12 2.74
C LEU B 34 -4.41 4.13 3.65
N GLN B 35 -3.66 4.68 4.63
CA GLN B 35 -4.22 5.62 5.57
C GLN B 35 -4.33 7.05 5.00
N HIS B 36 -3.71 7.31 3.84
CA HIS B 36 -3.80 8.64 3.21
C HIS B 36 -4.30 8.52 1.76
N TYR B 37 -5.22 7.58 1.55
CA TYR B 37 -5.83 7.33 0.24
C TYR B 37 -6.54 8.58 -0.30
N LYS B 38 -6.23 8.93 -1.57
CA LYS B 38 -6.90 10.04 -2.22
C LYS B 38 -7.72 9.58 -3.43
N ARG A 1 3.57 -8.43 -10.57
CA ARG A 1 4.75 -8.65 -9.69
C ARG A 1 4.34 -8.75 -8.22
N TRP A 2 4.50 -9.95 -7.63
CA TRP A 2 4.17 -10.20 -6.24
C TRP A 2 5.27 -9.66 -5.33
N LEU A 3 4.97 -9.59 -4.04
CA LEU A 3 5.93 -9.08 -3.06
C LEU A 3 5.36 -9.18 -1.64
N CYS A 4 6.23 -9.45 -0.66
CA CYS A 4 5.82 -9.54 0.75
C CYS A 4 6.21 -8.26 1.48
N ILE A 5 5.33 -7.77 2.36
CA ILE A 5 5.60 -6.52 3.09
C ILE A 5 4.97 -6.52 4.50
N TRP A 6 5.25 -5.46 5.27
CA TRP A 6 4.76 -5.34 6.66
C TRP A 6 3.54 -4.41 6.80
N LEU A 7 2.37 -5.04 7.00
CA LEU A 7 1.11 -4.33 7.21
C LEU A 7 0.47 -4.84 8.50
N SER A 8 0.24 -3.96 9.46
CA SER A 8 -0.34 -4.36 10.74
C SER A 8 -1.86 -4.46 10.65
N ASP A 9 -2.56 -3.82 11.59
CA ASP A 9 -4.02 -3.86 11.64
C ASP A 9 -4.65 -2.58 11.10
N GLN A 10 -4.06 -1.44 11.45
CA GLN A 10 -4.55 -0.14 11.03
C GLN A 10 -4.24 0.12 9.54
N THR A 11 -4.43 -0.91 8.73
CA THR A 11 -4.20 -0.82 7.30
C THR A 11 -4.82 -1.98 6.51
N LEU A 12 -4.68 -3.20 6.99
CA LEU A 12 -5.31 -4.34 6.33
C LEU A 12 -6.80 -4.11 6.45
N GLU A 13 -7.17 -3.63 7.63
CA GLU A 13 -8.55 -3.27 7.94
C GLU A 13 -8.94 -2.11 7.04
N ASP A 14 -7.99 -1.17 6.90
CA ASP A 14 -8.17 -0.01 6.05
C ASP A 14 -8.62 -0.45 4.66
N LEU A 15 -7.99 -1.54 4.19
CA LEU A 15 -8.28 -2.12 2.88
C LEU A 15 -9.48 -3.08 2.90
N GLU A 16 -10.46 -2.79 3.76
CA GLU A 16 -11.65 -3.62 3.84
C GLU A 16 -12.84 -2.89 3.22
N LYS A 17 -13.29 -1.82 3.88
CA LYS A 17 -14.39 -1.02 3.40
C LYS A 17 -13.96 -0.09 2.26
N MET A 18 -12.67 0.25 2.23
CA MET A 18 -12.12 1.12 1.20
C MET A 18 -11.52 0.31 0.04
N ALA A 19 -11.72 -1.02 0.06
CA ALA A 19 -11.22 -1.92 -1.00
C ALA A 19 -12.32 -2.29 -1.99
N ARG A 20 -13.57 -2.11 -1.64
CA ARG A 20 -14.65 -2.44 -2.55
C ARG A 20 -14.62 -1.52 -3.76
N ARG A 21 -15.75 -0.93 -4.14
CA ARG A 21 -15.79 -0.02 -5.26
C ARG A 21 -14.68 1.03 -5.13
N GLU A 22 -14.23 1.25 -3.90
CA GLU A 22 -13.21 2.23 -3.57
C GLU A 22 -11.79 1.67 -3.56
N GLY A 23 -11.60 0.36 -3.36
CA GLY A 23 -10.22 -0.10 -3.30
C GLY A 23 -9.91 -1.39 -4.03
N LEU A 24 -10.78 -1.82 -4.94
CA LEU A 24 -10.46 -3.01 -5.72
C LEU A 24 -10.12 -4.24 -4.89
N SER A 25 -9.57 -5.23 -5.57
CA SER A 25 -9.15 -6.48 -4.92
C SER A 25 -8.14 -6.21 -3.81
N LYS A 26 -8.07 -7.09 -2.80
CA LYS A 26 -7.13 -6.91 -1.68
C LYS A 26 -5.74 -6.49 -2.18
N SER A 27 -5.27 -7.13 -3.25
CA SER A 27 -3.98 -6.82 -3.84
C SER A 27 -4.03 -5.51 -4.63
N GLU A 28 -5.09 -5.35 -5.43
CA GLU A 28 -5.27 -4.14 -6.23
C GLU A 28 -5.41 -2.92 -5.33
N MET A 29 -6.10 -3.09 -4.18
CA MET A 29 -6.25 -2.03 -3.21
C MET A 29 -4.87 -1.58 -2.77
N ILE A 30 -4.08 -2.56 -2.55
CA ILE A 30 -2.76 -2.40 -2.09
C ILE A 30 -1.84 -1.75 -3.14
N ASN A 31 -2.28 -1.72 -4.40
CA ASN A 31 -1.52 -1.07 -5.46
C ASN A 31 -1.90 0.42 -5.53
N VAL A 32 -3.20 0.72 -5.47
CA VAL A 32 -3.71 2.06 -5.47
C VAL A 32 -3.13 2.80 -4.31
N ALA A 33 -2.90 2.03 -3.27
CA ALA A 33 -2.30 2.50 -2.03
C ALA A 33 -1.22 3.50 -2.30
N LEU A 34 -0.36 3.18 -3.25
CA LEU A 34 0.73 4.04 -3.61
C LEU A 34 0.30 5.13 -4.58
N GLN A 35 -0.76 4.84 -5.36
CA GLN A 35 -1.29 5.77 -6.34
C GLN A 35 -2.36 6.73 -5.74
N HIS A 36 -2.87 6.44 -4.53
CA HIS A 36 -3.88 7.28 -3.87
C HIS A 36 -3.39 7.89 -2.53
N TYR A 37 -2.11 7.64 -2.18
CA TYR A 37 -1.50 8.18 -0.95
C TYR A 37 -1.17 9.67 -1.15
N LYS A 38 -1.28 10.46 -0.07
CA LYS A 38 -1.00 11.88 -0.11
C LYS A 38 -2.04 12.67 -0.89
N ARG B 1 1.98 -7.55 10.12
CA ARG B 1 1.78 -8.85 9.42
C ARG B 1 2.58 -8.95 8.13
N TRP B 2 3.18 -10.12 7.89
CA TRP B 2 3.94 -10.35 6.68
C TRP B 2 3.00 -10.92 5.63
N LEU B 3 2.62 -10.08 4.68
CA LEU B 3 1.69 -10.46 3.63
C LEU B 3 2.25 -10.23 2.24
N CYS B 4 1.88 -11.11 1.31
CA CYS B 4 2.30 -10.99 -0.09
C CYS B 4 1.13 -10.45 -0.91
N ILE B 5 1.39 -9.51 -1.81
CA ILE B 5 0.31 -8.92 -2.59
C ILE B 5 0.77 -8.46 -3.98
N TRP B 6 -0.13 -7.81 -4.72
CA TRP B 6 0.15 -7.37 -6.09
C TRP B 6 0.69 -5.94 -6.18
N LEU B 7 2.02 -5.82 -6.13
CA LEU B 7 2.71 -4.54 -6.25
C LEU B 7 3.72 -4.66 -7.38
N SER B 8 3.32 -4.22 -8.58
CA SER B 8 4.17 -4.31 -9.74
C SER B 8 5.39 -3.43 -9.61
N ASP B 9 6.22 -3.50 -10.62
CA ASP B 9 7.48 -2.74 -10.67
C ASP B 9 7.22 -1.24 -10.46
N GLN B 10 6.31 -0.68 -11.25
CA GLN B 10 5.97 0.73 -11.18
C GLN B 10 5.54 1.18 -9.78
N THR B 11 4.99 0.27 -8.97
CA THR B 11 4.54 0.61 -7.64
C THR B 11 5.67 0.60 -6.62
N LEU B 12 6.65 -0.24 -6.86
CA LEU B 12 7.81 -0.33 -5.99
C LEU B 12 8.66 0.89 -6.25
N GLU B 13 8.71 1.25 -7.53
CA GLU B 13 9.41 2.44 -7.97
C GLU B 13 8.73 3.63 -7.30
N ASP B 14 7.40 3.56 -7.25
CA ASP B 14 6.56 4.57 -6.62
C ASP B 14 7.03 4.83 -5.19
N LEU B 15 7.39 3.75 -4.49
CA LEU B 15 7.83 3.81 -3.10
C LEU B 15 9.28 4.29 -2.94
N GLU B 16 9.75 5.11 -3.87
CA GLU B 16 11.11 5.66 -3.78
C GLU B 16 11.06 7.10 -3.26
N LYS B 17 10.20 7.92 -3.85
CA LYS B 17 10.04 9.31 -3.45
C LYS B 17 9.06 9.44 -2.27
N MET B 18 8.21 8.43 -2.09
CA MET B 18 7.22 8.43 -1.01
C MET B 18 7.76 7.74 0.25
N ALA B 19 8.78 6.90 0.09
CA ALA B 19 9.39 6.19 1.21
C ALA B 19 10.72 6.83 1.62
N ARG B 20 11.70 6.85 0.72
CA ARG B 20 13.01 7.44 1.01
C ARG B 20 12.91 8.92 1.31
N ARG B 21 12.51 9.67 0.31
CA ARG B 21 12.35 11.11 0.43
C ARG B 21 11.50 11.47 1.66
N GLU B 22 10.54 10.61 1.98
CA GLU B 22 9.64 10.82 3.12
C GLU B 22 10.24 10.30 4.43
N GLY B 23 11.33 9.52 4.34
CA GLY B 23 11.95 8.96 5.53
C GLY B 23 11.32 7.61 5.90
N LEU B 24 10.25 7.25 5.18
CA LEU B 24 9.53 6.01 5.41
C LEU B 24 10.32 4.81 4.90
N SER B 25 9.77 3.63 5.16
CA SER B 25 10.36 2.35 4.74
C SER B 25 9.40 1.64 3.78
N LYS B 26 9.86 0.58 3.11
CA LYS B 26 9.01 -0.16 2.15
C LYS B 26 7.62 -0.47 2.74
N SER B 27 7.56 -0.86 4.01
CA SER B 27 6.28 -1.19 4.66
C SER B 27 5.60 0.06 5.21
N GLU B 28 6.35 0.88 5.96
CA GLU B 28 5.79 2.12 6.51
C GLU B 28 5.40 3.09 5.38
N MET B 29 5.78 2.73 4.14
CA MET B 29 5.46 3.50 2.95
C MET B 29 4.09 3.05 2.48
N ILE B 30 3.95 1.75 2.43
CA ILE B 30 2.79 1.07 1.98
C ILE B 30 1.65 1.09 3.00
N ASN B 31 1.99 0.97 4.28
CA ASN B 31 0.99 1.01 5.35
C ASN B 31 0.34 2.38 5.37
N VAL B 32 1.22 3.36 5.31
CA VAL B 32 0.89 4.76 5.34
C VAL B 32 0.04 5.16 4.16
N ALA B 33 0.40 4.64 3.00
CA ALA B 33 -0.33 4.92 1.77
C ALA B 33 -1.82 4.74 1.95
N LEU B 34 -2.21 3.83 2.84
CA LEU B 34 -3.59 3.54 3.05
C LEU B 34 -4.24 4.41 4.12
N GLN B 35 -3.45 4.83 5.13
CA GLN B 35 -3.98 5.65 6.20
C GLN B 35 -4.29 7.08 5.73
N HIS B 36 -3.72 7.48 4.57
CA HIS B 36 -4.01 8.80 4.00
C HIS B 36 -4.81 8.62 2.71
N TYR B 37 -5.73 7.65 2.76
CA TYR B 37 -6.57 7.32 1.62
C TYR B 37 -7.84 8.19 1.52
N LYS B 38 -8.42 8.23 0.32
CA LYS B 38 -9.64 8.98 0.07
C LYS B 38 -10.59 8.22 -0.85
N ARG A 1 4.07 -9.01 -10.74
CA ARG A 1 5.11 -8.82 -9.69
C ARG A 1 4.53 -8.97 -8.28
N TRP A 2 5.06 -9.94 -7.54
CA TRP A 2 4.64 -10.20 -6.18
C TRP A 2 5.44 -9.32 -5.21
N LEU A 3 4.96 -9.21 -3.98
CA LEU A 3 5.62 -8.39 -2.96
C LEU A 3 5.07 -8.65 -1.56
N CYS A 4 5.93 -8.55 -0.55
CA CYS A 4 5.54 -8.75 0.84
C CYS A 4 5.92 -7.53 1.68
N ILE A 5 5.01 -7.08 2.55
CA ILE A 5 5.28 -5.89 3.38
C ILE A 5 4.52 -5.93 4.72
N TRP A 6 4.64 -4.82 5.48
CA TRP A 6 4.01 -4.72 6.81
C TRP A 6 2.65 -4.01 6.80
N LEU A 7 1.60 -4.81 6.73
CA LEU A 7 0.21 -4.33 6.76
C LEU A 7 -0.52 -5.09 7.86
N SER A 8 -0.75 -4.44 9.00
CA SER A 8 -1.38 -5.08 10.12
C SER A 8 -2.88 -4.83 10.18
N ASP A 9 -3.46 -5.25 11.29
CA ASP A 9 -4.90 -5.12 11.54
C ASP A 9 -5.44 -3.75 11.13
N GLN A 10 -4.87 -2.70 11.69
CA GLN A 10 -5.29 -1.33 11.41
C GLN A 10 -5.40 -1.04 9.91
N THR A 11 -4.61 -1.73 9.09
CA THR A 11 -4.61 -1.51 7.66
C THR A 11 -5.47 -2.51 6.89
N LEU A 12 -5.62 -3.71 7.42
CA LEU A 12 -6.45 -4.73 6.80
C LEU A 12 -7.89 -4.36 7.04
N GLU A 13 -8.11 -3.90 8.26
CA GLU A 13 -9.42 -3.42 8.68
C GLU A 13 -9.72 -2.16 7.88
N ASP A 14 -8.69 -1.34 7.72
CA ASP A 14 -8.76 -0.10 6.97
C ASP A 14 -9.47 -0.33 5.63
N LEU A 15 -9.07 -1.40 4.95
CA LEU A 15 -9.61 -1.75 3.65
C LEU A 15 -11.00 -2.39 3.69
N GLU A 16 -11.73 -2.26 4.81
CA GLU A 16 -13.06 -2.82 4.91
C GLU A 16 -14.04 -1.96 4.10
N LYS A 17 -13.95 -0.64 4.27
CA LYS A 17 -14.79 0.29 3.57
C LYS A 17 -14.07 0.87 2.33
N MET A 18 -12.84 0.41 2.08
CA MET A 18 -12.06 0.91 0.94
C MET A 18 -11.94 -0.14 -0.17
N ALA A 19 -11.12 -1.16 0.04
CA ALA A 19 -10.89 -2.23 -0.95
C ALA A 19 -12.20 -2.86 -1.41
N ARG A 20 -13.05 -3.27 -0.45
CA ARG A 20 -14.33 -3.88 -0.76
C ARG A 20 -15.19 -2.93 -1.55
N ARG A 21 -15.48 -1.81 -0.93
CA ARG A 21 -16.28 -0.76 -1.55
C ARG A 21 -15.70 -0.41 -2.93
N GLU A 22 -14.37 -0.50 -3.03
CA GLU A 22 -13.65 -0.23 -4.29
C GLU A 22 -13.84 -1.36 -5.30
N GLY A 23 -14.23 -2.55 -4.83
CA GLY A 23 -14.42 -3.68 -5.71
C GLY A 23 -13.10 -4.28 -6.17
N LEU A 24 -12.01 -3.76 -5.63
CA LEU A 24 -10.66 -4.22 -5.98
C LEU A 24 -10.18 -5.34 -5.06
N SER A 25 -9.00 -5.88 -5.37
CA SER A 25 -8.40 -6.94 -4.57
C SER A 25 -7.38 -6.34 -3.59
N LYS A 26 -6.98 -7.11 -2.60
CA LYS A 26 -6.01 -6.63 -1.58
C LYS A 26 -4.81 -5.93 -2.23
N SER A 27 -4.42 -6.37 -3.44
CA SER A 27 -3.28 -5.80 -4.14
C SER A 27 -3.60 -4.45 -4.79
N GLU A 28 -4.69 -4.39 -5.55
CA GLU A 28 -5.07 -3.14 -6.22
C GLU A 28 -5.22 -2.01 -5.20
N MET A 29 -5.49 -2.36 -3.94
CA MET A 29 -5.61 -1.38 -2.88
C MET A 29 -4.25 -0.93 -2.45
N ILE A 30 -3.38 -1.90 -2.35
CA ILE A 30 -2.07 -1.67 -1.90
C ILE A 30 -1.15 -1.06 -2.97
N ASN A 31 -1.49 -1.25 -4.25
CA ASN A 31 -0.73 -0.66 -5.34
C ASN A 31 -1.01 0.83 -5.38
N VAL A 32 -2.30 1.13 -5.44
CA VAL A 32 -2.77 2.46 -5.54
C VAL A 32 -2.38 3.30 -4.35
N ALA A 33 -2.28 2.65 -3.21
CA ALA A 33 -1.88 3.26 -1.96
C ALA A 33 -0.72 4.22 -2.17
N LEU A 34 0.20 3.85 -3.06
CA LEU A 34 1.36 4.66 -3.29
C LEU A 34 1.13 5.73 -4.38
N GLN A 35 0.24 5.44 -5.33
CA GLN A 35 -0.01 6.36 -6.45
C GLN A 35 -0.75 7.66 -6.05
N HIS A 36 -1.96 7.58 -5.48
CA HIS A 36 -2.72 8.80 -5.08
C HIS A 36 -1.92 9.67 -4.10
N TYR A 37 -1.16 9.02 -3.21
CA TYR A 37 -0.38 9.70 -2.17
C TYR A 37 0.35 10.95 -2.68
N LYS A 38 0.46 11.95 -1.79
CA LYS A 38 1.13 13.20 -2.05
C LYS A 38 0.37 14.08 -3.06
N ARG B 1 1.44 -7.11 10.10
CA ARG B 1 1.43 -8.48 9.51
C ARG B 1 2.25 -8.55 8.23
N TRP B 2 2.56 -9.78 7.80
CA TRP B 2 3.29 -10.00 6.57
C TRP B 2 2.34 -10.59 5.54
N LEU B 3 2.12 -9.84 4.47
CA LEU B 3 1.21 -10.27 3.41
C LEU B 3 1.87 -10.15 2.04
N CYS B 4 1.54 -11.09 1.15
CA CYS B 4 2.07 -11.09 -0.22
C CYS B 4 0.91 -10.89 -1.19
N ILE B 5 1.07 -10.00 -2.16
CA ILE B 5 -0.01 -9.73 -3.12
C ILE B 5 0.51 -9.31 -4.50
N TRP B 6 -0.43 -9.01 -5.40
CA TRP B 6 -0.07 -8.65 -6.79
C TRP B 6 0.12 -7.14 -7.02
N LEU B 7 1.36 -6.68 -6.79
CA LEU B 7 1.74 -5.29 -7.03
C LEU B 7 2.86 -5.27 -8.06
N SER B 8 2.51 -4.96 -9.30
CA SER B 8 3.49 -4.94 -10.39
C SER B 8 4.52 -3.83 -10.20
N ASP B 9 4.58 -2.89 -11.13
CA ASP B 9 5.55 -1.81 -11.07
C ASP B 9 4.88 -0.44 -10.85
N GLN B 10 5.47 0.63 -11.43
CA GLN B 10 4.97 1.99 -11.33
C GLN B 10 4.29 2.29 -10.00
N THR B 11 4.93 1.86 -8.91
CA THR B 11 4.43 2.08 -7.55
C THR B 11 5.36 1.55 -6.49
N LEU B 12 5.85 0.33 -6.67
CA LEU B 12 6.83 -0.24 -5.75
C LEU B 12 8.13 0.48 -6.06
N GLU B 13 8.34 0.66 -7.36
CA GLU B 13 9.47 1.39 -7.88
C GLU B 13 9.22 2.88 -7.69
N ASP B 14 7.94 3.24 -7.89
CA ASP B 14 7.47 4.61 -7.72
C ASP B 14 7.89 5.15 -6.35
N LEU B 15 8.20 4.22 -5.44
CA LEU B 15 8.63 4.48 -4.10
C LEU B 15 10.06 5.04 -4.05
N GLU B 16 10.35 5.98 -4.94
CA GLU B 16 11.67 6.60 -5.00
C GLU B 16 11.75 7.79 -4.05
N LYS B 17 10.87 8.78 -4.25
CA LYS B 17 10.83 9.97 -3.43
C LYS B 17 9.78 9.91 -2.31
N MET B 18 9.36 8.70 -1.92
CA MET B 18 8.37 8.53 -0.87
C MET B 18 9.04 8.12 0.45
N ALA B 19 9.26 6.80 0.62
CA ALA B 19 9.90 6.25 1.82
C ALA B 19 11.18 7.02 2.16
N ARG B 20 11.98 7.35 1.14
CA ARG B 20 13.23 8.08 1.35
C ARG B 20 12.96 9.47 1.90
N ARG B 21 12.37 10.29 1.07
CA ARG B 21 12.02 11.65 1.44
C ARG B 21 11.22 11.68 2.74
N GLU B 22 10.42 10.63 2.95
CA GLU B 22 9.58 10.49 4.14
C GLU B 22 10.36 9.92 5.33
N GLY B 23 11.52 9.32 5.07
CA GLY B 23 12.30 8.69 6.13
C GLY B 23 11.71 7.34 6.52
N LEU B 24 10.75 6.88 5.71
CA LEU B 24 10.06 5.61 5.91
C LEU B 24 10.79 4.45 5.24
N SER B 25 10.31 3.26 5.54
CA SER B 25 10.84 2.01 4.96
C SER B 25 9.78 1.42 4.02
N LYS B 26 10.18 0.49 3.15
CA LYS B 26 9.25 -0.13 2.19
C LYS B 26 7.90 -0.50 2.82
N SER B 27 7.92 -0.98 4.07
CA SER B 27 6.70 -1.37 4.78
C SER B 27 6.01 -0.18 5.43
N GLU B 28 6.77 0.59 6.22
CA GLU B 28 6.22 1.79 6.88
C GLU B 28 5.82 2.85 5.84
N MET B 29 6.25 2.63 4.59
CA MET B 29 5.94 3.47 3.47
C MET B 29 4.56 3.09 2.98
N ILE B 30 4.41 1.80 2.90
CA ILE B 30 3.23 1.17 2.44
C ILE B 30 2.09 1.23 3.46
N ASN B 31 2.43 1.33 4.74
CA ASN B 31 1.40 1.45 5.78
C ASN B 31 0.62 2.73 5.58
N VAL B 32 1.39 3.80 5.45
CA VAL B 32 0.87 5.12 5.30
C VAL B 32 0.27 5.40 3.95
N ALA B 33 0.82 4.75 2.96
CA ALA B 33 0.32 4.86 1.60
C ALA B 33 -1.15 4.54 1.57
N LEU B 34 -1.49 3.56 2.39
CA LEU B 34 -2.81 3.11 2.48
C LEU B 34 -3.66 4.06 3.35
N GLN B 35 -3.07 4.55 4.44
CA GLN B 35 -3.77 5.44 5.38
C GLN B 35 -4.31 6.73 4.74
N HIS B 36 -3.47 7.62 4.18
CA HIS B 36 -3.99 8.86 3.55
C HIS B 36 -5.07 8.54 2.52
N TYR B 37 -4.91 7.38 1.88
CA TYR B 37 -5.82 6.93 0.83
C TYR B 37 -7.27 6.69 1.30
N LYS B 38 -8.18 6.69 0.31
CA LYS B 38 -9.59 6.42 0.52
C LYS B 38 -10.22 5.84 -0.74
N ARG A 1 4.07 -7.35 -9.49
CA ARG A 1 5.06 -8.21 -8.77
C ARG A 1 4.47 -8.80 -7.51
N TRP A 2 5.18 -9.77 -6.95
CA TRP A 2 4.78 -10.39 -5.70
C TRP A 2 5.80 -10.09 -4.62
N LEU A 3 5.38 -9.33 -3.62
CA LEU A 3 6.25 -8.93 -2.52
C LEU A 3 5.59 -9.17 -1.17
N CYS A 4 6.42 -9.34 -0.14
CA CYS A 4 5.94 -9.56 1.23
C CYS A 4 6.54 -8.50 2.15
N ILE A 5 5.69 -7.86 2.97
CA ILE A 5 6.18 -6.80 3.87
C ILE A 5 5.41 -6.77 5.21
N TRP A 6 5.83 -5.87 6.12
CA TRP A 6 5.24 -5.76 7.46
C TRP A 6 4.19 -4.65 7.59
N LEU A 7 2.91 -5.04 7.49
CA LEU A 7 1.77 -4.12 7.65
C LEU A 7 0.90 -4.63 8.78
N SER A 8 0.86 -3.91 9.89
CA SER A 8 0.08 -4.31 11.05
C SER A 8 -1.41 -3.96 10.86
N ASP A 9 -2.07 -3.62 11.96
CA ASP A 9 -3.48 -3.28 11.95
C ASP A 9 -3.74 -1.87 11.38
N GLN A 10 -4.91 -1.30 11.70
CA GLN A 10 -5.30 0.02 11.26
C GLN A 10 -4.81 0.34 9.84
N THR A 11 -4.98 -0.63 8.95
CA THR A 11 -4.59 -0.49 7.55
C THR A 11 -4.98 -1.68 6.70
N LEU A 12 -4.75 -2.90 7.20
CA LEU A 12 -5.17 -4.10 6.48
C LEU A 12 -6.67 -4.13 6.58
N GLU A 13 -7.14 -3.80 7.79
CA GLU A 13 -8.55 -3.68 8.08
C GLU A 13 -9.08 -2.48 7.32
N ASP A 14 -8.24 -1.43 7.31
CA ASP A 14 -8.52 -0.20 6.63
C ASP A 14 -8.97 -0.47 5.19
N LEU A 15 -8.35 -1.49 4.57
CA LEU A 15 -8.64 -1.89 3.19
C LEU A 15 -10.05 -2.46 2.99
N GLU A 16 -10.89 -2.43 4.03
CA GLU A 16 -12.24 -2.96 3.93
C GLU A 16 -13.09 -2.07 3.01
N LYS A 17 -13.27 -0.81 3.40
CA LYS A 17 -14.05 0.13 2.63
C LYS A 17 -13.27 0.67 1.43
N MET A 18 -11.96 0.41 1.38
CA MET A 18 -11.12 0.88 0.29
C MET A 18 -10.97 -0.16 -0.82
N ALA A 19 -11.05 -1.45 -0.47
CA ALA A 19 -10.93 -2.54 -1.44
C ALA A 19 -12.30 -3.14 -1.76
N ARG A 20 -12.94 -3.76 -0.76
CA ARG A 20 -14.25 -4.38 -0.95
C ARG A 20 -15.28 -3.39 -1.44
N ARG A 21 -15.55 -2.41 -0.61
CA ARG A 21 -16.50 -1.37 -0.90
C ARG A 21 -16.21 -0.72 -2.26
N GLU A 22 -14.92 -0.68 -2.63
CA GLU A 22 -14.49 -0.09 -3.90
C GLU A 22 -14.41 -1.13 -5.03
N GLY A 23 -14.61 -2.41 -4.70
CA GLY A 23 -14.52 -3.46 -5.72
C GLY A 23 -13.07 -3.87 -5.98
N LEU A 24 -12.14 -3.18 -5.32
CA LEU A 24 -10.71 -3.44 -5.47
C LEU A 24 -10.30 -4.71 -4.71
N SER A 25 -9.07 -5.11 -4.94
CA SER A 25 -8.47 -6.28 -4.31
C SER A 25 -7.27 -5.86 -3.46
N LYS A 26 -6.81 -6.72 -2.55
CA LYS A 26 -5.66 -6.42 -1.68
C LYS A 26 -4.54 -5.67 -2.42
N SER A 27 -4.29 -6.03 -3.67
CA SER A 27 -3.24 -5.39 -4.47
C SER A 27 -3.73 -4.10 -5.12
N GLU A 28 -4.80 -4.19 -5.90
CA GLU A 28 -5.37 -3.01 -6.56
C GLU A 28 -5.84 -1.99 -5.51
N MET A 29 -5.86 -2.41 -4.23
CA MET A 29 -6.23 -1.59 -3.12
C MET A 29 -5.00 -0.82 -2.67
N ILE A 30 -3.96 -1.58 -2.53
CA ILE A 30 -2.69 -1.12 -2.08
C ILE A 30 -1.94 -0.32 -3.14
N ASN A 31 -2.01 -0.76 -4.40
CA ASN A 31 -1.37 -0.05 -5.51
C ASN A 31 -1.98 1.34 -5.60
N VAL A 32 -3.29 1.34 -5.53
CA VAL A 32 -4.11 2.51 -5.58
C VAL A 32 -3.76 3.46 -4.46
N ALA A 33 -3.56 2.90 -3.28
CA ALA A 33 -3.18 3.68 -2.12
C ALA A 33 -1.92 4.47 -2.40
N LEU A 34 -1.05 3.90 -3.22
CA LEU A 34 0.20 4.54 -3.53
C LEU A 34 -0.01 5.65 -4.57
N GLN A 35 -1.01 5.48 -5.44
CA GLN A 35 -1.31 6.44 -6.48
C GLN A 35 -2.11 7.64 -5.96
N HIS A 36 -2.74 7.50 -4.79
CA HIS A 36 -3.50 8.61 -4.19
C HIS A 36 -2.81 9.18 -2.94
N TYR A 37 -1.53 8.84 -2.76
CA TYR A 37 -0.73 9.32 -1.63
C TYR A 37 -0.45 10.85 -1.79
N LYS A 38 0.48 11.37 -1.01
CA LYS A 38 0.87 12.77 -0.97
C LYS A 38 -0.32 13.72 -1.23
N ARG B 1 2.03 -7.65 10.27
CA ARG B 1 1.40 -8.78 9.52
C ARG B 1 2.10 -9.00 8.17
N TRP B 2 2.52 -10.24 7.92
CA TRP B 2 3.18 -10.58 6.66
C TRP B 2 2.13 -10.88 5.61
N LEU B 3 2.15 -10.12 4.51
CA LEU B 3 1.19 -10.30 3.43
C LEU B 3 1.88 -10.20 2.07
N CYS B 4 1.30 -10.87 1.07
CA CYS B 4 1.83 -10.85 -0.30
C CYS B 4 0.82 -10.16 -1.22
N ILE B 5 1.28 -9.20 -2.02
CA ILE B 5 0.37 -8.46 -2.90
C ILE B 5 0.97 -8.12 -4.27
N TRP B 6 0.12 -7.58 -5.16
CA TRP B 6 0.49 -7.24 -6.55
C TRP B 6 0.80 -5.75 -6.75
N LEU B 7 2.10 -5.44 -6.87
CA LEU B 7 2.59 -4.08 -7.12
C LEU B 7 3.62 -4.17 -8.25
N SER B 8 3.33 -3.57 -9.40
CA SER B 8 4.23 -3.64 -10.54
C SER B 8 5.43 -2.70 -10.40
N ASP B 9 6.20 -2.63 -11.47
CA ASP B 9 7.41 -1.80 -11.54
C ASP B 9 7.16 -0.38 -11.04
N GLN B 10 6.29 0.35 -11.74
CA GLN B 10 5.97 1.73 -11.40
C GLN B 10 5.61 1.92 -9.92
N THR B 11 5.05 0.89 -9.28
CA THR B 11 4.64 1.00 -7.89
C THR B 11 5.78 0.70 -6.93
N LEU B 12 6.67 -0.19 -7.31
CA LEU B 12 7.82 -0.54 -6.47
C LEU B 12 8.74 0.66 -6.51
N GLU B 13 8.83 1.23 -7.71
CA GLU B 13 9.59 2.44 -7.95
C GLU B 13 8.97 3.55 -7.11
N ASP B 14 7.63 3.56 -7.12
CA ASP B 14 6.85 4.52 -6.38
C ASP B 14 7.26 4.51 -4.91
N LEU B 15 7.34 3.30 -4.34
CA LEU B 15 7.71 3.12 -2.94
C LEU B 15 9.20 3.35 -2.67
N GLU B 16 9.84 4.19 -3.49
CA GLU B 16 11.24 4.53 -3.32
C GLU B 16 11.34 5.99 -2.86
N LYS B 17 10.73 6.90 -3.62
CA LYS B 17 10.71 8.31 -3.29
C LYS B 17 9.65 8.59 -2.22
N MET B 18 8.52 7.88 -2.30
CA MET B 18 7.43 8.02 -1.33
C MET B 18 7.82 7.38 -0.01
N ALA B 19 8.85 6.54 -0.05
CA ALA B 19 9.32 5.84 1.14
C ALA B 19 10.53 6.53 1.78
N ARG B 20 11.67 6.48 1.10
CA ARG B 20 12.90 7.07 1.62
C ARG B 20 12.75 8.57 1.87
N ARG B 21 12.66 9.31 0.78
CA ARG B 21 12.51 10.75 0.82
C ARG B 21 11.42 11.19 1.82
N GLU B 22 10.39 10.35 1.96
CA GLU B 22 9.27 10.65 2.85
C GLU B 22 9.56 10.24 4.30
N GLY B 23 10.48 9.29 4.50
CA GLY B 23 10.82 8.87 5.85
C GLY B 23 10.13 7.61 6.31
N LEU B 24 10.42 6.50 5.64
CA LEU B 24 9.87 5.20 6.00
C LEU B 24 10.40 4.09 5.09
N SER B 25 9.92 2.87 5.29
CA SER B 25 10.36 1.71 4.50
C SER B 25 9.21 1.14 3.66
N LYS B 26 9.53 0.15 2.82
CA LYS B 26 8.54 -0.50 1.93
C LYS B 26 7.22 -0.80 2.64
N SER B 27 7.27 -1.24 3.90
CA SER B 27 6.06 -1.56 4.64
C SER B 27 5.39 -0.30 5.20
N GLU B 28 6.14 0.48 5.97
CA GLU B 28 5.60 1.72 6.52
C GLU B 28 5.23 2.70 5.39
N MET B 29 5.67 2.38 4.17
CA MET B 29 5.38 3.16 2.98
C MET B 29 4.01 2.76 2.49
N ILE B 30 3.83 1.46 2.44
CA ILE B 30 2.66 0.83 1.98
C ILE B 30 1.50 0.92 2.98
N ASN B 31 1.80 0.80 4.27
CA ASN B 31 0.78 0.94 5.30
C ASN B 31 0.19 2.34 5.23
N VAL B 32 1.12 3.29 5.16
CA VAL B 32 0.85 4.70 5.08
C VAL B 32 0.00 5.04 3.88
N ALA B 33 0.31 4.41 2.76
CA ALA B 33 -0.43 4.63 1.53
C ALA B 33 -1.91 4.41 1.75
N LEU B 34 -2.23 3.42 2.57
CA LEU B 34 -3.60 3.09 2.83
C LEU B 34 -4.27 4.10 3.76
N GLN B 35 -3.48 4.66 4.69
CA GLN B 35 -4.01 5.63 5.63
C GLN B 35 -4.20 7.02 5.01
N HIS B 36 -3.55 7.27 3.85
CA HIS B 36 -3.71 8.56 3.15
C HIS B 36 -4.76 8.44 2.04
N TYR B 37 -4.82 7.28 1.39
CA TYR B 37 -5.79 7.02 0.32
C TYR B 37 -7.17 7.61 0.66
N LYS B 38 -7.86 8.14 -0.36
CA LYS B 38 -9.18 8.70 -0.21
C LYS B 38 -9.14 10.08 0.46
N ARG A 1 3.81 -7.35 -9.10
CA ARG A 1 4.86 -8.23 -8.48
C ARG A 1 4.44 -8.69 -7.10
N TRP A 2 5.07 -9.76 -6.63
CA TRP A 2 4.79 -10.29 -5.31
C TRP A 2 5.92 -9.93 -4.34
N LEU A 3 5.57 -9.14 -3.34
CA LEU A 3 6.54 -8.69 -2.34
C LEU A 3 5.97 -8.86 -0.93
N CYS A 4 6.85 -8.94 0.07
CA CYS A 4 6.44 -9.08 1.47
C CYS A 4 6.84 -7.82 2.24
N ILE A 5 5.93 -7.35 3.12
CA ILE A 5 6.21 -6.13 3.89
C ILE A 5 5.41 -6.10 5.20
N TRP A 6 5.80 -5.16 6.07
CA TRP A 6 5.16 -4.96 7.39
C TRP A 6 3.85 -4.19 7.24
N LEU A 7 2.77 -4.95 7.02
CA LEU A 7 1.43 -4.40 6.84
C LEU A 7 0.51 -5.09 7.86
N SER A 8 0.49 -4.57 9.08
CA SER A 8 -0.29 -5.15 10.16
C SER A 8 -1.80 -5.12 9.91
N ASP A 9 -2.49 -5.75 10.86
CA ASP A 9 -3.95 -5.88 10.84
C ASP A 9 -4.66 -4.54 10.74
N GLN A 10 -4.19 -3.57 11.51
CA GLN A 10 -4.78 -2.24 11.56
C GLN A 10 -5.19 -1.73 10.18
N THR A 11 -4.39 -2.04 9.15
CA THR A 11 -4.69 -1.56 7.81
C THR A 11 -5.15 -2.64 6.82
N LEU A 12 -5.03 -3.92 7.17
CA LEU A 12 -5.54 -4.96 6.29
C LEU A 12 -7.04 -4.85 6.35
N GLU A 13 -7.49 -4.56 7.58
CA GLU A 13 -8.89 -4.33 7.85
C GLU A 13 -9.32 -3.11 7.08
N ASP A 14 -8.44 -2.11 7.08
CA ASP A 14 -8.66 -0.86 6.36
C ASP A 14 -9.02 -1.16 4.91
N LEU A 15 -8.28 -2.11 4.32
CA LEU A 15 -8.48 -2.53 2.94
C LEU A 15 -9.71 -3.42 2.75
N GLU A 16 -10.65 -3.39 3.70
CA GLU A 16 -11.88 -4.17 3.60
C GLU A 16 -13.00 -3.27 3.11
N LYS A 17 -13.14 -2.11 3.76
CA LYS A 17 -14.15 -1.14 3.39
C LYS A 17 -13.67 -0.29 2.21
N MET A 18 -12.35 -0.02 2.15
CA MET A 18 -11.78 0.76 1.07
C MET A 18 -11.87 -0.01 -0.24
N ALA A 19 -11.08 -1.08 -0.34
CA ALA A 19 -11.03 -1.94 -1.52
C ALA A 19 -12.40 -2.12 -2.18
N ARG A 20 -13.42 -2.38 -1.36
CA ARG A 20 -14.76 -2.58 -1.88
C ARG A 20 -15.33 -1.29 -2.45
N ARG A 21 -15.63 -0.36 -1.57
CA ARG A 21 -16.17 0.93 -1.93
C ARG A 21 -15.31 1.62 -3.00
N GLU A 22 -14.03 1.28 -3.03
CA GLU A 22 -13.09 1.85 -3.99
C GLU A 22 -13.10 1.05 -5.30
N GLY A 23 -13.29 -0.27 -5.21
CA GLY A 23 -13.34 -1.08 -6.42
C GLY A 23 -12.06 -1.85 -6.70
N LEU A 24 -11.81 -2.90 -5.90
CA LEU A 24 -10.63 -3.76 -6.08
C LEU A 24 -10.42 -4.73 -4.91
N SER A 25 -9.31 -5.45 -4.95
CA SER A 25 -8.94 -6.43 -3.92
C SER A 25 -7.82 -5.90 -3.03
N LYS A 26 -7.55 -6.60 -1.92
CA LYS A 26 -6.51 -6.18 -0.94
C LYS A 26 -5.21 -5.70 -1.62
N SER A 27 -4.77 -6.39 -2.68
CA SER A 27 -3.54 -6.03 -3.38
C SER A 27 -3.75 -4.83 -4.31
N GLU A 28 -4.71 -4.94 -5.22
CA GLU A 28 -5.01 -3.83 -6.13
C GLU A 28 -5.44 -2.59 -5.33
N MET A 29 -5.84 -2.83 -4.07
CA MET A 29 -6.25 -1.79 -3.13
C MET A 29 -5.01 -1.03 -2.72
N ILE A 30 -4.04 -1.81 -2.39
CA ILE A 30 -2.78 -1.36 -1.94
C ILE A 30 -1.95 -0.68 -3.04
N ASN A 31 -2.16 -1.07 -4.30
CA ASN A 31 -1.47 -0.45 -5.42
C ASN A 31 -1.96 0.99 -5.56
N VAL A 32 -3.27 1.11 -5.56
CA VAL A 32 -3.98 2.34 -5.68
C VAL A 32 -3.57 3.30 -4.59
N ALA A 33 -3.44 2.77 -3.39
CA ALA A 33 -3.03 3.56 -2.24
C ALA A 33 -1.77 4.35 -2.54
N LEU A 34 -0.86 3.71 -3.26
CA LEU A 34 0.41 4.32 -3.58
C LEU A 34 0.24 5.39 -4.65
N GLN A 35 -0.77 5.21 -5.51
CA GLN A 35 -1.03 6.14 -6.60
C GLN A 35 -1.79 7.39 -6.11
N HIS A 36 -2.44 7.31 -4.94
CA HIS A 36 -3.15 8.47 -4.37
C HIS A 36 -2.39 9.11 -3.20
N TYR A 37 -1.72 8.29 -2.39
CA TYR A 37 -0.95 8.75 -1.23
C TYR A 37 -0.36 10.15 -1.45
N LYS A 38 -0.57 11.04 -0.46
CA LYS A 38 -0.05 12.40 -0.50
C LYS A 38 -0.67 13.22 -1.63
N ARG B 1 2.67 -7.22 11.34
CA ARG B 1 2.36 -8.52 10.68
C ARG B 1 2.82 -8.54 9.22
N TRP B 2 3.58 -9.58 8.86
CA TRP B 2 4.10 -9.73 7.51
C TRP B 2 2.98 -10.17 6.57
N LEU B 3 3.06 -9.70 5.34
CA LEU B 3 2.06 -10.01 4.33
C LEU B 3 2.63 -9.81 2.91
N CYS B 4 2.12 -10.58 1.95
CA CYS B 4 2.54 -10.48 0.55
C CYS B 4 1.40 -9.90 -0.28
N ILE B 5 1.72 -9.01 -1.24
CA ILE B 5 0.69 -8.37 -2.05
C ILE B 5 1.14 -8.05 -3.48
N TRP B 6 0.22 -7.46 -4.28
CA TRP B 6 0.49 -7.15 -5.70
C TRP B 6 0.85 -5.67 -5.95
N LEU B 7 2.15 -5.44 -6.12
CA LEU B 7 2.69 -4.12 -6.44
C LEU B 7 3.69 -4.31 -7.58
N SER B 8 3.40 -3.78 -8.77
CA SER B 8 4.27 -3.96 -9.91
C SER B 8 5.32 -2.85 -10.01
N ASP B 9 5.95 -2.79 -11.17
CA ASP B 9 7.02 -1.82 -11.44
C ASP B 9 6.64 -0.40 -11.02
N GLN B 10 5.64 0.17 -11.69
CA GLN B 10 5.19 1.53 -11.42
C GLN B 10 4.96 1.81 -9.94
N THR B 11 4.66 0.77 -9.15
CA THR B 11 4.39 0.95 -7.74
C THR B 11 5.62 0.74 -6.87
N LEU B 12 6.44 -0.24 -7.22
CA LEU B 12 7.67 -0.50 -6.46
C LEU B 12 8.55 0.71 -6.60
N GLU B 13 8.56 1.23 -7.82
CA GLU B 13 9.28 2.45 -8.15
C GLU B 13 8.67 3.59 -7.34
N ASP B 14 7.33 3.58 -7.31
CA ASP B 14 6.56 4.57 -6.56
C ASP B 14 7.02 4.63 -5.12
N LEU B 15 7.20 3.45 -4.52
CA LEU B 15 7.62 3.32 -3.14
C LEU B 15 9.10 3.67 -2.91
N GLU B 16 9.63 4.55 -3.76
CA GLU B 16 11.01 5.01 -3.62
C GLU B 16 11.02 6.46 -3.16
N LYS B 17 10.35 7.33 -3.92
CA LYS B 17 10.25 8.74 -3.59
C LYS B 17 9.25 8.96 -2.44
N MET B 18 8.30 8.04 -2.30
CA MET B 18 7.27 8.11 -1.25
C MET B 18 7.77 7.46 0.05
N ALA B 19 8.74 6.56 -0.08
CA ALA B 19 9.31 5.85 1.07
C ALA B 19 10.66 6.44 1.49
N ARG B 20 11.68 6.28 0.64
CA ARG B 20 13.03 6.77 0.93
C ARG B 20 13.03 8.25 1.26
N ARG B 21 12.71 9.05 0.28
CA ARG B 21 12.65 10.49 0.42
C ARG B 21 11.84 10.90 1.65
N GLU B 22 10.83 10.08 1.99
CA GLU B 22 9.96 10.34 3.13
C GLU B 22 10.50 9.70 4.42
N GLY B 23 11.58 8.92 4.32
CA GLY B 23 12.12 8.25 5.48
C GLY B 23 11.41 6.94 5.79
N LEU B 24 10.31 6.70 5.06
CA LEU B 24 9.51 5.49 5.22
C LEU B 24 10.20 4.27 4.63
N SER B 25 9.61 3.13 4.91
CA SER B 25 10.08 1.84 4.40
C SER B 25 9.00 1.20 3.54
N LYS B 26 9.37 0.21 2.72
CA LYS B 26 8.41 -0.47 1.81
C LYS B 26 7.05 -0.72 2.48
N SER B 27 7.06 -1.06 3.77
CA SER B 27 5.84 -1.35 4.53
C SER B 27 5.18 -0.07 5.03
N GLU B 28 5.92 0.71 5.80
CA GLU B 28 5.41 1.98 6.33
C GLU B 28 5.06 2.93 5.17
N MET B 29 5.48 2.56 3.96
CA MET B 29 5.21 3.29 2.75
C MET B 29 3.84 2.89 2.25
N ILE B 30 3.66 1.59 2.24
CA ILE B 30 2.49 0.93 1.78
C ILE B 30 1.32 1.06 2.75
N ASN B 31 1.61 1.09 4.05
CA ASN B 31 0.56 1.27 5.07
C ASN B 31 0.02 2.68 5.00
N VAL B 32 0.96 3.61 4.97
CA VAL B 32 0.72 5.01 4.90
C VAL B 32 -0.13 5.34 3.69
N ALA B 33 0.18 4.68 2.60
CA ALA B 33 -0.55 4.86 1.35
C ALA B 33 -2.03 4.67 1.55
N LEU B 34 -2.40 3.79 2.48
CA LEU B 34 -3.80 3.50 2.71
C LEU B 34 -4.44 4.54 3.62
N GLN B 35 -3.66 5.08 4.57
CA GLN B 35 -4.17 6.07 5.51
C GLN B 35 -4.21 7.48 4.89
N HIS B 36 -3.63 7.64 3.69
CA HIS B 36 -3.66 8.93 3.00
C HIS B 36 -4.53 8.86 1.72
N TYR B 37 -5.24 7.74 1.54
CA TYR B 37 -6.13 7.52 0.40
C TYR B 37 -7.33 8.51 0.48
N LYS B 38 -8.34 8.31 -0.36
CA LYS B 38 -9.52 9.13 -0.46
C LYS B 38 -9.26 10.60 -0.11
N ARG A 1 4.28 -7.66 -9.48
CA ARG A 1 5.29 -8.40 -8.67
C ARG A 1 4.70 -8.95 -7.37
N TRP A 2 5.33 -9.99 -6.84
CA TRP A 2 4.90 -10.56 -5.57
C TRP A 2 5.80 -10.02 -4.47
N LEU A 3 5.20 -9.26 -3.58
CA LEU A 3 5.93 -8.63 -2.48
C LEU A 3 5.38 -9.03 -1.11
N CYS A 4 6.31 -9.20 -0.17
CA CYS A 4 5.95 -9.54 1.22
C CYS A 4 6.56 -8.50 2.15
N ILE A 5 5.73 -7.93 3.04
CA ILE A 5 6.21 -6.88 3.95
C ILE A 5 5.37 -6.78 5.23
N TRP A 6 5.82 -5.93 6.15
CA TRP A 6 5.17 -5.76 7.48
C TRP A 6 4.18 -4.59 7.55
N LEU A 7 2.89 -4.93 7.70
CA LEU A 7 1.82 -3.94 7.84
C LEU A 7 0.99 -4.30 9.04
N SER A 8 0.88 -3.37 9.99
CA SER A 8 0.11 -3.63 11.18
C SER A 8 -1.37 -3.45 10.90
N ASP A 9 -2.14 -3.53 11.96
CA ASP A 9 -3.60 -3.41 11.89
C ASP A 9 -4.04 -2.02 11.35
N GLN A 10 -5.31 -1.66 11.58
CA GLN A 10 -5.88 -0.40 11.17
C GLN A 10 -5.35 0.09 9.81
N THR A 11 -5.21 -0.87 8.90
CA THR A 11 -4.72 -0.61 7.55
C THR A 11 -4.69 -1.91 6.75
N LEU A 12 -3.97 -2.88 7.29
CA LEU A 12 -3.92 -4.21 6.71
C LEU A 12 -5.31 -4.80 6.74
N GLU A 13 -6.06 -4.35 7.74
CA GLU A 13 -7.45 -4.72 7.96
C GLU A 13 -8.34 -3.69 7.28
N ASP A 14 -7.89 -2.43 7.34
CA ASP A 14 -8.57 -1.29 6.74
C ASP A 14 -9.04 -1.63 5.32
N LEU A 15 -8.26 -2.48 4.64
CA LEU A 15 -8.56 -2.92 3.29
C LEU A 15 -9.76 -3.88 3.19
N GLU A 16 -10.60 -3.90 4.22
CA GLU A 16 -11.78 -4.74 4.23
C GLU A 16 -12.98 -3.91 3.77
N LYS A 17 -13.13 -2.73 4.36
CA LYS A 17 -14.18 -1.80 4.02
C LYS A 17 -13.79 -0.96 2.81
N MET A 18 -12.51 -0.56 2.75
CA MET A 18 -12.00 0.25 1.64
C MET A 18 -12.07 -0.54 0.34
N ALA A 19 -11.17 -1.52 0.23
CA ALA A 19 -11.02 -2.41 -0.95
C ALA A 19 -12.30 -2.62 -1.73
N ARG A 20 -13.43 -2.60 -1.06
CA ARG A 20 -14.68 -2.78 -1.76
C ARG A 20 -14.94 -1.59 -2.70
N ARG A 21 -16.04 -0.90 -2.51
CA ARG A 21 -16.37 0.26 -3.33
C ARG A 21 -15.21 1.27 -3.36
N GLU A 22 -14.38 1.23 -2.32
CA GLU A 22 -13.27 2.17 -2.17
C GLU A 22 -11.88 1.59 -2.39
N GLY A 23 -11.72 0.30 -2.64
CA GLY A 23 -10.35 -0.15 -2.75
C GLY A 23 -10.07 -1.32 -3.66
N LEU A 24 -10.93 -1.64 -4.61
CA LEU A 24 -10.60 -2.72 -5.53
C LEU A 24 -10.17 -4.01 -4.83
N SER A 25 -9.48 -4.84 -5.59
CA SER A 25 -8.97 -6.12 -5.07
C SER A 25 -7.99 -5.88 -3.92
N LYS A 26 -7.66 -6.92 -3.15
CA LYS A 26 -6.73 -6.77 -2.00
C LYS A 26 -5.42 -6.10 -2.44
N SER A 27 -4.87 -6.52 -3.58
CA SER A 27 -3.63 -5.95 -4.09
C SER A 27 -3.91 -4.64 -4.82
N GLU A 28 -4.92 -4.65 -5.68
CA GLU A 28 -5.32 -3.45 -6.42
C GLU A 28 -5.64 -2.32 -5.43
N MET A 29 -6.08 -2.71 -4.23
CA MET A 29 -6.40 -1.79 -3.16
C MET A 29 -5.14 -1.06 -2.74
N ILE A 30 -4.14 -1.87 -2.56
CA ILE A 30 -2.87 -1.45 -2.09
C ILE A 30 -2.00 -0.79 -3.17
N ASN A 31 -2.17 -1.17 -4.43
CA ASN A 31 -1.42 -0.56 -5.53
C ASN A 31 -1.93 0.86 -5.77
N VAL A 32 -3.24 0.92 -5.88
CA VAL A 32 -3.98 2.13 -6.11
C VAL A 32 -3.70 3.14 -5.03
N ALA A 33 -3.69 2.66 -3.82
CA ALA A 33 -3.43 3.50 -2.65
C ALA A 33 -2.18 4.32 -2.84
N LEU A 34 -1.25 3.81 -3.65
CA LEU A 34 0.00 4.49 -3.84
C LEU A 34 -0.03 5.45 -5.03
N GLN A 35 -0.82 5.15 -6.06
CA GLN A 35 -0.89 6.00 -7.24
C GLN A 35 -1.72 7.27 -6.98
N HIS A 36 -2.48 7.29 -5.88
CA HIS A 36 -3.25 8.48 -5.49
C HIS A 36 -2.64 9.09 -4.24
N TYR A 37 -1.31 9.01 -4.15
CA TYR A 37 -0.56 9.51 -3.01
C TYR A 37 -0.45 11.05 -2.98
N LYS A 38 -0.11 11.57 -1.79
CA LYS A 38 0.09 12.99 -1.58
C LYS A 38 1.17 13.26 -0.54
N ARG B 1 1.52 -7.56 10.26
CA ARG B 1 1.06 -8.75 9.50
C ARG B 1 1.87 -8.94 8.21
N TRP B 2 2.24 -10.19 7.95
CA TRP B 2 2.98 -10.53 6.74
C TRP B 2 1.99 -10.84 5.64
N LEU B 3 2.07 -10.11 4.54
CA LEU B 3 1.15 -10.31 3.41
C LEU B 3 1.89 -10.37 2.07
N CYS B 4 1.29 -11.10 1.13
CA CYS B 4 1.85 -11.22 -0.23
C CYS B 4 0.79 -10.79 -1.23
N ILE B 5 1.13 -9.82 -2.08
CA ILE B 5 0.16 -9.29 -3.06
C ILE B 5 0.81 -8.85 -4.38
N TRP B 6 -0.03 -8.42 -5.34
CA TRP B 6 0.44 -8.01 -6.67
C TRP B 6 0.63 -6.49 -6.84
N LEU B 7 1.89 -6.06 -6.77
CA LEU B 7 2.29 -4.66 -6.96
C LEU B 7 3.43 -4.61 -7.96
N SER B 8 3.18 -4.05 -9.15
CA SER B 8 4.18 -3.99 -10.18
C SER B 8 5.11 -2.79 -10.05
N ASP B 9 6.04 -2.74 -10.98
CA ASP B 9 7.06 -1.68 -11.06
C ASP B 9 6.48 -0.28 -10.92
N GLN B 10 5.43 -0.01 -11.69
CA GLN B 10 4.77 1.29 -11.68
C GLN B 10 4.59 1.85 -10.27
N THR B 11 4.34 0.97 -9.30
CA THR B 11 4.13 1.43 -7.92
C THR B 11 5.21 1.03 -6.93
N LEU B 12 6.16 0.18 -7.32
CA LEU B 12 7.26 -0.16 -6.41
C LEU B 12 8.14 1.08 -6.37
N GLU B 13 8.27 1.67 -7.56
CA GLU B 13 9.02 2.91 -7.73
C GLU B 13 8.32 4.00 -6.93
N ASP B 14 6.98 3.98 -7.00
CA ASP B 14 6.15 4.92 -6.29
C ASP B 14 6.53 4.94 -4.81
N LEU B 15 6.75 3.74 -4.27
CA LEU B 15 7.12 3.55 -2.88
C LEU B 15 8.60 3.82 -2.58
N GLU B 16 9.24 4.60 -3.45
CA GLU B 16 10.64 4.95 -3.27
C GLU B 16 10.78 6.42 -2.84
N LYS B 17 10.00 7.31 -3.48
CA LYS B 17 10.03 8.73 -3.17
C LYS B 17 9.19 9.04 -1.93
N MET B 18 7.97 8.50 -1.87
CA MET B 18 7.07 8.75 -0.74
C MET B 18 7.38 7.85 0.47
N ALA B 19 8.52 7.13 0.41
CA ALA B 19 8.97 6.27 1.50
C ALA B 19 10.22 6.88 2.13
N ARG B 20 11.28 7.02 1.33
CA ARG B 20 12.54 7.60 1.78
C ARG B 20 12.36 9.04 2.21
N ARG B 21 11.98 9.86 1.27
CA ARG B 21 11.74 11.28 1.50
C ARG B 21 10.80 11.48 2.69
N GLU B 22 9.84 10.56 2.84
CA GLU B 22 8.86 10.62 3.94
C GLU B 22 9.46 10.06 5.24
N GLY B 23 10.62 9.40 5.15
CA GLY B 23 11.23 8.81 6.33
C GLY B 23 10.81 7.36 6.53
N LEU B 24 9.78 6.95 5.79
CA LEU B 24 9.25 5.61 5.85
C LEU B 24 10.14 4.59 5.16
N SER B 25 9.73 3.34 5.27
CA SER B 25 10.43 2.20 4.65
C SER B 25 9.47 1.51 3.66
N LYS B 26 9.96 0.53 2.90
CA LYS B 26 9.11 -0.16 1.91
C LYS B 26 7.82 -0.70 2.54
N SER B 27 7.91 -1.21 3.77
CA SER B 27 6.73 -1.75 4.47
C SER B 27 5.89 -0.64 5.07
N GLU B 28 6.54 0.23 5.86
CA GLU B 28 5.85 1.35 6.49
C GLU B 28 5.30 2.33 5.43
N MET B 29 5.76 2.18 4.19
CA MET B 29 5.30 2.97 3.06
C MET B 29 4.00 2.38 2.60
N ILE B 30 4.04 1.09 2.51
CA ILE B 30 2.94 0.32 2.07
C ILE B 30 1.77 0.39 3.05
N ASN B 31 2.06 0.81 4.29
CA ASN B 31 1.04 1.00 5.31
C ASN B 31 0.31 2.34 5.11
N VAL B 32 1.08 3.42 4.89
CA VAL B 32 0.54 4.74 4.65
C VAL B 32 -0.32 4.69 3.43
N ALA B 33 0.06 3.81 2.54
CA ALA B 33 -0.65 3.55 1.30
C ALA B 33 -2.14 3.64 1.51
N LEU B 34 -2.58 3.03 2.60
CA LEU B 34 -3.98 3.01 2.93
C LEU B 34 -4.40 4.28 3.67
N GLN B 35 -3.45 4.86 4.43
CA GLN B 35 -3.70 6.08 5.19
C GLN B 35 -3.54 7.36 4.32
N HIS B 36 -2.90 7.24 3.14
CA HIS B 36 -2.70 8.39 2.24
C HIS B 36 -3.40 8.21 0.87
N TYR B 37 -4.19 7.14 0.71
CA TYR B 37 -4.91 6.87 -0.54
C TYR B 37 -6.17 7.74 -0.62
N LYS B 38 -6.44 8.31 -1.80
CA LYS B 38 -7.60 9.14 -2.04
C LYS B 38 -7.58 10.42 -1.20
N ARG A 1 4.52 -7.90 -9.49
CA ARG A 1 5.63 -8.29 -8.57
C ARG A 1 5.11 -8.76 -7.22
N TRP A 2 5.67 -9.87 -6.73
CA TRP A 2 5.29 -10.40 -5.43
C TRP A 2 6.17 -9.76 -4.37
N LEU A 3 5.55 -9.05 -3.45
CA LEU A 3 6.29 -8.36 -2.39
C LEU A 3 5.67 -8.62 -1.02
N CYS A 4 6.50 -8.50 0.02
CA CYS A 4 6.05 -8.69 1.40
C CYS A 4 6.46 -7.47 2.24
N ILE A 5 5.55 -6.96 3.07
CA ILE A 5 5.85 -5.79 3.89
C ILE A 5 5.07 -5.76 5.21
N TRP A 6 5.41 -4.81 6.09
CA TRP A 6 4.77 -4.70 7.41
C TRP A 6 3.46 -3.90 7.39
N LEU A 7 2.35 -4.63 7.21
CA LEU A 7 0.99 -4.04 7.22
C LEU A 7 0.14 -4.91 8.14
N SER A 8 -0.04 -4.46 9.38
CA SER A 8 -0.80 -5.22 10.34
C SER A 8 -2.29 -5.17 10.07
N ASP A 9 -3.05 -5.63 11.04
CA ASP A 9 -4.51 -5.70 10.96
C ASP A 9 -5.16 -4.36 10.63
N GLN A 10 -4.84 -3.34 11.44
CA GLN A 10 -5.41 -2.01 11.26
C GLN A 10 -5.30 -1.48 9.84
N THR A 11 -4.35 -2.00 9.05
CA THR A 11 -4.16 -1.53 7.69
C THR A 11 -4.85 -2.40 6.65
N LEU A 12 -5.08 -3.65 6.98
CA LEU A 12 -5.77 -4.56 6.08
C LEU A 12 -7.24 -4.25 6.20
N GLU A 13 -7.64 -3.94 7.42
CA GLU A 13 -9.00 -3.51 7.71
C GLU A 13 -9.27 -2.29 6.85
N ASP A 14 -8.24 -1.44 6.78
CA ASP A 14 -8.28 -0.25 5.95
C ASP A 14 -8.60 -0.64 4.52
N LEU A 15 -7.89 -1.67 4.04
CA LEU A 15 -8.06 -2.20 2.71
C LEU A 15 -9.24 -3.15 2.59
N GLU A 16 -10.28 -2.92 3.40
CA GLU A 16 -11.48 -3.72 3.39
C GLU A 16 -12.66 -2.88 2.88
N LYS A 17 -12.83 -1.68 3.46
CA LYS A 17 -13.89 -0.76 3.06
C LYS A 17 -13.41 0.16 1.92
N MET A 18 -12.10 0.43 1.88
CA MET A 18 -11.52 1.26 0.83
C MET A 18 -11.15 0.43 -0.39
N ALA A 19 -11.27 -0.89 -0.24
CA ALA A 19 -10.92 -1.86 -1.30
C ALA A 19 -12.08 -2.20 -2.22
N ARG A 20 -13.29 -1.95 -1.80
CA ARG A 20 -14.44 -2.26 -2.65
C ARG A 20 -14.41 -1.41 -3.92
N ARG A 21 -15.53 -0.82 -4.32
CA ARG A 21 -15.55 0.03 -5.49
C ARG A 21 -14.41 1.05 -5.43
N GLU A 22 -13.95 1.30 -4.20
CA GLU A 22 -12.89 2.26 -3.91
C GLU A 22 -11.49 1.67 -3.93
N GLY A 23 -11.33 0.36 -3.74
CA GLY A 23 -9.97 -0.14 -3.69
C GLY A 23 -9.70 -1.45 -4.38
N LEU A 24 -10.56 -1.88 -5.28
CA LEU A 24 -10.28 -3.08 -6.05
C LEU A 24 -9.94 -4.31 -5.20
N SER A 25 -9.35 -5.27 -5.87
CA SER A 25 -8.91 -6.53 -5.22
C SER A 25 -7.92 -6.24 -4.10
N LYS A 26 -7.70 -7.22 -3.21
CA LYS A 26 -6.77 -7.04 -2.07
C LYS A 26 -5.40 -6.51 -2.54
N SER A 27 -4.86 -7.08 -3.63
CA SER A 27 -3.57 -6.65 -4.17
C SER A 27 -3.70 -5.33 -4.92
N GLU A 28 -4.79 -5.19 -5.68
CA GLU A 28 -5.04 -3.97 -6.45
C GLU A 28 -5.24 -2.78 -5.51
N MET A 29 -5.89 -3.02 -4.36
CA MET A 29 -6.11 -2.00 -3.35
C MET A 29 -4.76 -1.52 -2.86
N ILE A 30 -3.94 -2.48 -2.64
CA ILE A 30 -2.65 -2.28 -2.12
C ILE A 30 -1.74 -1.56 -3.13
N ASN A 31 -2.12 -1.59 -4.40
CA ASN A 31 -1.40 -0.89 -5.46
C ASN A 31 -1.80 0.60 -5.47
N VAL A 32 -3.11 0.88 -5.37
CA VAL A 32 -3.64 2.21 -5.33
C VAL A 32 -3.09 2.92 -4.13
N ALA A 33 -2.87 2.14 -3.10
CA ALA A 33 -2.29 2.63 -1.86
C ALA A 33 -1.20 3.63 -2.14
N LEU A 34 -0.39 3.30 -3.15
CA LEU A 34 0.71 4.15 -3.52
C LEU A 34 0.25 5.28 -4.46
N GLN A 35 -0.80 5.01 -5.25
CA GLN A 35 -1.35 5.98 -6.19
C GLN A 35 -2.41 6.92 -5.57
N HIS A 36 -3.00 6.55 -4.43
CA HIS A 36 -4.02 7.38 -3.76
C HIS A 36 -3.50 8.02 -2.45
N TYR A 37 -2.21 7.81 -2.15
CA TYR A 37 -1.58 8.37 -0.96
C TYR A 37 -1.22 9.85 -1.21
N LYS A 38 -1.30 10.69 -0.17
CA LYS A 38 -0.99 12.09 -0.26
C LYS A 38 -2.02 12.87 -1.07
N ARG B 1 2.22 -7.72 11.63
CA ARG B 1 1.64 -8.73 10.70
C ARG B 1 2.07 -8.49 9.25
N TRP B 2 2.92 -9.40 8.73
CA TRP B 2 3.42 -9.32 7.37
C TRP B 2 2.31 -9.59 6.36
N LEU B 3 2.63 -9.44 5.08
CA LEU B 3 1.64 -9.66 4.01
C LEU B 3 2.31 -9.70 2.64
N CYS B 4 1.88 -10.64 1.80
CA CYS B 4 2.41 -10.78 0.44
C CYS B 4 1.28 -10.55 -0.56
N ILE B 5 1.57 -9.82 -1.65
CA ILE B 5 0.53 -9.52 -2.65
C ILE B 5 1.12 -9.08 -4.00
N TRP B 6 0.23 -8.91 -4.99
CA TRP B 6 0.61 -8.55 -6.37
C TRP B 6 0.59 -7.03 -6.64
N LEU B 7 1.78 -6.46 -6.90
CA LEU B 7 1.94 -5.05 -7.24
C LEU B 7 2.75 -4.93 -8.50
N SER B 8 2.22 -4.27 -9.52
CA SER B 8 2.96 -4.10 -10.73
C SER B 8 3.92 -2.95 -10.59
N ASP B 9 4.58 -2.62 -11.66
CA ASP B 9 5.57 -1.54 -11.68
C ASP B 9 4.93 -0.18 -11.34
N GLN B 10 5.65 0.91 -11.65
CA GLN B 10 5.18 2.28 -11.43
C GLN B 10 4.34 2.41 -10.16
N THR B 11 4.79 1.73 -9.09
CA THR B 11 4.14 1.74 -7.80
C THR B 11 4.94 0.90 -6.81
N LEU B 12 5.16 -0.33 -7.18
CA LEU B 12 5.98 -1.24 -6.39
C LEU B 12 7.39 -0.68 -6.30
N GLU B 13 7.73 0.04 -7.37
CA GLU B 13 9.00 0.73 -7.51
C GLU B 13 8.83 2.17 -7.09
N ASP B 14 7.63 2.72 -7.41
CA ASP B 14 7.25 4.08 -7.09
C ASP B 14 7.64 4.46 -5.67
N LEU B 15 7.62 3.45 -4.78
CA LEU B 15 7.96 3.64 -3.37
C LEU B 15 9.43 3.98 -3.12
N GLU B 16 10.17 4.36 -4.15
CA GLU B 16 11.56 4.74 -4.00
C GLU B 16 11.64 6.21 -3.55
N LYS B 17 10.80 7.05 -4.16
CA LYS B 17 10.72 8.45 -3.83
C LYS B 17 9.68 8.72 -2.73
N MET B 18 8.73 7.80 -2.58
CA MET B 18 7.67 7.93 -1.57
C MET B 18 8.13 7.44 -0.20
N ALA B 19 9.09 6.51 -0.18
CA ALA B 19 9.62 5.96 1.07
C ALA B 19 10.93 6.65 1.43
N ARG B 20 11.99 6.38 0.66
CA ARG B 20 13.32 6.97 0.92
C ARG B 20 13.27 8.47 1.03
N ARG B 21 12.99 9.11 -0.08
CA ARG B 21 12.90 10.56 -0.16
C ARG B 21 12.02 11.13 0.97
N GLU B 22 10.99 10.37 1.34
CA GLU B 22 10.05 10.77 2.40
C GLU B 22 10.57 10.37 3.80
N GLY B 23 11.63 9.55 3.86
CA GLY B 23 12.15 9.09 5.13
C GLY B 23 11.48 7.81 5.59
N LEU B 24 10.42 7.42 4.88
CA LEU B 24 9.66 6.21 5.18
C LEU B 24 10.42 4.95 4.73
N SER B 25 9.81 3.81 5.01
CA SER B 25 10.35 2.50 4.66
C SER B 25 9.32 1.72 3.83
N LYS B 26 9.72 0.58 3.26
CA LYS B 26 8.81 -0.23 2.43
C LYS B 26 7.43 -0.41 3.08
N SER B 27 7.39 -0.61 4.41
CA SER B 27 6.13 -0.80 5.12
C SER B 27 5.51 0.54 5.53
N GLU B 28 6.31 1.39 6.18
CA GLU B 28 5.82 2.71 6.61
C GLU B 28 5.46 3.58 5.40
N MET B 29 5.71 3.08 4.19
CA MET B 29 5.37 3.75 2.97
C MET B 29 4.01 3.25 2.51
N ILE B 30 3.93 1.93 2.50
CA ILE B 30 2.77 1.21 2.08
C ILE B 30 1.64 1.26 3.12
N ASN B 31 1.99 1.24 4.40
CA ASN B 31 1.03 1.35 5.49
C ASN B 31 0.41 2.73 5.50
N VAL B 32 1.30 3.71 5.42
CA VAL B 32 0.98 5.11 5.41
C VAL B 32 0.10 5.46 4.23
N ALA B 33 0.37 4.81 3.13
CA ALA B 33 -0.39 5.02 1.90
C ALA B 33 -1.88 4.91 2.16
N LEU B 34 -2.24 4.05 3.12
CA LEU B 34 -3.62 3.83 3.42
C LEU B 34 -4.14 4.77 4.51
N GLN B 35 -3.26 5.21 5.41
CA GLN B 35 -3.66 6.09 6.49
C GLN B 35 -4.04 7.49 5.98
N HIS B 36 -3.59 7.84 4.76
CA HIS B 36 -3.95 9.13 4.16
C HIS B 36 -5.03 8.94 3.09
N TYR B 37 -5.81 7.87 3.24
CA TYR B 37 -6.88 7.53 2.30
C TYR B 37 -8.26 7.88 2.86
N LYS B 38 -9.16 8.33 1.98
CA LYS B 38 -10.52 8.67 2.35
C LYS B 38 -11.53 8.04 1.39
N ARG A 1 3.89 -7.48 -9.24
CA ARG A 1 4.95 -8.19 -8.45
C ARG A 1 4.42 -8.63 -7.09
N TRP A 2 5.04 -9.67 -6.54
CA TRP A 2 4.66 -10.17 -5.24
C TRP A 2 5.65 -9.66 -4.20
N LEU A 3 5.12 -8.95 -3.21
CA LEU A 3 5.93 -8.36 -2.15
C LEU A 3 5.34 -8.64 -0.77
N CYS A 4 6.20 -8.99 0.18
CA CYS A 4 5.78 -9.25 1.57
C CYS A 4 6.49 -8.28 2.51
N ILE A 5 5.71 -7.60 3.35
CA ILE A 5 6.28 -6.60 4.26
C ILE A 5 5.46 -6.47 5.56
N TRP A 6 5.89 -5.56 6.45
CA TRP A 6 5.23 -5.38 7.77
C TRP A 6 4.16 -4.27 7.79
N LEU A 7 2.91 -4.69 7.63
CA LEU A 7 1.76 -3.78 7.70
C LEU A 7 0.84 -4.28 8.80
N SER A 8 0.63 -3.49 9.84
CA SER A 8 -0.19 -3.91 10.92
C SER A 8 -1.62 -4.08 10.48
N ASP A 9 -2.35 -4.74 11.35
CA ASP A 9 -3.75 -5.08 11.13
C ASP A 9 -4.65 -3.84 10.96
N GLN A 10 -4.33 -2.78 11.68
CA GLN A 10 -5.10 -1.53 11.67
C GLN A 10 -4.94 -0.73 10.35
N THR A 11 -4.75 -1.43 9.25
CA THR A 11 -4.61 -0.81 7.92
C THR A 11 -4.62 -1.85 6.82
N LEU A 12 -3.79 -2.86 6.98
CA LEU A 12 -3.74 -3.97 6.04
C LEU A 12 -5.13 -4.58 5.92
N GLU A 13 -5.88 -4.47 7.02
CA GLU A 13 -7.25 -4.93 7.11
C GLU A 13 -8.17 -3.81 6.66
N ASP A 14 -7.78 -2.59 7.04
CA ASP A 14 -8.48 -1.37 6.69
C ASP A 14 -8.87 -1.39 5.20
N LEU A 15 -8.10 -2.17 4.42
CA LEU A 15 -8.30 -2.34 2.99
C LEU A 15 -9.60 -3.07 2.63
N GLU A 16 -10.52 -3.22 3.59
CA GLU A 16 -11.79 -3.89 3.32
C GLU A 16 -12.80 -2.89 2.79
N LYS A 17 -12.86 -1.72 3.42
CA LYS A 17 -13.77 -0.66 3.00
C LYS A 17 -13.21 0.10 1.80
N MET A 18 -11.88 0.03 1.62
CA MET A 18 -11.21 0.72 0.51
C MET A 18 -11.11 -0.16 -0.73
N ALA A 19 -11.17 -1.48 -0.56
CA ALA A 19 -11.08 -2.43 -1.68
C ALA A 19 -12.45 -2.98 -2.06
N ARG A 20 -13.07 -3.76 -1.16
CA ARG A 20 -14.38 -4.37 -1.42
C ARG A 20 -15.43 -3.34 -1.79
N ARG A 21 -15.77 -2.52 -0.82
CA ARG A 21 -16.76 -1.47 -1.00
C ARG A 21 -16.46 -0.63 -2.25
N GLU A 22 -15.17 -0.52 -2.58
CA GLU A 22 -14.71 0.25 -3.73
C GLU A 22 -14.65 -0.60 -5.01
N GLY A 23 -14.86 -1.92 -4.88
CA GLY A 23 -14.80 -2.79 -6.04
C GLY A 23 -13.39 -3.27 -6.34
N LEU A 24 -12.42 -2.67 -5.65
CA LEU A 24 -11.01 -2.99 -5.81
C LEU A 24 -10.69 -4.35 -5.19
N SER A 25 -9.43 -4.74 -5.32
CA SER A 25 -8.91 -6.00 -4.76
C SER A 25 -7.70 -5.72 -3.87
N LYS A 26 -7.22 -6.74 -3.16
CA LYS A 26 -6.07 -6.59 -2.25
C LYS A 26 -4.91 -5.80 -2.88
N SER A 27 -4.63 -6.04 -4.17
CA SER A 27 -3.55 -5.35 -4.87
C SER A 27 -4.01 -4.03 -5.48
N GLU A 28 -5.12 -4.06 -6.22
CA GLU A 28 -5.65 -2.83 -6.83
C GLU A 28 -6.08 -1.84 -5.74
N MET A 29 -6.03 -2.27 -4.49
CA MET A 29 -6.36 -1.47 -3.34
C MET A 29 -5.10 -0.77 -2.88
N ILE A 30 -4.08 -1.59 -2.73
CA ILE A 30 -2.80 -1.19 -2.28
C ILE A 30 -2.02 -0.40 -3.34
N ASN A 31 -2.14 -0.81 -4.59
CA ASN A 31 -1.51 -0.11 -5.70
C ASN A 31 -2.07 1.30 -5.77
N VAL A 32 -3.39 1.34 -5.68
CA VAL A 32 -4.19 2.54 -5.73
C VAL A 32 -3.81 3.48 -4.59
N ALA A 33 -3.60 2.90 -3.43
CA ALA A 33 -3.21 3.67 -2.25
C ALA A 33 -1.99 4.52 -2.56
N LEU A 34 -1.10 3.98 -3.40
CA LEU A 34 0.10 4.70 -3.73
C LEU A 34 -0.17 5.78 -4.79
N GLN A 35 -1.18 5.53 -5.64
CA GLN A 35 -1.51 6.46 -6.71
C GLN A 35 -2.34 7.66 -6.22
N HIS A 36 -2.94 7.58 -5.02
CA HIS A 36 -3.71 8.70 -4.47
C HIS A 36 -2.93 9.46 -3.38
N TYR A 37 -1.68 9.06 -3.14
CA TYR A 37 -0.83 9.70 -2.14
C TYR A 37 -0.44 11.13 -2.57
N LYS A 38 0.51 11.73 -1.85
CA LYS A 38 1.01 13.07 -2.04
C LYS A 38 -0.08 14.05 -2.50
N ARG B 1 1.59 -7.35 11.08
CA ARG B 1 1.10 -8.53 10.33
C ARG B 1 1.66 -8.55 8.90
N TRP B 2 2.27 -9.69 8.52
CA TRP B 2 2.86 -9.83 7.20
C TRP B 2 1.79 -9.94 6.12
N LEU B 3 1.95 -9.13 5.07
CA LEU B 3 0.99 -9.09 3.96
C LEU B 3 1.70 -9.21 2.61
N CYS B 4 1.06 -9.92 1.67
CA CYS B 4 1.59 -10.10 0.32
C CYS B 4 0.53 -9.71 -0.71
N ILE B 5 0.93 -8.91 -1.72
CA ILE B 5 -0.04 -8.47 -2.73
C ILE B 5 0.59 -8.22 -4.11
N TRP B 6 -0.22 -7.71 -5.05
CA TRP B 6 0.22 -7.48 -6.43
C TRP B 6 0.50 -6.00 -6.77
N LEU B 7 1.76 -5.59 -6.59
CA LEU B 7 2.21 -4.23 -6.91
C LEU B 7 3.45 -4.35 -7.81
N SER B 8 3.34 -3.94 -9.08
CA SER B 8 4.45 -4.09 -10.02
C SER B 8 5.45 -2.94 -9.97
N ASP B 9 6.27 -2.90 -11.02
CA ASP B 9 7.34 -1.89 -11.18
C ASP B 9 6.90 -0.47 -10.86
N GLN B 10 6.00 0.08 -11.68
CA GLN B 10 5.52 1.44 -11.52
C GLN B 10 5.10 1.78 -10.08
N THR B 11 4.79 0.76 -9.28
CA THR B 11 4.36 0.97 -7.92
C THR B 11 5.45 0.72 -6.87
N LEU B 12 6.31 -0.25 -7.12
CA LEU B 12 7.42 -0.54 -6.20
C LEU B 12 8.38 0.61 -6.31
N GLU B 13 8.58 1.05 -7.55
CA GLU B 13 9.40 2.20 -7.84
C GLU B 13 8.78 3.40 -7.14
N ASP B 14 7.45 3.45 -7.21
CA ASP B 14 6.65 4.48 -6.59
C ASP B 14 7.02 4.60 -5.12
N LEU B 15 7.26 3.45 -4.47
CA LEU B 15 7.60 3.39 -3.07
C LEU B 15 9.08 3.73 -2.79
N GLU B 16 9.66 4.59 -3.62
CA GLU B 16 11.05 5.00 -3.44
C GLU B 16 11.10 6.42 -2.87
N LYS B 17 10.52 7.37 -3.60
CA LYS B 17 10.46 8.76 -3.18
C LYS B 17 9.49 8.96 -2.01
N MET B 18 8.55 8.02 -1.84
CA MET B 18 7.56 8.09 -0.77
C MET B 18 8.05 7.34 0.48
N ALA B 19 9.04 6.47 0.30
CA ALA B 19 9.62 5.71 1.41
C ALA B 19 10.97 6.29 1.83
N ARG B 20 11.98 6.19 0.96
CA ARG B 20 13.31 6.70 1.26
C ARG B 20 13.30 8.19 1.52
N ARG B 21 12.98 8.95 0.49
CA ARG B 21 12.92 10.39 0.57
C ARG B 21 12.09 10.85 1.77
N GLU B 22 11.06 10.07 2.10
CA GLU B 22 10.17 10.38 3.23
C GLU B 22 10.71 9.85 4.56
N GLY B 23 11.76 9.02 4.51
CA GLY B 23 12.32 8.44 5.72
C GLY B 23 11.66 7.12 6.08
N LEU B 24 10.57 6.80 5.39
CA LEU B 24 9.82 5.58 5.59
C LEU B 24 10.58 4.35 5.06
N SER B 25 9.98 3.19 5.26
CA SER B 25 10.52 1.92 4.81
C SER B 25 9.49 1.20 3.93
N LYS B 26 9.91 0.14 3.23
CA LYS B 26 9.00 -0.59 2.33
C LYS B 26 7.63 -0.85 2.96
N SER B 27 7.60 -1.20 4.26
CA SER B 27 6.34 -1.46 4.96
C SER B 27 5.68 -0.17 5.46
N GLU B 28 6.45 0.65 6.17
CA GLU B 28 5.92 1.93 6.67
C GLU B 28 5.55 2.86 5.51
N MET B 29 5.89 2.43 4.27
CA MET B 29 5.58 3.16 3.06
C MET B 29 4.22 2.69 2.59
N ILE B 30 4.11 1.38 2.55
CA ILE B 30 2.95 0.71 2.10
C ILE B 30 1.79 0.81 3.11
N ASN B 31 2.11 0.94 4.39
CA ASN B 31 1.09 1.10 5.43
C ASN B 31 0.40 2.44 5.28
N VAL B 32 1.23 3.47 5.21
CA VAL B 32 0.78 4.82 5.11
C VAL B 32 0.02 5.10 3.84
N ALA B 33 0.41 4.42 2.80
CA ALA B 33 -0.25 4.52 1.51
C ALA B 33 -1.75 4.37 1.65
N LEU B 34 -2.14 3.57 2.63
CA LEU B 34 -3.53 3.28 2.86
C LEU B 34 -4.21 4.29 3.80
N GLN B 35 -3.43 4.90 4.69
CA GLN B 35 -3.98 5.84 5.66
C GLN B 35 -4.35 7.21 5.07
N HIS B 36 -3.68 7.66 3.99
CA HIS B 36 -4.03 8.94 3.37
C HIS B 36 -5.09 8.76 2.29
N TYR B 37 -5.04 7.60 1.60
CA TYR B 37 -5.99 7.27 0.52
C TYR B 37 -7.40 7.81 0.82
N LYS B 38 -8.11 8.22 -0.24
CA LYS B 38 -9.45 8.73 -0.16
C LYS B 38 -9.50 10.14 0.43
N ARG A 1 4.36 -8.45 -9.60
CA ARG A 1 5.46 -8.63 -8.59
C ARG A 1 4.89 -8.92 -7.20
N TRP A 2 5.04 -10.17 -6.74
CA TRP A 2 4.56 -10.55 -5.42
C TRP A 2 5.46 -9.91 -4.36
N LEU A 3 4.84 -9.15 -3.47
CA LEU A 3 5.58 -8.45 -2.41
C LEU A 3 5.07 -8.84 -1.03
N CYS A 4 6.02 -9.14 -0.14
CA CYS A 4 5.70 -9.51 1.25
C CYS A 4 6.33 -8.47 2.17
N ILE A 5 5.50 -7.76 2.93
CA ILE A 5 6.02 -6.70 3.81
C ILE A 5 5.26 -6.60 5.15
N TRP A 6 5.72 -5.71 6.03
CA TRP A 6 5.13 -5.56 7.38
C TRP A 6 4.14 -4.40 7.52
N LEU A 7 2.84 -4.75 7.57
CA LEU A 7 1.76 -3.78 7.77
C LEU A 7 0.89 -4.30 8.90
N SER A 8 0.71 -3.49 9.95
CA SER A 8 -0.09 -3.91 11.07
C SER A 8 -1.56 -3.60 10.80
N ASP A 9 -2.34 -3.62 11.86
CA ASP A 9 -3.78 -3.39 11.76
C ASP A 9 -4.11 -1.98 11.27
N GLN A 10 -5.38 -1.56 11.43
CA GLN A 10 -5.85 -0.24 11.03
C GLN A 10 -5.21 0.24 9.73
N THR A 11 -5.07 -0.68 8.78
CA THR A 11 -4.50 -0.41 7.47
C THR A 11 -4.41 -1.68 6.63
N LEU A 12 -3.83 -2.72 7.21
CA LEU A 12 -3.74 -4.02 6.57
C LEU A 12 -5.14 -4.61 6.47
N GLU A 13 -5.94 -4.23 7.47
CA GLU A 13 -7.33 -4.61 7.58
C GLU A 13 -8.16 -3.57 6.84
N ASP A 14 -7.73 -2.31 7.02
CA ASP A 14 -8.35 -1.16 6.41
C ASP A 14 -8.67 -1.42 4.94
N LEU A 15 -7.86 -2.30 4.32
CA LEU A 15 -8.03 -2.66 2.91
C LEU A 15 -9.28 -3.50 2.63
N GLU A 16 -10.26 -3.45 3.52
CA GLU A 16 -11.51 -4.18 3.34
C GLU A 16 -12.57 -3.24 2.76
N LYS A 17 -12.65 -2.02 3.31
CA LYS A 17 -13.59 -1.02 2.86
C LYS A 17 -13.01 -0.20 1.71
N MET A 18 -11.68 -0.09 1.66
CA MET A 18 -11.00 0.67 0.61
C MET A 18 -10.84 -0.17 -0.66
N ALA A 19 -11.04 -1.49 -0.52
CA ALA A 19 -10.92 -2.40 -1.66
C ALA A 19 -12.28 -2.79 -2.25
N ARG A 20 -13.10 -3.47 -1.47
CA ARG A 20 -14.41 -3.92 -1.94
C ARG A 20 -15.32 -2.76 -2.31
N ARG A 21 -15.74 -2.03 -1.29
CA ARG A 21 -16.61 -0.88 -1.46
C ARG A 21 -16.08 0.08 -2.52
N GLU A 22 -14.76 0.12 -2.68
CA GLU A 22 -14.11 1.00 -3.65
C GLU A 22 -14.05 0.39 -5.05
N GLY A 23 -14.05 -0.95 -5.14
CA GLY A 23 -14.03 -1.59 -6.44
C GLY A 23 -12.64 -2.00 -6.90
N LEU A 24 -12.07 -2.98 -6.20
CA LEU A 24 -10.75 -3.51 -6.55
C LEU A 24 -10.34 -4.68 -5.65
N SER A 25 -9.16 -5.23 -5.91
CA SER A 25 -8.63 -6.37 -5.15
C SER A 25 -7.60 -5.92 -4.11
N LYS A 26 -7.28 -6.81 -3.16
CA LYS A 26 -6.31 -6.49 -2.09
C LYS A 26 -5.02 -5.87 -2.65
N SER A 27 -4.60 -6.31 -3.85
CA SER A 27 -3.40 -5.80 -4.49
C SER A 27 -3.68 -4.45 -5.15
N GLU A 28 -4.63 -4.44 -6.07
CA GLU A 28 -5.01 -3.20 -6.75
C GLU A 28 -5.45 -2.14 -5.73
N MET A 29 -5.75 -2.61 -4.50
CA MET A 29 -6.14 -1.77 -3.39
C MET A 29 -4.90 -1.08 -2.87
N ILE A 30 -3.92 -1.91 -2.65
CA ILE A 30 -2.66 -1.52 -2.11
C ILE A 30 -1.81 -0.70 -3.09
N ASN A 31 -1.92 -1.01 -4.37
CA ASN A 31 -1.21 -0.25 -5.40
C ASN A 31 -1.77 1.17 -5.45
N VAL A 32 -3.11 1.20 -5.52
CA VAL A 32 -3.89 2.39 -5.58
C VAL A 32 -3.60 3.32 -4.43
N ALA A 33 -3.44 2.74 -3.26
CA ALA A 33 -3.14 3.51 -2.06
C ALA A 33 -2.01 4.50 -2.31
N LEU A 34 -1.05 4.08 -3.14
CA LEU A 34 0.09 4.92 -3.43
C LEU A 34 -0.25 6.02 -4.43
N GLN A 35 -1.11 5.71 -5.42
CA GLN A 35 -1.49 6.67 -6.43
C GLN A 35 -2.42 7.77 -5.90
N HIS A 36 -3.03 7.57 -4.73
CA HIS A 36 -3.89 8.61 -4.13
C HIS A 36 -3.20 9.26 -2.92
N TYR A 37 -1.86 9.24 -2.93
CA TYR A 37 -1.08 9.79 -1.83
C TYR A 37 -0.21 10.97 -2.26
N LYS A 38 -0.02 11.93 -1.36
CA LYS A 38 0.81 13.09 -1.56
C LYS A 38 0.20 14.06 -2.58
N ARG B 1 1.21 -7.43 10.60
CA ARG B 1 1.00 -8.66 9.78
C ARG B 1 1.87 -8.68 8.53
N TRP B 2 1.98 -9.85 7.92
CA TRP B 2 2.73 -10.03 6.69
C TRP B 2 1.76 -10.10 5.54
N LEU B 3 1.86 -9.14 4.63
CA LEU B 3 0.97 -9.05 3.47
C LEU B 3 1.65 -9.42 2.17
N CYS B 4 0.98 -10.28 1.38
CA CYS B 4 1.49 -10.70 0.07
C CYS B 4 0.41 -10.45 -0.99
N ILE B 5 0.74 -9.63 -1.97
CA ILE B 5 -0.23 -9.28 -3.02
C ILE B 5 0.44 -8.92 -4.35
N TRP B 6 -0.38 -8.56 -5.35
CA TRP B 6 0.12 -8.21 -6.70
C TRP B 6 0.36 -6.72 -6.90
N LEU B 7 1.60 -6.30 -6.63
CA LEU B 7 2.05 -4.92 -6.82
C LEU B 7 3.34 -4.97 -7.63
N SER B 8 3.26 -4.63 -8.91
CA SER B 8 4.42 -4.71 -9.80
C SER B 8 5.49 -3.65 -9.49
N ASP B 9 6.01 -3.01 -10.52
CA ASP B 9 7.08 -2.02 -10.38
C ASP B 9 6.54 -0.61 -10.19
N GLN B 10 5.47 -0.29 -10.91
CA GLN B 10 4.86 1.03 -10.86
C GLN B 10 4.09 1.24 -9.55
N THR B 11 4.69 0.79 -8.45
CA THR B 11 4.08 0.95 -7.13
C THR B 11 5.04 0.69 -5.96
N LEU B 12 5.93 -0.27 -6.10
CA LEU B 12 6.93 -0.53 -5.06
C LEU B 12 8.03 0.49 -5.24
N GLU B 13 8.38 0.70 -6.51
CA GLU B 13 9.38 1.66 -6.93
C GLU B 13 8.72 3.02 -7.11
N ASP B 14 7.45 2.96 -7.49
CA ASP B 14 6.59 4.13 -7.75
C ASP B 14 6.77 5.25 -6.73
N LEU B 15 7.31 4.94 -5.55
CA LEU B 15 7.51 5.98 -4.56
C LEU B 15 8.86 5.89 -3.84
N GLU B 16 9.93 5.90 -4.63
CA GLU B 16 11.27 5.89 -4.04
C GLU B 16 11.41 7.09 -3.09
N LYS B 17 10.62 8.15 -3.33
CA LYS B 17 10.65 9.34 -2.51
C LYS B 17 9.76 9.20 -1.27
N MET B 18 8.52 8.68 -1.47
CA MET B 18 7.58 8.48 -0.35
C MET B 18 8.19 7.57 0.71
N ALA B 19 9.11 6.71 0.29
CA ALA B 19 9.77 5.79 1.21
C ALA B 19 11.18 6.27 1.61
N ARG B 20 12.12 6.35 0.65
CA ARG B 20 13.48 6.79 0.97
C ARG B 20 13.54 8.23 1.38
N ARG B 21 13.21 9.12 0.46
CA ARG B 21 13.21 10.54 0.70
C ARG B 21 12.45 10.90 1.98
N GLU B 22 11.39 10.15 2.27
CA GLU B 22 10.56 10.36 3.46
C GLU B 22 11.18 9.71 4.70
N GLY B 23 12.16 8.82 4.51
CA GLY B 23 12.77 8.13 5.63
C GLY B 23 12.05 6.83 5.96
N LEU B 24 10.92 6.60 5.27
CA LEU B 24 10.11 5.41 5.46
C LEU B 24 10.79 4.16 4.89
N SER B 25 10.11 3.04 5.06
CA SER B 25 10.57 1.74 4.57
C SER B 25 9.52 1.19 3.59
N LYS B 26 9.87 0.12 2.88
CA LYS B 26 8.94 -0.49 1.91
C LYS B 26 7.54 -0.71 2.50
N SER B 27 7.47 -1.09 3.77
CA SER B 27 6.20 -1.33 4.44
C SER B 27 5.61 -0.07 5.04
N GLU B 28 6.41 0.67 5.81
CA GLU B 28 5.95 1.90 6.42
C GLU B 28 5.52 2.92 5.36
N MET B 29 5.85 2.65 4.08
CA MET B 29 5.44 3.50 2.98
C MET B 29 4.07 3.07 2.58
N ILE B 30 3.91 1.77 2.53
CA ILE B 30 2.72 1.15 2.10
C ILE B 30 1.63 1.13 3.18
N ASN B 31 2.00 1.18 4.46
CA ASN B 31 1.01 1.23 5.55
C ASN B 31 0.26 2.54 5.45
N VAL B 32 1.05 3.61 5.44
CA VAL B 32 0.55 4.94 5.41
C VAL B 32 -0.19 5.25 4.14
N ALA B 33 0.25 4.63 3.08
CA ALA B 33 -0.38 4.75 1.78
C ALA B 33 -1.87 4.47 1.89
N LEU B 34 -2.22 3.63 2.86
CA LEU B 34 -3.60 3.24 3.05
C LEU B 34 -4.35 4.19 4.00
N GLN B 35 -3.61 4.82 4.93
CA GLN B 35 -4.21 5.72 5.92
C GLN B 35 -4.76 7.03 5.32
N HIS B 36 -4.10 7.62 4.32
CA HIS B 36 -4.61 8.85 3.69
C HIS B 36 -5.68 8.52 2.64
N TYR B 37 -5.44 7.46 1.85
CA TYR B 37 -6.34 7.02 0.80
C TYR B 37 -7.79 6.92 1.29
N LYS B 38 -8.74 7.13 0.37
CA LYS B 38 -10.16 7.04 0.63
C LYS B 38 -10.67 8.20 1.50
N ARG A 1 4.08 -7.41 -9.24
CA ARG A 1 5.06 -8.28 -8.52
C ARG A 1 4.51 -8.77 -7.20
N TRP A 2 5.24 -9.71 -6.61
CA TRP A 2 4.87 -10.26 -5.31
C TRP A 2 5.90 -9.78 -4.28
N LEU A 3 5.41 -9.01 -3.31
CA LEU A 3 6.27 -8.44 -2.28
C LEU A 3 5.75 -8.75 -0.87
N CYS A 4 6.68 -9.03 0.04
CA CYS A 4 6.34 -9.31 1.44
C CYS A 4 7.04 -8.31 2.34
N ILE A 5 6.28 -7.68 3.25
CA ILE A 5 6.85 -6.67 4.15
C ILE A 5 6.11 -6.60 5.49
N TRP A 6 6.53 -5.66 6.34
CA TRP A 6 5.94 -5.53 7.69
C TRP A 6 4.77 -4.52 7.75
N LEU A 7 3.57 -5.07 7.62
CA LEU A 7 2.32 -4.30 7.70
C LEU A 7 1.39 -5.01 8.68
N SER A 8 1.23 -4.45 9.87
CA SER A 8 0.38 -5.06 10.87
C SER A 8 -1.09 -5.00 10.46
N ASP A 9 -1.98 -4.71 11.40
CA ASP A 9 -3.40 -4.64 11.11
C ASP A 9 -3.87 -3.19 10.89
N GLN A 10 -5.08 -2.86 11.36
CA GLN A 10 -5.64 -1.52 11.24
C GLN A 10 -5.21 -0.82 9.96
N THR A 11 -5.22 -1.57 8.86
CA THR A 11 -4.85 -1.06 7.54
C THR A 11 -5.02 -2.11 6.45
N LEU A 12 -4.49 -3.30 6.67
CA LEU A 12 -4.67 -4.39 5.72
C LEU A 12 -6.12 -4.81 5.86
N GLU A 13 -6.55 -4.81 7.11
CA GLU A 13 -7.91 -5.10 7.48
C GLU A 13 -8.74 -3.89 7.08
N ASP A 14 -8.15 -2.72 7.33
CA ASP A 14 -8.73 -1.43 7.01
C ASP A 14 -9.26 -1.41 5.57
N LEU A 15 -8.63 -2.23 4.71
CA LEU A 15 -8.99 -2.34 3.29
C LEU A 15 -10.41 -2.86 3.05
N GLU A 16 -11.18 -3.08 4.12
CA GLU A 16 -12.55 -3.57 3.98
C GLU A 16 -13.39 -2.58 3.17
N LYS A 17 -13.48 -1.34 3.66
CA LYS A 17 -14.22 -0.29 2.99
C LYS A 17 -13.35 0.42 1.94
N MET A 18 -12.06 0.11 1.93
CA MET A 18 -11.12 0.70 0.97
C MET A 18 -11.06 -0.12 -0.31
N ALA A 19 -11.40 -1.40 -0.21
CA ALA A 19 -11.38 -2.28 -1.37
C ALA A 19 -12.78 -2.49 -1.94
N ARG A 20 -13.69 -3.05 -1.14
CA ARG A 20 -15.06 -3.30 -1.59
C ARG A 20 -15.78 -2.02 -1.92
N ARG A 21 -16.04 -1.23 -0.90
CA ARG A 21 -16.73 0.04 -1.03
C ARG A 21 -16.10 0.89 -2.14
N GLU A 22 -14.79 0.78 -2.30
CA GLU A 22 -14.05 1.54 -3.32
C GLU A 22 -14.15 0.89 -4.69
N GLY A 23 -14.32 -0.44 -4.74
CA GLY A 23 -14.42 -1.12 -6.02
C GLY A 23 -13.11 -1.74 -6.48
N LEU A 24 -12.68 -2.78 -5.77
CA LEU A 24 -11.45 -3.51 -6.12
C LEU A 24 -11.13 -4.62 -5.11
N SER A 25 -10.00 -5.30 -5.34
CA SER A 25 -9.55 -6.42 -4.49
C SER A 25 -8.30 -6.06 -3.70
N LYS A 26 -7.97 -6.89 -2.70
CA LYS A 26 -6.79 -6.66 -1.82
C LYS A 26 -5.56 -6.11 -2.57
N SER A 27 -5.27 -6.65 -3.76
CA SER A 27 -4.11 -6.20 -4.54
C SER A 27 -4.41 -4.89 -5.26
N GLU A 28 -5.50 -4.86 -6.02
CA GLU A 28 -5.90 -3.64 -6.73
C GLU A 28 -6.25 -2.54 -5.73
N MET A 29 -6.45 -2.94 -4.47
CA MET A 29 -6.74 -2.03 -3.37
C MET A 29 -5.45 -1.38 -2.99
N ILE A 30 -4.47 -2.24 -2.87
CA ILE A 30 -3.16 -1.88 -2.49
C ILE A 30 -2.38 -1.18 -3.62
N ASN A 31 -2.75 -1.46 -4.87
CA ASN A 31 -2.11 -0.80 -6.02
C ASN A 31 -2.45 0.67 -6.00
N VAL A 32 -3.74 0.92 -5.90
CA VAL A 32 -4.26 2.25 -5.90
C VAL A 32 -3.86 3.04 -4.69
N ALA A 33 -3.70 2.34 -3.59
CA ALA A 33 -3.25 2.95 -2.34
C ALA A 33 -2.09 3.89 -2.57
N LEU A 34 -1.23 3.55 -3.53
CA LEU A 34 -0.07 4.35 -3.79
C LEU A 34 -0.29 5.36 -4.92
N GLN A 35 -1.23 5.07 -5.83
CA GLN A 35 -1.48 5.94 -6.98
C GLN A 35 -2.14 7.28 -6.60
N HIS A 36 -3.09 7.31 -5.65
CA HIS A 36 -3.70 8.59 -5.24
C HIS A 36 -2.66 9.50 -4.61
N TYR A 37 -1.72 8.88 -3.90
CA TYR A 37 -0.64 9.58 -3.20
C TYR A 37 0.08 10.59 -4.09
N LYS A 38 0.43 11.73 -3.47
CA LYS A 38 1.18 12.79 -4.15
C LYS A 38 2.31 13.30 -3.25
N ARG B 1 2.84 -8.13 11.33
CA ARG B 1 2.07 -9.00 10.40
C ARG B 1 2.64 -8.94 8.98
N TRP B 2 3.14 -10.08 8.49
CA TRP B 2 3.69 -10.16 7.16
C TRP B 2 2.57 -10.28 6.13
N LEU B 3 2.67 -9.49 5.07
CA LEU B 3 1.67 -9.47 4.01
C LEU B 3 2.29 -9.52 2.62
N CYS B 4 1.62 -10.21 1.69
CA CYS B 4 2.09 -10.34 0.31
C CYS B 4 0.97 -9.95 -0.66
N ILE B 5 1.28 -9.07 -1.62
CA ILE B 5 0.26 -8.61 -2.57
C ILE B 5 0.85 -8.25 -3.94
N TRP B 6 0.00 -7.70 -4.82
CA TRP B 6 0.39 -7.35 -6.18
C TRP B 6 0.76 -5.87 -6.36
N LEU B 7 2.07 -5.60 -6.39
CA LEU B 7 2.63 -4.27 -6.59
C LEU B 7 3.66 -4.34 -7.72
N SER B 8 3.31 -3.79 -8.89
CA SER B 8 4.20 -3.83 -10.04
C SER B 8 5.28 -2.77 -9.96
N ASP B 9 6.02 -2.65 -11.04
CA ASP B 9 7.11 -1.69 -11.17
C ASP B 9 6.69 -0.28 -10.73
N GLN B 10 5.66 0.26 -11.39
CA GLN B 10 5.15 1.60 -11.11
C GLN B 10 4.88 1.82 -9.62
N THR B 11 4.51 0.77 -8.90
CA THR B 11 4.20 0.88 -7.49
C THR B 11 5.42 0.74 -6.60
N LEU B 12 6.35 -0.11 -7.01
CA LEU B 12 7.57 -0.31 -6.25
C LEU B 12 8.38 0.96 -6.37
N GLU B 13 8.34 1.51 -7.58
CA GLU B 13 8.97 2.77 -7.90
C GLU B 13 8.28 3.87 -7.09
N ASP B 14 6.95 3.76 -7.03
CA ASP B 14 6.12 4.69 -6.31
C ASP B 14 6.61 4.83 -4.88
N LEU B 15 6.88 3.68 -4.26
CA LEU B 15 7.34 3.62 -2.89
C LEU B 15 8.83 3.96 -2.72
N GLU B 16 9.32 4.87 -3.57
CA GLU B 16 10.71 5.32 -3.50
C GLU B 16 10.75 6.74 -2.91
N LYS B 17 10.02 7.65 -3.55
CA LYS B 17 9.94 9.04 -3.11
C LYS B 17 8.93 9.21 -1.97
N MET B 18 7.95 8.30 -1.90
CA MET B 18 6.92 8.34 -0.85
C MET B 18 7.42 7.64 0.41
N ALA B 19 8.50 6.88 0.27
CA ALA B 19 9.08 6.16 1.39
C ALA B 19 10.29 6.88 1.99
N ARG B 20 11.36 6.97 1.20
CA ARG B 20 12.59 7.63 1.65
C ARG B 20 12.35 9.06 2.06
N ARG B 21 11.94 9.85 1.07
CA ARG B 21 11.64 11.26 1.29
C ARG B 21 10.71 11.43 2.50
N GLU B 22 9.81 10.47 2.69
CA GLU B 22 8.88 10.49 3.81
C GLU B 22 9.59 10.16 5.13
N GLY B 23 10.66 9.37 5.05
CA GLY B 23 11.41 8.99 6.24
C GLY B 23 11.21 7.55 6.65
N LEU B 24 10.18 6.91 6.11
CA LEU B 24 9.88 5.51 6.45
C LEU B 24 10.58 4.51 5.51
N SER B 25 10.22 3.23 5.67
CA SER B 25 10.80 2.15 4.84
C SER B 25 9.72 1.51 3.95
N LYS B 26 10.13 0.64 3.02
CA LYS B 26 9.19 -0.02 2.10
C LYS B 26 7.95 -0.54 2.83
N SER B 27 8.12 -1.10 4.03
CA SER B 27 6.99 -1.63 4.81
C SER B 27 6.14 -0.50 5.36
N GLU B 28 6.73 0.34 6.20
CA GLU B 28 6.00 1.47 6.78
C GLU B 28 5.45 2.39 5.69
N MET B 29 5.98 2.26 4.46
CA MET B 29 5.52 3.02 3.31
C MET B 29 4.24 2.39 2.83
N ILE B 30 4.30 1.10 2.77
CA ILE B 30 3.25 0.30 2.31
C ILE B 30 2.05 0.31 3.26
N ASN B 31 2.29 0.73 4.50
CA ASN B 31 1.22 0.86 5.49
C ASN B 31 0.50 2.20 5.29
N VAL B 32 1.28 3.29 5.10
CA VAL B 32 0.74 4.61 4.85
C VAL B 32 -0.08 4.56 3.59
N ALA B 33 0.37 3.71 2.70
CA ALA B 33 -0.28 3.47 1.42
C ALA B 33 -1.79 3.56 1.56
N LEU B 34 -2.28 3.02 2.66
CA LEU B 34 -3.70 3.02 2.92
C LEU B 34 -4.14 4.20 3.79
N GLN B 35 -3.22 4.70 4.64
CA GLN B 35 -3.50 5.82 5.54
C GLN B 35 -3.35 7.20 4.86
N HIS B 36 -2.45 7.30 3.87
CA HIS B 36 -2.23 8.57 3.15
C HIS B 36 -3.07 8.65 1.87
N TYR B 37 -4.13 7.82 1.79
CA TYR B 37 -5.02 7.77 0.62
C TYR B 37 -5.65 9.14 0.29
N LYS B 38 -5.55 9.54 -0.98
CA LYS B 38 -6.16 10.77 -1.46
C LYS B 38 -7.20 10.49 -2.53
N ARG A 1 4.00 -8.42 -9.16
CA ARG A 1 5.13 -8.89 -8.31
C ARG A 1 4.66 -9.35 -6.94
N TRP A 2 5.01 -10.58 -6.55
CA TRP A 2 4.63 -11.09 -5.25
C TRP A 2 5.58 -10.54 -4.20
N LEU A 3 5.04 -9.70 -3.33
CA LEU A 3 5.83 -9.05 -2.29
C LEU A 3 5.29 -9.34 -0.88
N CYS A 4 6.22 -9.54 0.05
CA CYS A 4 5.86 -9.79 1.46
C CYS A 4 6.41 -8.64 2.30
N ILE A 5 5.56 -8.03 3.13
CA ILE A 5 6.00 -6.90 3.95
C ILE A 5 5.20 -6.79 5.27
N TRP A 6 5.56 -5.79 6.09
CA TRP A 6 4.93 -5.59 7.40
C TRP A 6 3.71 -4.66 7.38
N LEU A 7 2.53 -5.26 7.16
CA LEU A 7 1.25 -4.52 7.16
C LEU A 7 0.38 -5.14 8.25
N SER A 8 0.30 -4.45 9.39
CA SER A 8 -0.44 -4.95 10.54
C SER A 8 -1.95 -5.00 10.29
N ASP A 9 -2.71 -4.63 11.32
CA ASP A 9 -4.17 -4.67 11.27
C ASP A 9 -4.78 -3.32 10.89
N GLN A 10 -4.18 -2.25 11.41
CA GLN A 10 -4.66 -0.89 11.17
C GLN A 10 -4.34 -0.42 9.74
N THR A 11 -4.50 -1.33 8.78
CA THR A 11 -4.25 -1.04 7.38
C THR A 11 -4.86 -2.07 6.42
N LEU A 12 -4.73 -3.35 6.73
CA LEU A 12 -5.35 -4.38 5.91
C LEU A 12 -6.84 -4.22 6.11
N GLU A 13 -7.19 -3.98 7.37
CA GLU A 13 -8.56 -3.70 7.77
C GLU A 13 -8.98 -2.39 7.12
N ASP A 14 -8.03 -1.46 7.09
CA ASP A 14 -8.23 -0.16 6.48
C ASP A 14 -8.78 -0.36 5.07
N LEU A 15 -8.19 -1.33 4.35
CA LEU A 15 -8.58 -1.67 2.99
C LEU A 15 -9.91 -2.40 2.89
N GLU A 16 -10.42 -2.88 4.02
CA GLU A 16 -11.70 -3.60 4.04
C GLU A 16 -12.79 -2.75 3.38
N LYS A 17 -12.80 -1.45 3.70
CA LYS A 17 -13.78 -0.54 3.15
C LYS A 17 -13.25 0.16 1.89
N MET A 18 -11.92 0.18 1.71
CA MET A 18 -11.31 0.82 0.55
C MET A 18 -11.21 -0.13 -0.65
N ALA A 19 -10.45 -1.23 -0.46
CA ALA A 19 -10.20 -2.26 -1.51
C ALA A 19 -11.26 -2.34 -2.57
N ARG A 20 -12.50 -2.12 -2.20
CA ARG A 20 -13.58 -2.16 -3.15
C ARG A 20 -13.51 -0.98 -4.11
N ARG A 21 -14.49 -0.09 -4.06
CA ARG A 21 -14.53 1.08 -4.90
C ARG A 21 -13.25 1.92 -4.79
N GLU A 22 -12.57 1.78 -3.66
CA GLU A 22 -11.36 2.56 -3.38
C GLU A 22 -10.05 1.76 -3.55
N GLY A 23 -10.11 0.42 -3.50
CA GLY A 23 -8.87 -0.34 -3.61
C GLY A 23 -8.77 -1.20 -4.84
N LEU A 24 -9.85 -1.33 -5.58
CA LEU A 24 -9.89 -2.09 -6.84
C LEU A 24 -9.17 -3.47 -6.77
N SER A 25 -9.24 -4.06 -5.57
CA SER A 25 -8.69 -5.39 -5.17
C SER A 25 -7.90 -5.26 -3.87
N LYS A 26 -7.62 -6.37 -3.18
CA LYS A 26 -6.85 -6.28 -1.92
C LYS A 26 -5.41 -5.89 -2.21
N SER A 27 -4.81 -6.57 -3.20
CA SER A 27 -3.43 -6.27 -3.61
C SER A 27 -3.43 -5.04 -4.50
N GLU A 28 -4.51 -4.84 -5.25
CA GLU A 28 -4.65 -3.69 -6.13
C GLU A 28 -4.89 -2.43 -5.31
N MET A 29 -5.51 -2.62 -4.14
CA MET A 29 -5.80 -1.55 -3.21
C MET A 29 -4.49 -1.04 -2.67
N ILE A 30 -3.70 -1.99 -2.31
CA ILE A 30 -2.44 -1.76 -1.77
C ILE A 30 -1.48 -1.10 -2.78
N ASN A 31 -1.83 -1.20 -4.06
CA ASN A 31 -1.05 -0.57 -5.13
C ASN A 31 -1.38 0.93 -5.20
N VAL A 32 -2.68 1.27 -5.26
CA VAL A 32 -3.14 2.63 -5.29
C VAL A 32 -2.57 3.37 -4.12
N ALA A 33 -2.45 2.64 -3.04
CA ALA A 33 -1.90 3.13 -1.80
C ALA A 33 -0.78 4.10 -2.05
N LEU A 34 0.14 3.73 -2.95
CA LEU A 34 1.25 4.57 -3.25
C LEU A 34 0.90 5.66 -4.26
N GLN A 35 0.00 5.33 -5.19
CA GLN A 35 -0.43 6.28 -6.21
C GLN A 35 -1.49 7.26 -5.69
N HIS A 36 -2.06 6.99 -4.50
CA HIS A 36 -3.08 7.86 -3.91
C HIS A 36 -2.73 8.39 -2.49
N TYR A 37 -1.60 7.94 -1.92
CA TYR A 37 -1.16 8.38 -0.58
C TYR A 37 -0.87 9.89 -0.57
N LYS A 38 -1.23 10.55 0.54
CA LYS A 38 -1.01 11.98 0.73
C LYS A 38 -1.90 12.83 -0.19
N ARG B 1 2.04 -7.97 10.98
CA ARG B 1 1.34 -8.99 10.14
C ARG B 1 1.97 -9.11 8.75
N TRP B 2 2.69 -10.22 8.52
CA TRP B 2 3.33 -10.46 7.24
C TRP B 2 2.27 -10.85 6.22
N LEU B 3 2.28 -10.15 5.09
CA LEU B 3 1.31 -10.38 4.03
C LEU B 3 1.98 -10.42 2.66
N CYS B 4 1.55 -11.39 1.84
CA CYS B 4 2.07 -11.52 0.46
C CYS B 4 0.94 -11.16 -0.50
N ILE B 5 1.22 -10.25 -1.45
CA ILE B 5 0.18 -9.81 -2.38
C ILE B 5 0.74 -9.40 -3.75
N TRP B 6 -0.17 -9.05 -4.67
CA TRP B 6 0.18 -8.68 -6.04
C TRP B 6 0.33 -7.16 -6.26
N LEU B 7 1.59 -6.73 -6.35
CA LEU B 7 1.96 -5.33 -6.62
C LEU B 7 2.86 -5.33 -7.86
N SER B 8 2.40 -4.72 -8.94
CA SER B 8 3.15 -4.71 -10.17
C SER B 8 4.36 -3.77 -10.12
N ASP B 9 4.56 -2.99 -11.18
CA ASP B 9 5.69 -2.07 -11.29
C ASP B 9 5.34 -0.64 -10.88
N GLN B 10 4.16 -0.18 -11.26
CA GLN B 10 3.69 1.17 -10.97
C GLN B 10 3.34 1.37 -9.49
N THR B 11 4.17 0.81 -8.62
CA THR B 11 3.97 0.92 -7.17
C THR B 11 5.24 0.63 -6.36
N LEU B 12 5.96 -0.42 -6.73
CA LEU B 12 7.21 -0.73 -6.07
C LEU B 12 8.21 0.29 -6.57
N GLU B 13 8.11 0.54 -7.87
CA GLU B 13 8.92 1.53 -8.55
C GLU B 13 8.34 2.91 -8.23
N ASP B 14 7.01 2.96 -8.17
CA ASP B 14 6.28 4.17 -7.83
C ASP B 14 6.89 4.79 -6.58
N LEU B 15 7.39 3.92 -5.71
CA LEU B 15 8.02 4.27 -4.48
C LEU B 15 9.49 4.67 -4.64
N GLU B 16 9.82 5.29 -5.77
CA GLU B 16 11.20 5.72 -6.03
C GLU B 16 11.52 7.06 -5.35
N LYS B 17 10.58 8.01 -5.40
CA LYS B 17 10.77 9.32 -4.79
C LYS B 17 9.78 9.57 -3.64
N MET B 18 9.27 8.51 -3.02
CA MET B 18 8.33 8.65 -1.92
C MET B 18 8.95 8.20 -0.59
N ALA B 19 9.05 6.88 -0.44
CA ALA B 19 9.58 6.18 0.76
C ALA B 19 10.54 7.01 1.59
N ARG B 20 11.30 7.86 0.94
CA ARG B 20 12.20 8.72 1.66
C ARG B 20 11.41 9.64 2.60
N ARG B 21 11.82 10.90 2.73
CA ARG B 21 11.12 11.85 3.58
C ARG B 21 9.59 11.75 3.41
N GLU B 22 9.15 11.22 2.27
CA GLU B 22 7.72 11.11 1.94
C GLU B 22 7.12 9.72 2.08
N GLY B 23 7.92 8.66 2.21
CA GLY B 23 7.29 7.37 2.24
C GLY B 23 7.79 6.39 3.25
N LEU B 24 8.60 6.79 4.22
CA LEU B 24 9.03 5.83 5.23
C LEU B 24 9.65 4.58 4.61
N SER B 25 9.71 3.55 5.43
CA SER B 25 10.26 2.25 5.00
C SER B 25 9.40 1.65 3.89
N LYS B 26 9.96 0.71 3.10
CA LYS B 26 9.20 0.08 2.00
C LYS B 26 7.80 -0.35 2.45
N SER B 27 7.70 -0.94 3.65
CA SER B 27 6.42 -1.38 4.19
C SER B 27 5.67 -0.23 4.84
N GLU B 28 6.36 0.49 5.72
CA GLU B 28 5.75 1.65 6.39
C GLU B 28 5.19 2.60 5.35
N MET B 29 5.83 2.62 4.17
CA MET B 29 5.42 3.42 3.05
C MET B 29 4.03 3.04 2.63
N ILE B 30 3.89 1.75 2.52
CA ILE B 30 2.72 1.11 2.05
C ILE B 30 1.59 1.01 3.08
N ASN B 31 1.95 0.94 4.37
CA ASN B 31 0.94 0.90 5.44
C ASN B 31 0.29 2.26 5.54
N VAL B 32 1.16 3.25 5.57
CA VAL B 32 0.84 4.65 5.68
C VAL B 32 -0.05 5.11 4.55
N ALA B 33 0.34 4.72 3.35
CA ALA B 33 -0.40 5.07 2.16
C ALA B 33 -1.89 4.85 2.33
N LEU B 34 -2.24 3.82 3.10
CA LEU B 34 -3.63 3.49 3.30
C LEU B 34 -4.28 4.30 4.41
N GLN B 35 -3.49 4.70 5.41
CA GLN B 35 -4.02 5.47 6.53
C GLN B 35 -4.18 6.96 6.22
N HIS B 36 -3.66 7.41 5.06
CA HIS B 36 -3.82 8.82 4.65
C HIS B 36 -4.55 8.93 3.32
N TYR B 37 -5.37 7.93 3.00
CA TYR B 37 -6.12 7.90 1.76
C TYR B 37 -7.59 7.53 1.99
N LYS B 38 -8.43 7.80 0.98
CA LYS B 38 -9.84 7.51 1.04
C LYS B 38 -10.35 6.97 -0.30
N ARG A 1 3.85 -7.97 -9.10
CA ARG A 1 5.01 -8.55 -8.36
C ARG A 1 4.59 -9.00 -6.95
N TRP A 2 4.89 -10.25 -6.61
CA TRP A 2 4.55 -10.76 -5.28
C TRP A 2 5.59 -10.27 -4.28
N LEU A 3 5.13 -9.53 -3.28
CA LEU A 3 6.01 -8.99 -2.26
C LEU A 3 5.47 -9.25 -0.85
N CYS A 4 6.38 -9.30 0.12
CA CYS A 4 6.01 -9.53 1.52
C CYS A 4 6.62 -8.42 2.39
N ILE A 5 5.78 -7.78 3.19
CA ILE A 5 6.25 -6.66 4.04
C ILE A 5 5.53 -6.60 5.39
N TRP A 6 5.96 -5.66 6.25
CA TRP A 6 5.40 -5.53 7.61
C TRP A 6 4.30 -4.47 7.72
N LEU A 7 3.05 -4.92 7.62
CA LEU A 7 1.88 -4.05 7.76
C LEU A 7 0.97 -4.64 8.85
N SER A 8 0.92 -3.97 10.00
CA SER A 8 0.12 -4.43 11.11
C SER A 8 -1.37 -4.23 10.83
N ASP A 9 -2.11 -3.75 11.83
CA ASP A 9 -3.54 -3.52 11.69
C ASP A 9 -3.82 -2.11 11.15
N GLN A 10 -5.03 -1.58 11.40
CA GLN A 10 -5.42 -0.25 10.96
C GLN A 10 -4.80 0.11 9.61
N THR A 11 -4.86 -0.85 8.69
CA THR A 11 -4.32 -0.68 7.34
C THR A 11 -4.65 -1.86 6.43
N LEU A 12 -4.45 -3.07 6.90
CA LEU A 12 -4.82 -4.25 6.13
C LEU A 12 -6.33 -4.33 6.19
N GLU A 13 -6.83 -4.07 7.41
CA GLU A 13 -8.25 -3.99 7.67
C GLU A 13 -8.77 -2.76 6.94
N ASP A 14 -7.94 -1.70 7.01
CA ASP A 14 -8.23 -0.43 6.37
C ASP A 14 -8.63 -0.65 4.91
N LEU A 15 -8.09 -1.72 4.29
CA LEU A 15 -8.38 -2.06 2.90
C LEU A 15 -9.77 -2.65 2.69
N GLU A 16 -10.70 -2.38 3.61
CA GLU A 16 -12.06 -2.91 3.49
C GLU A 16 -12.91 -2.02 2.59
N LYS A 17 -13.15 -0.78 3.03
CA LYS A 17 -13.93 0.17 2.27
C LYS A 17 -13.12 0.77 1.10
N MET A 18 -11.80 0.58 1.14
CA MET A 18 -10.91 1.10 0.10
C MET A 18 -10.78 0.11 -1.06
N ALA A 19 -10.95 -1.19 -0.74
CA ALA A 19 -10.83 -2.23 -1.76
C ALA A 19 -12.19 -2.74 -2.24
N ARG A 20 -13.00 -3.26 -1.32
CA ARG A 20 -14.31 -3.80 -1.66
C ARG A 20 -15.21 -2.72 -2.23
N ARG A 21 -15.49 -1.73 -1.41
CA ARG A 21 -16.33 -0.61 -1.80
C ARG A 21 -15.88 -0.04 -3.14
N GLU A 22 -14.56 -0.03 -3.35
CA GLU A 22 -13.96 0.45 -4.60
C GLU A 22 -14.13 -0.55 -5.74
N GLY A 23 -14.24 -1.83 -5.39
CA GLY A 23 -14.38 -2.87 -6.40
C GLY A 23 -13.07 -3.57 -6.69
N LEU A 24 -11.96 -2.99 -6.23
CA LEU A 24 -10.63 -3.57 -6.46
C LEU A 24 -10.27 -4.63 -5.42
N SER A 25 -9.08 -5.23 -5.56
CA SER A 25 -8.61 -6.29 -4.66
C SER A 25 -7.39 -5.84 -3.85
N LYS A 26 -7.01 -6.65 -2.84
CA LYS A 26 -5.87 -6.35 -1.95
C LYS A 26 -4.69 -5.69 -2.71
N SER A 27 -4.39 -6.20 -3.90
CA SER A 27 -3.27 -5.67 -4.72
C SER A 27 -3.62 -4.31 -5.31
N GLU A 28 -4.65 -4.28 -6.15
CA GLU A 28 -5.09 -3.04 -6.77
C GLU A 28 -5.48 -2.01 -5.70
N MET A 29 -5.62 -2.48 -4.46
CA MET A 29 -5.94 -1.65 -3.32
C MET A 29 -4.66 -1.01 -2.83
N ILE A 30 -3.69 -1.87 -2.68
CA ILE A 30 -2.40 -1.54 -2.19
C ILE A 30 -1.54 -0.78 -3.20
N ASN A 31 -1.68 -1.11 -4.48
CA ASN A 31 -0.96 -0.41 -5.55
C ASN A 31 -1.46 1.04 -5.60
N VAL A 32 -2.77 1.14 -5.55
CA VAL A 32 -3.50 2.37 -5.60
C VAL A 32 -3.14 3.27 -4.43
N ALA A 33 -3.04 2.65 -3.27
CA ALA A 33 -2.69 3.37 -2.05
C ALA A 33 -1.45 4.22 -2.25
N LEU A 34 -0.45 3.67 -2.94
CA LEU A 34 0.78 4.38 -3.14
C LEU A 34 0.62 5.49 -4.18
N GLN A 35 -0.23 5.26 -5.19
CA GLN A 35 -0.47 6.24 -6.22
C GLN A 35 -1.34 7.40 -5.73
N HIS A 36 -1.98 7.24 -4.57
CA HIS A 36 -2.82 8.31 -3.99
C HIS A 36 -2.15 8.95 -2.76
N TYR A 37 -1.52 8.12 -1.91
CA TYR A 37 -0.84 8.59 -0.68
C TYR A 37 -0.31 10.02 -0.83
N LYS A 38 -0.58 10.86 0.19
CA LYS A 38 -0.11 12.23 0.22
C LYS A 38 -0.73 13.07 -0.90
N ARG B 1 2.35 -7.56 10.71
CA ARG B 1 1.66 -8.65 9.96
C ARG B 1 2.28 -8.86 8.58
N TRP B 2 2.82 -10.06 8.33
CA TRP B 2 3.41 -10.35 7.03
C TRP B 2 2.30 -10.68 6.03
N LEU B 3 2.27 -9.92 4.94
CA LEU B 3 1.25 -10.10 3.91
C LEU B 3 1.88 -10.18 2.52
N CYS B 4 1.21 -10.88 1.61
CA CYS B 4 1.69 -11.02 0.23
C CYS B 4 0.58 -10.59 -0.74
N ILE B 5 0.92 -9.69 -1.66
CA ILE B 5 -0.07 -9.17 -2.62
C ILE B 5 0.58 -8.76 -3.94
N TRP B 6 -0.27 -8.50 -4.94
CA TRP B 6 0.21 -8.09 -6.28
C TRP B 6 0.56 -6.60 -6.32
N LEU B 7 1.82 -6.30 -6.02
CA LEU B 7 2.36 -4.95 -6.04
C LEU B 7 3.27 -4.85 -7.27
N SER B 8 2.72 -4.34 -8.37
CA SER B 8 3.43 -4.26 -9.63
C SER B 8 4.38 -3.07 -9.73
N ASP B 9 4.69 -2.71 -10.97
CA ASP B 9 5.61 -1.62 -11.29
C ASP B 9 5.08 -0.25 -10.87
N GLN B 10 3.79 -0.02 -11.09
CA GLN B 10 3.15 1.24 -10.75
C GLN B 10 2.93 1.37 -9.24
N THR B 11 3.95 0.97 -8.48
CA THR B 11 3.91 1.02 -7.02
C THR B 11 5.27 0.80 -6.36
N LEU B 12 6.02 -0.19 -6.85
CA LEU B 12 7.37 -0.42 -6.33
C LEU B 12 8.20 0.75 -6.80
N GLU B 13 7.95 1.11 -8.07
CA GLU B 13 8.57 2.25 -8.70
C GLU B 13 7.95 3.51 -8.13
N ASP B 14 6.62 3.46 -7.97
CA ASP B 14 5.85 4.55 -7.41
C ASP B 14 6.50 5.05 -6.12
N LEU B 15 7.21 4.13 -5.45
CA LEU B 15 7.90 4.39 -4.24
C LEU B 15 9.26 5.05 -4.46
N GLU B 16 9.30 6.00 -5.39
CA GLU B 16 10.54 6.72 -5.70
C GLU B 16 10.88 7.75 -4.62
N LYS B 17 10.04 8.78 -4.50
CA LYS B 17 10.25 9.84 -3.54
C LYS B 17 9.27 9.80 -2.36
N MET B 18 8.87 8.60 -1.95
CA MET B 18 7.94 8.46 -0.83
C MET B 18 8.68 7.96 0.43
N ALA B 19 8.85 6.64 0.54
CA ALA B 19 9.53 6.01 1.69
C ALA B 19 10.86 6.71 2.00
N ARG B 20 11.68 6.90 0.97
CA ARG B 20 12.99 7.54 1.13
C ARG B 20 12.85 8.95 1.66
N ARG B 21 12.25 9.79 0.84
CA ARG B 21 12.00 11.18 1.17
C ARG B 21 11.30 11.32 2.53
N GLU B 22 10.46 10.32 2.84
CA GLU B 22 9.71 10.30 4.10
C GLU B 22 10.45 9.56 5.22
N GLY B 23 11.58 8.93 4.91
CA GLY B 23 12.31 8.18 5.92
C GLY B 23 11.62 6.87 6.25
N LEU B 24 10.53 6.57 5.52
CA LEU B 24 9.76 5.36 5.70
C LEU B 24 10.44 4.16 5.04
N SER B 25 9.90 2.99 5.35
CA SER B 25 10.38 1.73 4.78
C SER B 25 9.32 1.14 3.85
N LYS B 26 9.70 0.22 2.97
CA LYS B 26 8.77 -0.40 2.02
C LYS B 26 7.41 -0.75 2.67
N SER B 27 7.45 -1.18 3.94
CA SER B 27 6.22 -1.55 4.66
C SER B 27 5.55 -0.32 5.27
N GLU B 28 6.28 0.40 6.11
CA GLU B 28 5.74 1.62 6.74
C GLU B 28 5.33 2.64 5.67
N MET B 29 5.77 2.40 4.44
CA MET B 29 5.46 3.21 3.29
C MET B 29 4.09 2.83 2.78
N ILE B 30 3.94 1.53 2.68
CA ILE B 30 2.77 0.90 2.18
C ILE B 30 1.61 0.91 3.18
N ASN B 31 1.92 0.90 4.47
CA ASN B 31 0.89 0.97 5.51
C ASN B 31 0.23 2.34 5.46
N VAL B 32 1.10 3.32 5.43
CA VAL B 32 0.78 4.71 5.40
C VAL B 32 -0.10 5.02 4.20
N ALA B 33 0.32 4.53 3.06
CA ALA B 33 -0.42 4.71 1.82
C ALA B 33 -1.89 4.41 2.00
N LEU B 34 -2.17 3.36 2.78
CA LEU B 34 -3.53 2.95 2.99
C LEU B 34 -4.28 3.90 3.93
N GLN B 35 -3.56 4.51 4.88
CA GLN B 35 -4.16 5.41 5.84
C GLN B 35 -4.34 6.84 5.27
N HIS B 36 -3.68 7.15 4.15
CA HIS B 36 -3.84 8.47 3.52
C HIS B 36 -4.29 8.35 2.06
N TYR B 37 -4.89 7.20 1.71
CA TYR B 37 -5.39 6.95 0.36
C TYR B 37 -6.77 7.61 0.20
N LYS B 38 -6.96 8.36 -0.90
CA LYS B 38 -8.22 9.01 -1.22
C LYS B 38 -8.53 10.18 -0.27
#